data_6JMQ
#
_entry.id   6JMQ
#
_cell.length_a   1.00
_cell.length_b   1.00
_cell.length_c   1.00
_cell.angle_alpha   90.00
_cell.angle_beta   90.00
_cell.angle_gamma   90.00
#
_symmetry.space_group_name_H-M   'P 1'
#
loop_
_entity.id
_entity.type
_entity.pdbx_description
1 polymer 'Large neutral amino acids transporter small subunit 1'
2 polymer '4F2 cell-surface antigen heavy chain'
3 polymer Antibody
4 polymer Antibody
5 branched 2-acetamido-2-deoxy-beta-D-glucopyranose-(1-4)-2-acetamido-2-deoxy-beta-D-glucopyranose
6 non-polymer CHOLESTEROL
7 non-polymer 2-acetamido-2-deoxy-beta-D-glucopyranose
#
loop_
_entity_poly.entity_id
_entity_poly.type
_entity_poly.pdbx_seq_one_letter_code
_entity_poly.pdbx_strand_id
1 'polypeptide(L)'
;MAGAGPKRRALAAPAAEEKEEAREKMLAAKSADGSAPAGEGEGVTLQRNITLLNGVAIIVGTIIGSGIFVTPTGVLKEAG
SPGLALVVWAACGVFSIVGALCYAELGTTISKSGGDYAYMLEVYGSLPAFLKLWIELLIIRPSSQYIVALVFATYLLKPL
FPTCPVPEEAAKLVACLCVLLLTAVNCYSVKAATRVQDAFAAAKLLALALIILLGFVQIGKGDVSNLDPNFSFEGTKLDV
GNIVLALYSGLFAYGGWNYLNFVTEEMINPYRNLPLAIIISLPIVTLVYVLTNLAYFTTLSTEQMLSSEAVAVDFGNYHL
GVMSWIIPVFVGLSCFGSVNGSLFTSSRLFFVGSREGHLPSILSMIHPQLLTPVPSLVFTCVMTLLYAFSKDIFSVINFF
SFFNWLCVALAIIGMIWLRHRKPELERPIKVNLALPVFFILACLFLIAVSFWKTPVECGIGFTIILSGLPVYFFGVWWKN
KPKWLLQGIFSTTVLCQKLMQVVPQETDYKDDDDK
;
A
2 'polypeptide(L)'
;GSELQPPEASIAVVSIPRQLPGSHSEAGVQGLSAGDDSELGSHCVAQTGLELLASGDPLPSASQNAEMIETGSDCVTQAG
LQLLASSDPPALASKNAEVTGTMSQDTEVDMKEVELNELEPEKQPMNAASGAAMSLAGAEKNGLVKIKVAEDEAEAAAAA
KFTGLSKEELLKVAGSPGWVRTRWALLLLFWLGWLGMLAGAVVIIVRAPRCRELPAQKWWHTGALYRIGDLQAFQGHGAG
NLAGLKGRLDYLSSLKVKGLVLGPIHKNQKDDVAQTDLLQIDPNFGSKEDFDSLLQSAKKKSIRVILDLTPNYRGENSWF
STQVDTVATKVKDALEFWLQAGVDGFQVRDIENLKDASSFLAEWQNITKGFSEDRLLIAGTNSSDLQQILSLLESNKDLL
LTSSYLSDSGSTGEHTKSLVTQYLNATGNRWCSWSLSQARLLTSFLPAQLLRLYQLMLFTLPGTPVFSYGDEIGLDAAAL
PGQPMEAPVMLWDESSFPDIPGAVSANMTVKGQSEDPGSLLSLFRRLSDQRSKERSLLHGDFHAFSAGPGLFSYIRHWDQ
NERFLVVLNFGDVGLSAGLQASDLPASASLPAKADLLLSTQPGREEGSPLELERLKLEPHEGLLLRFPYAA
;
B
3 'polypeptide(L)'
;QVQLKESGPGLVAPSQSLSITCTVSGFPLT(UNK)(UNK)(UNK)(UNK)(UNK)WVRQPPGKGLEWLG(UNK)(UNK)
(UNK)(UNK)(UNK)(UNK)(UNK)(UNK)(UNK)(UNK)(UNK)(UNK)(UNK)(UNK)(UNK)(UNK)RLSISKDNSK
SQVFLKMNSLQTDDTARYYCAR(UNK)(UNK)(UNK)(UNK)(UNK)(UNK)(UNK)(UNK)(UNK)(UNK)WGQGTSVT
VSSAKTTPPSVYPLAPGS(UNK)(UNK)(UNK)(UNK)(UNK)SMVTLGCLVKGYFPEPVTVTWNSGSLSSGVHTFPAVL
QSDLYTLSSSVTVPSSTWPSETVTCNVAHPASSTKVDKKIVPRD
;
C
4 'polypeptide(L)'
;DIVMSQSPSSLVVSVGEKVTMSC(UNK)(UNK)(UNK)(UNK)(UNK)(UNK)(UNK)(UNK)(UNK)(UNK)(UNK)
(UNK)(UNK)(UNK)(UNK)(UNK)(UNK)WYQQKPGQSPKLLIY(UNK)(UNK)(UNK)(UNK)(UNK)(UNK)(UNK)
GVPDRFTGSGSGTDFTLTISSVKAEDLAVYYC(UNK)(UNK)(UNK)(UNK)(UNK)(UNK)(UNK)(UNK)(UNK)FGG
GTKLEIKRADAAPTVSIFPPSSEQLTSGGASVVCFLNNFYPKDINVKWKIDGSERQNGVLNSWTDQDSKDSTYSMSSTLT
LTKDEYERHNSYTCEATHKTSTSPIVKSFNRNE
;
D
#
loop_
_chem_comp.id
_chem_comp.type
_chem_comp.name
_chem_comp.formula
CLR non-polymer CHOLESTEROL 'C27 H46 O'
NAG D-saccharide, beta linking 2-acetamido-2-deoxy-beta-D-glucopyranose 'C8 H15 N O6'
#
# COMPACT_ATOMS: atom_id res chain seq x y z
N ILE A 50 -55.11 -14.01 -39.24
CA ILE A 50 -54.15 -14.27 -38.18
C ILE A 50 -54.51 -15.57 -37.45
N THR A 51 -53.60 -16.53 -37.50
CA THR A 51 -53.76 -17.83 -36.88
C THR A 51 -52.86 -17.94 -35.65
N LEU A 52 -52.73 -19.17 -35.14
CA LEU A 52 -51.83 -19.44 -34.02
C LEU A 52 -50.38 -19.14 -34.38
N LEU A 53 -49.97 -19.47 -35.61
CA LEU A 53 -48.57 -19.29 -35.99
C LEU A 53 -48.24 -17.82 -36.21
N ASN A 54 -49.05 -17.11 -36.99
CA ASN A 54 -48.77 -15.71 -37.26
C ASN A 54 -49.09 -14.83 -36.06
N GLY A 55 -49.99 -15.30 -35.18
CA GLY A 55 -50.32 -14.52 -34.01
C GLY A 55 -49.22 -14.51 -32.96
N VAL A 56 -48.39 -15.54 -32.96
CA VAL A 56 -47.28 -15.61 -32.01
C VAL A 56 -46.18 -14.62 -32.41
N ALA A 57 -46.02 -14.39 -33.71
CA ALA A 57 -45.02 -13.42 -34.19
C ALA A 57 -45.42 -11.99 -33.88
N ILE A 58 -46.70 -11.75 -33.58
CA ILE A 58 -47.12 -10.43 -33.11
C ILE A 58 -46.68 -10.23 -31.67
N ILE A 59 -46.58 -11.33 -30.90
CA ILE A 59 -46.24 -11.23 -29.50
C ILE A 59 -44.74 -10.94 -29.32
N VAL A 60 -43.90 -11.61 -30.11
CA VAL A 60 -42.46 -11.47 -29.93
C VAL A 60 -41.96 -10.15 -30.50
N GLY A 61 -42.78 -9.46 -31.28
CA GLY A 61 -42.39 -8.14 -31.76
C GLY A 61 -42.43 -7.10 -30.67
N THR A 62 -43.25 -7.32 -29.65
CA THR A 62 -43.37 -6.35 -28.56
C THR A 62 -42.38 -6.65 -27.44
N ILE A 63 -42.18 -7.93 -27.13
CA ILE A 63 -41.44 -8.28 -25.91
C ILE A 63 -39.93 -8.22 -26.16
N ILE A 64 -39.50 -8.46 -27.39
CA ILE A 64 -38.09 -8.21 -27.70
C ILE A 64 -37.95 -6.72 -27.89
N GLY A 65 -37.65 -6.00 -26.81
CA GLY A 65 -37.41 -4.58 -26.91
C GLY A 65 -35.94 -4.29 -27.09
N SER A 66 -35.62 -3.01 -26.99
CA SER A 66 -34.23 -2.57 -27.03
C SER A 66 -33.58 -2.56 -25.66
N GLY A 67 -34.23 -3.13 -24.65
CA GLY A 67 -33.63 -3.18 -23.33
C GLY A 67 -32.59 -4.27 -23.21
N ILE A 68 -32.54 -5.19 -24.17
CA ILE A 68 -31.61 -6.32 -24.16
C ILE A 68 -30.16 -5.83 -24.30
N PHE A 69 -29.95 -4.64 -24.86
CA PHE A 69 -28.60 -4.21 -25.18
C PHE A 69 -27.93 -3.50 -24.01
N VAL A 70 -28.67 -3.24 -22.93
CA VAL A 70 -28.12 -2.52 -21.78
C VAL A 70 -28.00 -3.40 -20.54
N THR A 71 -28.93 -4.32 -20.33
CA THR A 71 -28.96 -5.17 -19.14
C THR A 71 -27.87 -6.24 -18.90
N PRO A 72 -27.19 -6.86 -19.90
CA PRO A 72 -26.27 -7.94 -19.52
C PRO A 72 -25.02 -7.46 -18.80
N THR A 73 -24.67 -6.19 -18.96
CA THR A 73 -23.68 -5.59 -18.08
C THR A 73 -24.23 -5.46 -16.66
N GLY A 74 -25.52 -5.18 -16.54
CA GLY A 74 -26.10 -5.00 -15.22
C GLY A 74 -26.48 -6.31 -14.54
N VAL A 75 -26.60 -7.37 -15.32
CA VAL A 75 -26.93 -8.66 -14.72
C VAL A 75 -25.65 -9.39 -14.31
N LEU A 76 -24.51 -8.99 -14.88
CA LEU A 76 -23.24 -9.61 -14.52
C LEU A 76 -22.58 -8.85 -13.37
N LYS A 77 -22.89 -7.56 -13.23
CA LYS A 77 -22.27 -6.72 -12.22
C LYS A 77 -22.72 -7.13 -10.82
N GLU A 78 -23.94 -7.66 -10.71
CA GLU A 78 -24.51 -8.03 -9.43
C GLU A 78 -24.74 -9.51 -9.28
N ALA A 79 -24.30 -10.33 -10.23
CA ALA A 79 -24.30 -11.78 -10.08
C ALA A 79 -22.93 -12.39 -10.31
N GLY A 80 -21.92 -11.59 -10.65
CA GLY A 80 -20.56 -12.08 -10.76
C GLY A 80 -20.31 -12.96 -11.97
N SER A 81 -20.17 -14.26 -11.71
CA SER A 81 -19.79 -15.23 -12.72
C SER A 81 -20.89 -15.41 -13.76
N PRO A 82 -20.52 -15.78 -15.00
CA PRO A 82 -21.55 -15.88 -16.06
C PRO A 82 -22.45 -17.09 -15.92
N GLY A 83 -22.03 -18.12 -15.18
CA GLY A 83 -22.90 -19.27 -14.98
C GLY A 83 -24.08 -18.95 -14.09
N LEU A 84 -23.87 -18.12 -13.08
CA LEU A 84 -25.01 -17.62 -12.30
C LEU A 84 -25.76 -16.56 -13.10
N ALA A 85 -25.05 -15.80 -13.95
CA ALA A 85 -25.69 -14.78 -14.76
C ALA A 85 -26.58 -15.39 -15.83
N LEU A 86 -26.32 -16.64 -16.22
CA LEU A 86 -27.15 -17.29 -17.23
C LEU A 86 -28.45 -17.81 -16.63
N VAL A 87 -28.42 -18.25 -15.37
CA VAL A 87 -29.62 -18.85 -14.80
C VAL A 87 -30.58 -17.76 -14.31
N VAL A 88 -30.05 -16.56 -14.05
CA VAL A 88 -30.90 -15.41 -13.76
C VAL A 88 -31.71 -15.02 -14.99
N TRP A 89 -31.12 -15.18 -16.18
CA TRP A 89 -31.82 -14.89 -17.41
C TRP A 89 -32.96 -15.88 -17.66
N ALA A 90 -32.71 -17.16 -17.45
CA ALA A 90 -33.75 -18.16 -17.65
C ALA A 90 -34.77 -18.19 -16.53
N ALA A 91 -34.44 -17.64 -15.36
CA ALA A 91 -35.41 -17.60 -14.27
C ALA A 91 -36.48 -16.55 -14.50
N CYS A 92 -36.08 -15.35 -14.95
CA CYS A 92 -37.05 -14.27 -15.08
C CYS A 92 -37.96 -14.46 -16.29
N GLY A 93 -37.53 -15.28 -17.25
CA GLY A 93 -38.37 -15.56 -18.40
C GLY A 93 -39.59 -16.37 -18.04
N VAL A 94 -39.42 -17.43 -17.26
CA VAL A 94 -40.57 -18.23 -16.82
C VAL A 94 -41.20 -17.59 -15.59
N PHE A 95 -40.53 -16.63 -14.97
CA PHE A 95 -41.19 -15.81 -13.97
C PHE A 95 -42.18 -14.87 -14.63
N SER A 96 -41.86 -14.39 -15.83
CA SER A 96 -42.80 -13.57 -16.58
C SER A 96 -43.97 -14.37 -17.12
N ILE A 97 -43.77 -15.66 -17.42
CA ILE A 97 -44.82 -16.44 -18.07
C ILE A 97 -45.94 -16.80 -17.12
N VAL A 98 -45.72 -16.75 -15.82
CA VAL A 98 -46.82 -16.93 -14.89
C VAL A 98 -47.52 -15.59 -14.65
N GLY A 99 -46.78 -14.49 -14.77
CA GLY A 99 -47.39 -13.18 -14.57
C GLY A 99 -48.07 -12.64 -15.81
N ALA A 100 -47.50 -12.90 -16.98
CA ALA A 100 -48.11 -12.40 -18.20
C ALA A 100 -49.33 -13.23 -18.60
N LEU A 101 -49.44 -14.45 -18.08
CA LEU A 101 -50.60 -15.28 -18.41
C LEU A 101 -51.78 -14.93 -17.50
N CYS A 102 -51.49 -14.61 -16.23
CA CYS A 102 -52.58 -14.24 -15.33
C CYS A 102 -53.08 -12.83 -15.62
N TYR A 103 -52.23 -11.99 -16.21
CA TYR A 103 -52.72 -10.71 -16.72
C TYR A 103 -53.59 -10.93 -17.94
N ALA A 104 -53.28 -11.94 -18.74
CA ALA A 104 -54.11 -12.28 -19.90
C ALA A 104 -55.44 -12.85 -19.44
N GLU A 105 -55.49 -13.45 -18.25
CA GLU A 105 -56.76 -13.81 -17.65
C GLU A 105 -57.46 -12.57 -17.08
N LEU A 106 -56.70 -11.55 -16.75
CA LEU A 106 -57.27 -10.34 -16.17
C LEU A 106 -57.65 -9.33 -17.24
N GLY A 107 -56.78 -9.14 -18.24
CA GLY A 107 -56.97 -8.06 -19.19
C GLY A 107 -58.13 -8.26 -20.12
N THR A 108 -58.55 -9.52 -20.32
CA THR A 108 -59.70 -9.79 -21.19
C THR A 108 -61.01 -9.45 -20.48
N THR A 109 -60.97 -9.38 -19.15
CA THR A 109 -62.20 -9.10 -18.41
C THR A 109 -62.37 -7.61 -18.16
N ILE A 110 -61.26 -6.90 -17.99
CA ILE A 110 -61.34 -5.47 -17.66
C ILE A 110 -61.54 -4.64 -18.92
N SER A 111 -61.34 -5.25 -20.09
CA SER A 111 -61.57 -4.54 -21.34
C SER A 111 -63.02 -4.64 -21.77
N LYS A 112 -63.67 -5.77 -21.45
CA LYS A 112 -65.06 -5.95 -21.86
C LYS A 112 -66.03 -5.37 -20.83
N SER A 113 -65.88 -5.76 -19.57
CA SER A 113 -66.76 -5.29 -18.50
C SER A 113 -66.33 -3.93 -17.96
N GLY A 114 -65.03 -3.75 -17.72
CA GLY A 114 -64.56 -2.44 -17.32
C GLY A 114 -64.53 -1.46 -18.47
N GLY A 115 -63.74 -1.75 -19.51
CA GLY A 115 -63.71 -0.93 -20.70
C GLY A 115 -62.59 0.09 -20.74
N ASP A 116 -61.75 0.13 -19.72
CA ASP A 116 -60.62 1.04 -19.70
C ASP A 116 -59.42 0.37 -19.03
N TYR A 117 -58.29 1.07 -19.06
CA TYR A 117 -57.09 0.56 -18.42
C TYR A 117 -57.20 0.60 -16.90
N ALA A 118 -57.59 1.74 -16.35
CA ALA A 118 -57.51 1.93 -14.90
C ALA A 118 -58.87 2.03 -14.23
N TYR A 119 -59.73 2.96 -14.68
CA TYR A 119 -60.77 3.49 -13.80
C TYR A 119 -61.87 2.47 -13.49
N MET A 120 -62.47 1.88 -14.53
CA MET A 120 -63.64 1.02 -14.29
C MET A 120 -63.23 -0.31 -13.67
N LEU A 121 -61.96 -0.68 -13.80
CA LEU A 121 -61.45 -1.77 -12.99
C LEU A 121 -61.26 -1.33 -11.54
N GLU A 122 -60.79 -0.09 -11.33
CA GLU A 122 -60.44 0.32 -9.98
C GLU A 122 -61.65 0.76 -9.17
N VAL A 123 -62.77 1.07 -9.82
CA VAL A 123 -63.99 1.35 -9.06
C VAL A 123 -64.53 0.07 -8.44
N TYR A 124 -64.11 -1.09 -8.96
CA TYR A 124 -64.23 -2.32 -8.19
C TYR A 124 -63.11 -2.44 -7.17
N GLY A 125 -61.87 -2.15 -7.56
CA GLY A 125 -60.72 -2.42 -6.69
C GLY A 125 -60.50 -1.35 -5.64
N SER A 126 -60.13 -0.14 -6.05
CA SER A 126 -59.87 0.96 -5.13
C SER A 126 -60.15 2.30 -5.80
N LEU A 127 -61.20 2.99 -5.34
CA LEU A 127 -61.71 4.22 -5.93
C LEU A 127 -60.72 5.39 -5.97
N PRO A 128 -59.74 5.50 -5.05
CA PRO A 128 -58.58 6.34 -5.39
C PRO A 128 -57.68 5.68 -6.44
N ALA A 129 -58.08 5.82 -7.71
CA ALA A 129 -57.24 5.38 -8.81
C ALA A 129 -56.34 6.49 -9.30
N PHE A 130 -56.48 7.70 -8.73
CA PHE A 130 -55.77 8.86 -9.26
C PHE A 130 -54.27 8.76 -9.04
N LEU A 131 -53.86 8.28 -7.86
CA LEU A 131 -52.43 8.15 -7.60
C LEU A 131 -51.83 6.99 -8.40
N LYS A 132 -52.65 6.00 -8.76
CA LYS A 132 -52.17 4.90 -9.59
C LYS A 132 -51.89 5.37 -11.02
N LEU A 133 -52.74 6.23 -11.56
CA LEU A 133 -52.45 6.81 -12.86
C LEU A 133 -51.32 7.83 -12.75
N TRP A 134 -51.13 8.42 -11.56
CA TRP A 134 -50.11 9.44 -11.41
C TRP A 134 -48.72 8.83 -11.24
N ILE A 135 -48.65 7.66 -10.59
CA ILE A 135 -47.37 6.96 -10.49
C ILE A 135 -47.03 6.31 -11.83
N GLU A 136 -48.06 5.99 -12.63
CA GLU A 136 -47.83 5.37 -13.92
C GLU A 136 -47.29 6.36 -14.93
N LEU A 137 -47.62 7.63 -14.77
CA LEU A 137 -47.38 8.60 -15.82
C LEU A 137 -46.20 9.52 -15.55
N LEU A 138 -45.65 9.51 -14.33
CA LEU A 138 -44.53 10.37 -14.01
C LEU A 138 -43.22 9.64 -13.73
N ILE A 139 -43.26 8.38 -13.30
CA ILE A 139 -42.03 7.65 -13.01
C ILE A 139 -41.99 6.29 -13.71
N ILE A 140 -43.14 5.82 -14.21
CA ILE A 140 -43.14 4.55 -14.93
C ILE A 140 -42.95 4.80 -16.43
N ARG A 141 -43.80 5.65 -17.02
CA ARG A 141 -43.65 5.94 -18.46
C ARG A 141 -42.43 6.78 -18.81
N PRO A 142 -42.16 7.95 -18.19
CA PRO A 142 -41.05 8.76 -18.71
C PRO A 142 -39.67 8.22 -18.35
N SER A 143 -39.55 7.52 -17.22
CA SER A 143 -38.26 6.95 -16.87
C SER A 143 -37.94 5.76 -17.78
N SER A 144 -38.97 5.06 -18.24
CA SER A 144 -38.77 4.04 -19.27
C SER A 144 -38.38 4.69 -20.58
N GLN A 145 -38.98 5.85 -20.89
CA GLN A 145 -38.60 6.58 -22.09
C GLN A 145 -37.26 7.28 -21.94
N TYR A 146 -36.75 7.41 -20.72
CA TYR A 146 -35.42 8.00 -20.55
C TYR A 146 -34.32 6.98 -20.76
N ILE A 147 -34.52 5.75 -20.27
CA ILE A 147 -33.49 4.72 -20.36
C ILE A 147 -33.27 4.31 -21.81
N VAL A 148 -34.36 4.07 -22.53
CA VAL A 148 -34.27 3.67 -23.94
C VAL A 148 -33.71 4.81 -24.79
N ALA A 149 -33.93 6.05 -24.35
CA ALA A 149 -33.29 7.18 -25.01
C ALA A 149 -31.80 7.23 -24.67
N LEU A 150 -31.43 6.79 -23.46
CA LEU A 150 -30.06 6.93 -23.01
C LEU A 150 -29.15 5.87 -23.62
N VAL A 151 -29.69 4.68 -23.89
CA VAL A 151 -28.89 3.64 -24.54
C VAL A 151 -28.58 4.03 -25.98
N PHE A 152 -29.50 4.77 -26.61
CA PHE A 152 -29.21 5.36 -27.92
C PHE A 152 -28.06 6.35 -27.84
N ALA A 153 -27.96 7.08 -26.73
CA ALA A 153 -26.91 8.09 -26.61
C ALA A 153 -25.55 7.44 -26.38
N THR A 154 -25.51 6.35 -25.60
CA THR A 154 -24.23 5.70 -25.32
C THR A 154 -23.73 4.95 -26.54
N TYR A 155 -24.63 4.32 -27.29
CA TYR A 155 -24.21 3.53 -28.45
C TYR A 155 -23.82 4.43 -29.62
N LEU A 156 -24.34 5.65 -29.67
CA LEU A 156 -23.98 6.55 -30.76
C LEU A 156 -22.58 7.13 -30.57
N LEU A 157 -22.13 7.25 -29.32
CA LEU A 157 -20.83 7.85 -29.04
C LEU A 157 -19.75 6.82 -28.77
N LYS A 158 -20.13 5.57 -28.51
CA LYS A 158 -19.15 4.53 -28.22
C LYS A 158 -18.13 4.22 -29.33
N PRO A 159 -18.42 4.40 -30.63
CA PRO A 159 -17.31 4.32 -31.60
C PRO A 159 -16.29 5.44 -31.48
N LEU A 160 -16.68 6.59 -30.92
CA LEU A 160 -15.72 7.69 -30.81
C LEU A 160 -14.81 7.49 -29.60
N PHE A 161 -15.32 6.85 -28.56
CA PHE A 161 -14.54 6.59 -27.35
C PHE A 161 -14.50 5.09 -27.08
N PRO A 162 -13.67 4.34 -27.81
CA PRO A 162 -13.74 2.87 -27.68
C PRO A 162 -13.20 2.33 -26.37
N THR A 163 -12.08 2.86 -25.88
CA THR A 163 -11.50 2.42 -24.62
C THR A 163 -11.77 3.40 -23.48
N CYS A 164 -11.89 4.69 -23.79
CA CYS A 164 -12.33 5.66 -22.80
C CYS A 164 -13.78 5.39 -22.41
N PRO A 165 -14.17 5.73 -21.18
CA PRO A 165 -15.60 5.90 -20.90
C PRO A 165 -16.13 7.11 -21.65
N VAL A 166 -17.38 7.01 -22.08
CA VAL A 166 -18.02 8.13 -22.80
C VAL A 166 -18.25 9.27 -21.82
N PRO A 167 -18.03 10.53 -22.22
CA PRO A 167 -18.32 11.66 -21.32
C PRO A 167 -19.80 11.72 -20.97
N GLU A 168 -20.09 11.55 -19.69
CA GLU A 168 -21.47 11.29 -19.27
C GLU A 168 -22.33 12.54 -19.37
N GLU A 169 -21.72 13.72 -19.37
CA GLU A 169 -22.51 14.93 -19.59
C GLU A 169 -22.70 15.18 -21.08
N ALA A 170 -21.96 14.46 -21.94
CA ALA A 170 -22.25 14.48 -23.36
C ALA A 170 -23.26 13.41 -23.76
N ALA A 171 -23.48 12.41 -22.90
CA ALA A 171 -24.54 11.45 -23.13
C ALA A 171 -25.89 11.95 -22.63
N LYS A 172 -25.90 12.94 -21.74
CA LYS A 172 -27.16 13.56 -21.35
C LYS A 172 -27.72 14.44 -22.46
N LEU A 173 -26.85 15.00 -23.30
CA LEU A 173 -27.31 15.92 -24.33
C LEU A 173 -27.89 15.16 -25.52
N VAL A 174 -27.20 14.11 -25.98
CA VAL A 174 -27.62 13.41 -27.18
C VAL A 174 -28.85 12.55 -26.89
N ALA A 175 -29.06 12.18 -25.64
CA ALA A 175 -30.29 11.47 -25.27
C ALA A 175 -31.50 12.38 -25.36
N CYS A 176 -31.36 13.63 -24.92
CA CYS A 176 -32.48 14.57 -25.01
C CYS A 176 -32.61 15.15 -26.41
N LEU A 177 -31.57 15.04 -27.24
CA LEU A 177 -31.70 15.46 -28.63
C LEU A 177 -32.50 14.45 -29.44
N CYS A 178 -32.60 13.21 -28.94
CA CYS A 178 -33.45 12.22 -29.59
C CYS A 178 -34.91 12.41 -29.21
N VAL A 179 -35.17 12.87 -27.98
CA VAL A 179 -36.55 12.99 -27.52
C VAL A 179 -37.23 14.24 -28.10
N LEU A 180 -36.49 15.35 -28.17
CA LEU A 180 -37.07 16.58 -28.73
C LEU A 180 -37.27 16.47 -30.23
N LEU A 181 -36.50 15.60 -30.89
CA LEU A 181 -36.79 15.30 -32.28
C LEU A 181 -38.04 14.44 -32.39
N LEU A 182 -38.25 13.54 -31.43
CA LEU A 182 -39.36 12.61 -31.51
C LEU A 182 -40.59 13.09 -30.75
N THR A 183 -40.47 14.14 -29.94
CA THR A 183 -41.68 14.77 -29.43
C THR A 183 -42.38 15.57 -30.53
N ALA A 184 -41.60 16.36 -31.28
CA ALA A 184 -42.19 17.22 -32.28
C ALA A 184 -42.67 16.44 -33.49
N VAL A 185 -42.10 15.26 -33.76
CA VAL A 185 -42.54 14.49 -34.92
C VAL A 185 -43.89 13.81 -34.63
N ASN A 186 -44.21 13.57 -33.36
CA ASN A 186 -45.53 13.07 -33.03
C ASN A 186 -46.58 14.17 -33.09
N CYS A 187 -46.23 15.37 -32.61
CA CYS A 187 -47.21 16.45 -32.55
C CYS A 187 -47.50 17.03 -33.93
N TYR A 188 -46.54 16.90 -34.85
CA TYR A 188 -46.75 17.44 -36.19
C TYR A 188 -47.56 16.48 -37.05
N SER A 189 -47.29 15.19 -36.96
CA SER A 189 -47.96 14.21 -37.81
C SER A 189 -47.98 12.87 -37.10
N VAL A 190 -49.18 12.41 -36.74
CA VAL A 190 -49.32 11.08 -36.15
C VAL A 190 -49.20 10.01 -37.23
N LYS A 191 -49.47 10.38 -38.49
CA LYS A 191 -49.37 9.44 -39.59
C LYS A 191 -47.93 9.07 -39.89
N ALA A 192 -47.04 10.05 -39.96
CA ALA A 192 -45.67 9.80 -40.37
C ALA A 192 -44.84 9.21 -39.24
N ALA A 193 -45.38 9.23 -38.01
CA ALA A 193 -44.60 8.74 -36.88
C ALA A 193 -44.55 7.22 -36.83
N THR A 194 -45.69 6.56 -37.04
CA THR A 194 -45.74 5.12 -36.86
C THR A 194 -45.30 4.38 -38.12
N ARG A 195 -45.13 5.11 -39.22
CA ARG A 195 -44.81 4.46 -40.50
C ARG A 195 -43.36 3.98 -40.54
N VAL A 196 -42.42 4.84 -40.11
CA VAL A 196 -41.03 4.42 -40.06
C VAL A 196 -40.76 3.61 -38.78
N GLN A 197 -41.71 3.65 -37.84
CA GLN A 197 -41.56 2.88 -36.61
C GLN A 197 -41.71 1.39 -36.87
N ASP A 198 -42.58 1.02 -37.81
CA ASP A 198 -42.68 -0.37 -38.21
C ASP A 198 -41.50 -0.79 -39.07
N ALA A 199 -40.88 0.18 -39.76
CA ALA A 199 -39.64 -0.11 -40.48
C ALA A 199 -38.49 -0.30 -39.50
N PHE A 200 -38.46 0.48 -38.42
CA PHE A 200 -37.45 0.32 -37.39
C PHE A 200 -37.66 -0.91 -36.52
N ALA A 201 -38.83 -1.56 -36.61
CA ALA A 201 -39.05 -2.79 -35.85
C ALA A 201 -38.24 -3.94 -36.43
N ALA A 202 -37.87 -3.87 -37.70
CA ALA A 202 -36.99 -4.88 -38.28
C ALA A 202 -35.54 -4.69 -37.87
N ALA A 203 -35.18 -3.50 -37.36
CA ALA A 203 -33.77 -3.23 -37.07
C ALA A 203 -33.34 -3.87 -35.76
N LYS A 204 -34.28 -4.10 -34.84
CA LYS A 204 -33.90 -4.71 -33.57
C LYS A 204 -33.78 -6.22 -33.70
N LEU A 205 -34.22 -6.79 -34.82
CA LEU A 205 -34.22 -8.24 -34.96
C LEU A 205 -32.95 -8.73 -35.65
N LEU A 206 -32.60 -8.12 -36.78
CA LEU A 206 -31.47 -8.64 -37.55
C LEU A 206 -30.14 -8.27 -36.89
N ALA A 207 -30.12 -7.19 -36.11
CA ALA A 207 -28.95 -6.88 -35.30
C ALA A 207 -28.83 -7.83 -34.13
N LEU A 208 -29.95 -8.32 -33.62
CA LEU A 208 -29.91 -9.31 -32.54
C LEU A 208 -29.54 -10.68 -33.07
N ALA A 209 -29.98 -11.01 -34.28
CA ALA A 209 -29.65 -12.31 -34.85
C ALA A 209 -28.19 -12.35 -35.32
N LEU A 210 -27.64 -11.18 -35.69
CA LEU A 210 -26.24 -11.12 -36.12
C LEU A 210 -25.30 -11.42 -34.96
N ILE A 211 -25.69 -11.04 -33.74
CA ILE A 211 -24.88 -11.33 -32.56
C ILE A 211 -24.87 -12.83 -32.27
N ILE A 212 -26.03 -13.47 -32.41
CA ILE A 212 -26.11 -14.91 -32.20
C ILE A 212 -25.50 -15.65 -33.38
N LEU A 213 -25.47 -15.01 -34.56
CA LEU A 213 -24.80 -15.60 -35.71
C LEU A 213 -23.31 -15.76 -35.47
N LEU A 214 -22.71 -14.81 -34.78
CA LEU A 214 -21.30 -14.90 -34.41
C LEU A 214 -21.08 -15.71 -33.15
N GLY A 215 -22.14 -15.99 -32.38
CA GLY A 215 -22.00 -16.81 -31.19
C GLY A 215 -21.77 -18.28 -31.47
N PHE A 216 -22.01 -18.71 -32.71
CA PHE A 216 -21.76 -20.08 -33.11
C PHE A 216 -20.51 -20.24 -33.96
N VAL A 217 -19.95 -19.14 -34.46
CA VAL A 217 -18.80 -19.23 -35.35
C VAL A 217 -17.54 -19.60 -34.58
N GLN A 218 -17.32 -18.96 -33.43
CA GLN A 218 -16.08 -19.19 -32.68
C GLN A 218 -16.08 -20.56 -32.01
N ILE A 219 -17.20 -20.95 -31.41
CA ILE A 219 -17.30 -22.25 -30.75
C ILE A 219 -17.45 -23.35 -31.80
N PHE A 231 -13.72 -19.87 -13.44
CA PHE A 231 -14.67 -20.83 -13.95
C PHE A 231 -16.03 -20.17 -14.19
N SER A 232 -16.97 -20.95 -14.74
CA SER A 232 -18.30 -20.41 -15.03
C SER A 232 -19.12 -20.23 -13.76
N PHE A 233 -18.92 -21.10 -12.77
CA PHE A 233 -19.61 -21.00 -11.49
C PHE A 233 -18.69 -20.49 -10.39
N GLU A 234 -17.58 -19.84 -10.73
CA GLU A 234 -16.58 -19.50 -9.73
C GLU A 234 -16.99 -18.29 -8.90
N GLY A 235 -17.10 -17.13 -9.54
CA GLY A 235 -17.39 -15.90 -8.84
C GLY A 235 -18.88 -15.66 -8.62
N THR A 236 -19.48 -16.42 -7.70
CA THR A 236 -20.94 -16.34 -7.53
C THR A 236 -21.36 -15.02 -6.89
N LYS A 237 -20.76 -14.69 -5.74
CA LYS A 237 -21.14 -13.52 -4.90
C LYS A 237 -22.63 -13.56 -4.55
N LEU A 238 -23.06 -14.68 -3.99
CA LEU A 238 -24.47 -14.90 -3.69
C LEU A 238 -24.91 -14.00 -2.53
N ASP A 239 -25.97 -13.23 -2.76
CA ASP A 239 -26.53 -12.35 -1.75
C ASP A 239 -27.98 -12.10 -2.13
N VAL A 240 -28.85 -12.05 -1.11
CA VAL A 240 -30.26 -11.81 -1.36
C VAL A 240 -30.50 -10.36 -1.76
N GLY A 241 -29.58 -9.46 -1.39
CA GLY A 241 -29.64 -8.11 -1.90
C GLY A 241 -29.11 -8.01 -3.32
N ASN A 242 -28.34 -9.02 -3.76
CA ASN A 242 -27.76 -8.98 -5.08
C ASN A 242 -28.55 -9.84 -6.06
N ILE A 243 -29.21 -10.89 -5.57
CA ILE A 243 -29.91 -11.80 -6.49
C ILE A 243 -31.29 -11.25 -6.84
N VAL A 244 -31.74 -10.22 -6.11
CA VAL A 244 -33.01 -9.58 -6.47
C VAL A 244 -32.73 -8.28 -7.22
N LEU A 245 -31.52 -7.74 -7.09
CA LEU A 245 -31.18 -6.52 -7.79
C LEU A 245 -30.61 -6.82 -9.16
N ALA A 246 -30.08 -8.03 -9.36
CA ALA A 246 -29.74 -8.49 -10.70
C ALA A 246 -30.91 -9.13 -11.40
N LEU A 247 -31.96 -9.49 -10.67
CA LEU A 247 -33.20 -9.97 -11.26
C LEU A 247 -34.07 -8.83 -11.79
N TYR A 248 -33.91 -7.62 -11.25
CA TYR A 248 -34.61 -6.45 -11.78
C TYR A 248 -34.13 -6.09 -13.16
N SER A 249 -32.82 -6.22 -13.41
CA SER A 249 -32.26 -5.78 -14.69
C SER A 249 -32.63 -6.75 -15.81
N GLY A 250 -32.68 -8.05 -15.50
CA GLY A 250 -33.13 -9.01 -16.49
C GLY A 250 -34.60 -8.91 -16.81
N LEU A 251 -35.40 -8.43 -15.86
CA LEU A 251 -36.83 -8.24 -16.09
C LEU A 251 -37.15 -6.97 -16.86
N PHE A 252 -36.18 -6.06 -16.96
CA PHE A 252 -36.39 -4.83 -17.72
C PHE A 252 -36.48 -5.11 -19.22
N ALA A 253 -35.82 -6.18 -19.66
CA ALA A 253 -35.86 -6.52 -21.08
C ALA A 253 -37.20 -7.11 -21.48
N TYR A 254 -37.84 -7.84 -20.58
CA TYR A 254 -39.19 -8.36 -20.79
C TYR A 254 -40.18 -7.21 -20.58
N GLY A 255 -40.34 -6.39 -21.61
CA GLY A 255 -41.21 -5.25 -21.52
C GLY A 255 -42.36 -5.30 -22.51
N GLY A 256 -43.57 -5.03 -22.02
CA GLY A 256 -44.74 -5.00 -22.87
C GLY A 256 -45.68 -6.18 -22.74
N TRP A 257 -45.40 -7.11 -21.84
CA TRP A 257 -46.31 -8.24 -21.66
C TRP A 257 -47.53 -7.85 -20.84
N ASN A 258 -47.44 -6.73 -20.12
CA ASN A 258 -48.60 -6.24 -19.38
C ASN A 258 -49.49 -5.40 -20.29
N TYR A 259 -49.05 -5.13 -21.51
CA TYR A 259 -49.89 -4.51 -22.52
C TYR A 259 -50.22 -5.45 -23.67
N LEU A 260 -50.34 -6.75 -23.38
CA LEU A 260 -50.40 -7.75 -24.44
C LEU A 260 -51.82 -8.02 -24.90
N ASN A 261 -52.82 -7.52 -24.18
CA ASN A 261 -54.20 -7.81 -24.56
C ASN A 261 -54.63 -6.96 -25.74
N PHE A 262 -54.10 -5.74 -25.84
CA PHE A 262 -54.51 -4.84 -26.91
C PHE A 262 -53.88 -5.24 -28.25
N VAL A 263 -52.93 -6.17 -28.23
CA VAL A 263 -52.17 -6.47 -29.44
C VAL A 263 -52.74 -7.69 -30.16
N THR A 264 -53.16 -8.72 -29.40
CA THR A 264 -53.46 -10.02 -29.99
C THR A 264 -54.88 -10.53 -29.76
N GLU A 265 -55.64 -9.93 -28.84
CA GLU A 265 -56.96 -10.46 -28.52
C GLU A 265 -57.97 -10.17 -29.61
N GLU A 266 -57.72 -9.13 -30.41
CA GLU A 266 -58.71 -8.67 -31.37
C GLU A 266 -58.80 -9.57 -32.59
N MET A 267 -57.81 -10.44 -32.80
CA MET A 267 -57.70 -11.13 -34.08
C MET A 267 -58.54 -12.40 -34.11
N ILE A 268 -58.40 -13.26 -33.11
CA ILE A 268 -59.01 -14.59 -33.12
C ILE A 268 -59.53 -14.85 -31.70
N ASN A 269 -60.28 -15.94 -31.53
CA ASN A 269 -61.00 -16.20 -30.30
C ASN A 269 -60.03 -16.46 -29.13
N PRO A 270 -60.25 -15.87 -27.96
CA PRO A 270 -59.31 -16.01 -26.85
C PRO A 270 -59.58 -17.16 -25.90
N TYR A 271 -60.36 -18.17 -26.33
CA TYR A 271 -60.77 -19.26 -25.45
C TYR A 271 -59.59 -20.09 -24.96
N ARG A 272 -58.89 -20.76 -25.88
CA ARG A 272 -57.73 -21.55 -25.50
C ARG A 272 -56.51 -21.09 -26.28
N ASN A 273 -56.70 -20.14 -27.20
CA ASN A 273 -55.60 -19.56 -27.95
C ASN A 273 -54.65 -18.76 -27.06
N LEU A 274 -55.18 -17.76 -26.36
CA LEU A 274 -54.36 -16.78 -25.67
C LEU A 274 -53.53 -17.33 -24.52
N PRO A 275 -53.95 -18.37 -23.77
CA PRO A 275 -52.94 -19.07 -22.95
C PRO A 275 -51.95 -19.87 -23.77
N LEU A 276 -52.41 -20.55 -24.83
CA LEU A 276 -51.49 -21.38 -25.59
C LEU A 276 -50.57 -20.55 -26.49
N ALA A 277 -51.02 -19.37 -26.90
CA ALA A 277 -50.16 -18.51 -27.71
C ALA A 277 -49.13 -17.76 -26.88
N ILE A 278 -49.29 -17.72 -25.56
CA ILE A 278 -48.31 -17.07 -24.70
C ILE A 278 -47.42 -18.08 -23.99
N ILE A 279 -47.86 -19.34 -23.87
CA ILE A 279 -47.07 -20.35 -23.17
C ILE A 279 -45.96 -20.87 -24.08
N ILE A 280 -46.02 -20.55 -25.37
CA ILE A 280 -44.96 -20.93 -26.31
C ILE A 280 -44.17 -19.74 -26.81
N SER A 281 -44.68 -18.51 -26.64
CA SER A 281 -43.97 -17.34 -27.15
C SER A 281 -42.96 -16.79 -26.15
N LEU A 282 -43.14 -17.09 -24.87
CA LEU A 282 -42.16 -16.72 -23.86
C LEU A 282 -40.97 -17.68 -23.75
N PRO A 283 -41.11 -19.00 -23.87
CA PRO A 283 -39.91 -19.82 -24.06
C PRO A 283 -39.17 -19.57 -25.37
N ILE A 284 -39.83 -19.01 -26.40
CA ILE A 284 -39.11 -18.79 -27.65
C ILE A 284 -38.35 -17.47 -27.62
N VAL A 285 -38.64 -16.57 -26.67
CA VAL A 285 -37.82 -15.37 -26.51
C VAL A 285 -36.75 -15.58 -25.45
N THR A 286 -37.04 -16.39 -24.43
CA THR A 286 -36.07 -16.65 -23.37
C THR A 286 -34.87 -17.43 -23.92
N LEU A 287 -35.09 -18.22 -24.96
CA LEU A 287 -33.98 -18.84 -25.67
C LEU A 287 -33.11 -17.81 -26.38
N VAL A 288 -33.75 -16.79 -26.98
CA VAL A 288 -32.99 -15.80 -27.73
C VAL A 288 -32.23 -14.86 -26.80
N TYR A 289 -32.76 -14.65 -25.60
CA TYR A 289 -32.06 -13.81 -24.63
C TYR A 289 -30.88 -14.55 -24.01
N VAL A 290 -30.97 -15.87 -23.90
CA VAL A 290 -29.84 -16.66 -23.41
C VAL A 290 -28.78 -16.81 -24.49
N LEU A 291 -29.22 -16.98 -25.74
CA LEU A 291 -28.28 -17.17 -26.85
C LEU A 291 -27.55 -15.88 -27.23
N THR A 292 -27.97 -14.74 -26.69
CA THR A 292 -27.17 -13.54 -26.90
C THR A 292 -26.24 -13.28 -25.72
N ASN A 293 -26.39 -14.03 -24.64
CA ASN A 293 -25.43 -13.95 -23.55
C ASN A 293 -24.23 -14.85 -23.80
N LEU A 294 -24.44 -16.00 -24.44
CA LEU A 294 -23.32 -16.89 -24.74
C LEU A 294 -22.48 -16.32 -25.87
N ALA A 295 -23.07 -15.46 -26.71
CA ALA A 295 -22.29 -14.74 -27.70
C ALA A 295 -21.47 -13.62 -27.08
N TYR A 296 -21.76 -13.25 -25.82
CA TYR A 296 -20.91 -12.34 -25.07
C TYR A 296 -19.90 -13.09 -24.21
N PHE A 297 -20.33 -14.17 -23.56
CA PHE A 297 -19.48 -14.89 -22.62
C PHE A 297 -18.37 -15.68 -23.30
N THR A 298 -18.46 -15.92 -24.60
CA THR A 298 -17.41 -16.61 -25.34
C THR A 298 -16.51 -15.66 -26.11
N THR A 299 -17.01 -14.49 -26.49
CA THR A 299 -16.25 -13.54 -27.29
C THR A 299 -15.55 -12.48 -26.45
N LEU A 300 -15.84 -12.41 -25.16
CA LEU A 300 -15.29 -11.37 -24.29
C LEU A 300 -15.01 -11.95 -22.91
N SER A 301 -14.21 -11.22 -22.15
CA SER A 301 -13.93 -11.55 -20.76
C SER A 301 -15.10 -11.10 -19.90
N THR A 302 -15.23 -11.70 -18.71
CA THR A 302 -16.24 -11.26 -17.75
C THR A 302 -15.80 -9.96 -17.09
N GLU A 303 -14.50 -9.72 -17.10
CA GLU A 303 -13.94 -8.46 -16.63
C GLU A 303 -14.03 -7.36 -17.67
N GLN A 304 -14.04 -7.71 -18.95
CA GLN A 304 -14.16 -6.71 -20.00
C GLN A 304 -15.59 -6.18 -20.09
N MET A 305 -16.57 -7.07 -19.96
CA MET A 305 -17.97 -6.67 -20.06
C MET A 305 -18.56 -6.22 -18.74
N LEU A 306 -17.77 -6.19 -17.66
CA LEU A 306 -18.24 -5.57 -16.43
C LEU A 306 -17.94 -4.08 -16.43
N SER A 307 -16.83 -3.68 -17.06
CA SER A 307 -16.50 -2.27 -17.28
C SER A 307 -16.80 -1.98 -18.74
N SER A 308 -18.06 -1.66 -19.03
CA SER A 308 -18.52 -1.39 -20.38
C SER A 308 -19.82 -0.60 -20.32
N GLU A 309 -19.91 0.42 -21.17
CA GLU A 309 -21.16 1.17 -21.29
C GLU A 309 -22.02 0.62 -22.41
N ALA A 310 -21.38 0.19 -23.50
CA ALA A 310 -22.05 -0.49 -24.60
C ALA A 310 -21.34 -1.81 -24.83
N VAL A 311 -21.97 -2.91 -24.44
CA VAL A 311 -21.29 -4.20 -24.47
C VAL A 311 -21.31 -4.78 -25.89
N ALA A 312 -22.28 -4.36 -26.71
CA ALA A 312 -22.37 -4.90 -28.06
C ALA A 312 -21.31 -4.31 -28.98
N VAL A 313 -20.92 -3.05 -28.74
CA VAL A 313 -19.89 -2.43 -29.57
C VAL A 313 -18.52 -3.02 -29.23
N ASP A 314 -18.31 -3.35 -27.95
CA ASP A 314 -17.09 -4.05 -27.56
C ASP A 314 -17.06 -5.46 -28.14
N PHE A 315 -18.23 -6.07 -28.34
CA PHE A 315 -18.32 -7.35 -29.02
C PHE A 315 -18.04 -7.19 -30.52
N GLY A 316 -18.59 -6.13 -31.13
CA GLY A 316 -18.52 -5.99 -32.56
C GLY A 316 -17.15 -5.63 -33.09
N ASN A 317 -16.32 -4.99 -32.27
CA ASN A 317 -14.99 -4.63 -32.71
C ASN A 317 -14.03 -5.81 -32.69
N TYR A 318 -14.39 -6.89 -32.00
CA TYR A 318 -13.50 -8.03 -31.86
C TYR A 318 -13.44 -8.90 -33.11
N HIS A 319 -14.43 -8.79 -34.00
CA HIS A 319 -14.62 -9.77 -35.05
C HIS A 319 -14.30 -9.27 -36.45
N LEU A 320 -14.93 -8.18 -36.89
CA LEU A 320 -14.64 -7.63 -38.21
C LEU A 320 -14.52 -6.12 -38.10
N GLY A 321 -13.67 -5.54 -38.95
CA GLY A 321 -13.38 -4.12 -38.85
C GLY A 321 -14.53 -3.24 -39.30
N VAL A 322 -15.24 -3.66 -40.35
CA VAL A 322 -16.43 -2.94 -40.80
C VAL A 322 -17.70 -3.49 -40.15
N MET A 323 -17.58 -4.46 -39.24
CA MET A 323 -18.73 -4.81 -38.41
C MET A 323 -18.87 -3.81 -37.26
N SER A 324 -17.80 -3.07 -36.96
CA SER A 324 -17.90 -1.92 -36.06
C SER A 324 -18.70 -0.80 -36.70
N TRP A 325 -18.72 -0.74 -38.03
CA TRP A 325 -19.50 0.27 -38.72
C TRP A 325 -20.98 -0.06 -38.70
N ILE A 326 -21.33 -1.33 -38.58
CA ILE A 326 -22.70 -1.75 -38.88
C ILE A 326 -23.53 -1.93 -37.61
N ILE A 327 -22.88 -2.10 -36.45
CA ILE A 327 -23.63 -2.32 -35.22
C ILE A 327 -24.32 -1.06 -34.70
N PRO A 328 -23.64 0.07 -34.44
CA PRO A 328 -24.37 1.19 -33.81
C PRO A 328 -25.33 1.92 -34.74
N VAL A 329 -25.36 1.59 -36.03
CA VAL A 329 -26.40 2.11 -36.89
C VAL A 329 -27.59 1.15 -36.91
N PHE A 330 -27.36 -0.10 -36.54
CA PHE A 330 -28.46 -1.06 -36.50
C PHE A 330 -29.16 -1.04 -35.16
N VAL A 331 -28.39 -1.10 -34.06
CA VAL A 331 -28.96 -1.00 -32.73
C VAL A 331 -29.25 0.45 -32.38
N GLY A 332 -28.66 1.38 -33.12
CA GLY A 332 -29.00 2.78 -32.93
C GLY A 332 -30.41 3.10 -33.39
N LEU A 333 -30.89 2.40 -34.42
CA LEU A 333 -32.27 2.59 -34.85
C LEU A 333 -33.22 1.65 -34.13
N SER A 334 -32.67 0.73 -33.34
CA SER A 334 -33.51 -0.13 -32.50
C SER A 334 -34.18 0.69 -31.40
N CYS A 335 -33.40 1.38 -30.59
CA CYS A 335 -33.95 2.15 -29.50
C CYS A 335 -34.42 3.52 -29.97
N PHE A 336 -34.14 3.86 -31.23
CA PHE A 336 -34.70 5.08 -31.81
C PHE A 336 -36.20 4.93 -32.04
N GLY A 337 -36.62 3.76 -32.54
CA GLY A 337 -38.03 3.52 -32.74
C GLY A 337 -38.73 3.03 -31.48
N SER A 338 -37.95 2.47 -30.55
CA SER A 338 -38.54 1.96 -29.31
C SER A 338 -38.98 3.09 -28.40
N VAL A 339 -38.31 4.24 -28.48
CA VAL A 339 -38.77 5.41 -27.75
C VAL A 339 -39.84 6.13 -28.58
N ASN A 340 -39.88 5.86 -29.89
CA ASN A 340 -40.97 6.38 -30.71
C ASN A 340 -42.27 5.66 -30.42
N GLY A 341 -42.21 4.33 -30.29
CA GLY A 341 -43.42 3.59 -29.99
C GLY A 341 -43.87 3.77 -28.55
N SER A 342 -42.94 4.12 -27.67
CA SER A 342 -43.30 4.33 -26.27
C SER A 342 -43.98 5.68 -26.08
N LEU A 343 -43.73 6.62 -26.99
CA LEU A 343 -44.45 7.89 -26.93
C LEU A 343 -45.87 7.74 -27.43
N PHE A 344 -46.13 6.73 -28.26
CA PHE A 344 -47.46 6.52 -28.82
C PHE A 344 -48.43 6.00 -27.77
N THR A 345 -48.03 4.94 -27.06
CA THR A 345 -48.91 4.34 -26.05
C THR A 345 -49.09 5.22 -24.83
N SER A 346 -48.09 6.03 -24.48
CA SER A 346 -48.23 6.94 -23.35
C SER A 346 -49.02 8.17 -23.70
N SER A 347 -49.27 8.43 -24.98
CA SER A 347 -50.05 9.59 -25.38
C SER A 347 -51.55 9.34 -25.22
N ARG A 348 -52.00 8.13 -25.53
CA ARG A 348 -53.42 7.85 -25.62
C ARG A 348 -54.04 7.39 -24.31
N LEU A 349 -53.27 6.74 -23.45
CA LEU A 349 -53.88 6.11 -22.27
C LEU A 349 -54.22 7.12 -21.19
N PHE A 350 -53.58 8.29 -21.19
CA PHE A 350 -54.06 9.38 -20.34
C PHE A 350 -55.37 9.94 -20.86
N PHE A 351 -55.51 10.02 -22.18
CA PHE A 351 -56.79 10.42 -22.78
C PHE A 351 -57.82 9.29 -22.64
N VAL A 352 -57.40 8.06 -22.91
CA VAL A 352 -58.27 6.90 -22.76
C VAL A 352 -57.91 6.11 -21.51
N LEU A 370 -61.74 19.11 -23.84
CA LEU A 370 -60.90 20.16 -23.27
C LEU A 370 -59.44 19.94 -23.62
N LEU A 371 -58.96 18.70 -23.47
CA LEU A 371 -57.57 18.36 -23.70
C LEU A 371 -57.47 17.42 -24.90
N THR A 372 -56.65 17.81 -25.88
CA THR A 372 -56.36 17.12 -27.12
C THR A 372 -55.30 16.07 -26.78
N PRO A 373 -55.03 15.06 -27.65
CA PRO A 373 -53.83 14.23 -27.46
C PRO A 373 -52.48 14.97 -27.46
N VAL A 374 -52.42 16.19 -27.99
CA VAL A 374 -51.17 16.93 -28.15
C VAL A 374 -50.55 17.35 -26.81
N PRO A 375 -51.26 17.92 -25.81
CA PRO A 375 -50.57 18.22 -24.54
C PRO A 375 -50.23 17.00 -23.70
N SER A 376 -50.72 15.82 -24.06
CA SER A 376 -50.23 14.61 -23.41
C SER A 376 -48.83 14.26 -23.90
N LEU A 377 -48.50 14.69 -25.12
CA LEU A 377 -47.18 14.43 -25.66
C LEU A 377 -46.14 15.37 -25.08
N VAL A 378 -46.56 16.57 -24.66
CA VAL A 378 -45.60 17.54 -24.14
C VAL A 378 -45.37 17.30 -22.65
N PHE A 379 -46.26 16.56 -21.99
CA PHE A 379 -46.08 16.34 -20.57
C PHE A 379 -45.16 15.17 -20.32
N THR A 380 -45.21 14.14 -21.17
CA THR A 380 -44.27 13.03 -21.06
C THR A 380 -42.95 13.39 -21.73
N CYS A 381 -42.89 14.52 -22.43
CA CYS A 381 -41.63 14.98 -22.99
C CYS A 381 -40.83 15.76 -21.95
N VAL A 382 -41.49 16.64 -21.21
CA VAL A 382 -40.80 17.47 -20.22
C VAL A 382 -40.34 16.62 -19.05
N MET A 383 -41.19 15.69 -18.60
CA MET A 383 -40.88 14.96 -17.38
C MET A 383 -39.94 13.78 -17.63
N THR A 384 -39.52 13.58 -18.89
CA THR A 384 -38.45 12.61 -19.13
C THR A 384 -37.11 13.31 -19.30
N LEU A 385 -37.12 14.64 -19.49
CA LEU A 385 -35.87 15.37 -19.50
C LEU A 385 -35.40 15.68 -18.08
N LEU A 386 -36.30 15.53 -17.10
CA LEU A 386 -35.92 15.76 -15.72
C LEU A 386 -35.05 14.65 -15.18
N TYR A 387 -35.00 13.51 -15.87
CA TYR A 387 -34.18 12.39 -15.41
C TYR A 387 -32.75 12.51 -15.88
N ALA A 388 -32.36 13.64 -16.48
CA ALA A 388 -30.96 13.85 -16.86
C ALA A 388 -30.13 14.24 -15.65
N PHE A 389 -30.80 14.52 -14.52
CA PHE A 389 -30.13 14.81 -13.26
C PHE A 389 -29.68 13.54 -12.52
N SER A 390 -29.84 12.37 -13.13
CA SER A 390 -29.36 11.14 -12.51
C SER A 390 -27.87 10.96 -12.75
N LYS A 391 -27.35 9.81 -12.33
CA LYS A 391 -25.93 9.54 -12.39
C LYS A 391 -25.54 8.37 -13.28
N ASP A 392 -26.35 7.30 -13.32
CA ASP A 392 -26.04 6.15 -14.15
C ASP A 392 -27.34 5.48 -14.58
N ILE A 393 -27.25 4.58 -15.56
CA ILE A 393 -28.45 3.91 -16.07
C ILE A 393 -28.98 2.91 -15.05
N PHE A 394 -28.08 2.22 -14.35
CA PHE A 394 -28.53 1.15 -13.47
C PHE A 394 -29.05 1.70 -12.14
N SER A 395 -28.86 3.00 -11.89
CA SER A 395 -29.56 3.63 -10.77
C SER A 395 -31.04 3.81 -11.09
N VAL A 396 -31.35 4.29 -12.30
CA VAL A 396 -32.74 4.61 -12.62
C VAL A 396 -33.48 3.36 -13.10
N ILE A 397 -32.77 2.32 -13.51
CA ILE A 397 -33.41 1.04 -13.82
C ILE A 397 -33.97 0.42 -12.55
N ASN A 398 -33.19 0.42 -11.46
CA ASN A 398 -33.69 -0.10 -10.19
C ASN A 398 -34.69 0.86 -9.56
N PHE A 399 -34.62 2.15 -9.91
CA PHE A 399 -35.68 3.07 -9.52
C PHE A 399 -36.97 2.77 -10.28
N PHE A 400 -36.85 2.35 -11.53
CA PHE A 400 -38.02 1.99 -12.33
C PHE A 400 -38.65 0.70 -11.84
N SER A 401 -37.83 -0.35 -11.68
CA SER A 401 -38.34 -1.69 -11.39
C SER A 401 -38.92 -1.82 -10.00
N PHE A 402 -38.59 -0.90 -9.08
CA PHE A 402 -39.24 -0.93 -7.77
C PHE A 402 -40.70 -0.53 -7.86
N PHE A 403 -41.04 0.38 -8.77
CA PHE A 403 -42.39 0.90 -8.89
C PHE A 403 -43.17 0.30 -10.04
N ASN A 404 -42.50 -0.18 -11.08
CA ASN A 404 -43.17 -0.95 -12.12
C ASN A 404 -43.72 -2.25 -11.54
N TRP A 405 -42.96 -2.89 -10.67
CA TRP A 405 -43.42 -4.11 -10.04
C TRP A 405 -44.28 -3.86 -8.82
N LEU A 406 -44.36 -2.61 -8.36
CA LEU A 406 -45.32 -2.26 -7.33
C LEU A 406 -46.73 -2.28 -7.90
N CYS A 407 -46.95 -1.60 -9.02
CA CYS A 407 -48.29 -1.42 -9.55
C CYS A 407 -48.87 -2.68 -10.16
N VAL A 408 -48.03 -3.64 -10.55
CA VAL A 408 -48.59 -4.88 -11.10
C VAL A 408 -49.09 -5.77 -9.97
N ALA A 409 -48.53 -5.60 -8.76
CA ALA A 409 -49.00 -6.39 -7.62
C ALA A 409 -50.34 -5.88 -7.13
N LEU A 410 -50.63 -4.59 -7.34
CA LEU A 410 -51.92 -4.05 -6.95
C LEU A 410 -52.99 -4.39 -7.98
N ALA A 411 -52.57 -4.78 -9.19
CA ALA A 411 -53.53 -5.19 -10.21
C ALA A 411 -53.97 -6.63 -9.98
N ILE A 412 -53.02 -7.53 -9.75
CA ILE A 412 -53.32 -8.95 -9.63
C ILE A 412 -53.91 -9.27 -8.26
N ILE A 413 -53.79 -8.35 -7.30
CA ILE A 413 -54.53 -8.51 -6.05
C ILE A 413 -56.01 -8.21 -6.26
N GLY A 414 -56.34 -7.53 -7.37
CA GLY A 414 -57.73 -7.23 -7.65
C GLY A 414 -58.48 -8.45 -8.16
N MET A 415 -57.85 -9.25 -9.01
CA MET A 415 -58.55 -10.38 -9.63
C MET A 415 -58.79 -11.50 -8.61
N ILE A 416 -57.91 -11.66 -7.63
CA ILE A 416 -58.14 -12.67 -6.61
C ILE A 416 -59.20 -12.18 -5.62
N TRP A 417 -59.30 -10.86 -5.45
CA TRP A 417 -60.41 -10.31 -4.68
C TRP A 417 -61.72 -10.42 -5.43
N LEU A 418 -61.67 -10.49 -6.76
CA LEU A 418 -62.84 -10.75 -7.58
C LEU A 418 -63.11 -12.24 -7.76
N ARG A 419 -62.48 -13.11 -6.96
CA ARG A 419 -62.79 -14.53 -6.96
C ARG A 419 -63.88 -14.91 -5.97
N HIS A 420 -64.19 -14.03 -5.02
CA HIS A 420 -65.37 -14.21 -4.19
C HIS A 420 -66.37 -13.08 -4.31
N ARG A 421 -66.02 -11.97 -4.99
CA ARG A 421 -66.94 -10.85 -5.07
C ARG A 421 -67.96 -11.02 -6.20
N LYS A 422 -67.49 -11.06 -7.44
CA LYS A 422 -68.36 -10.88 -8.58
C LYS A 422 -68.30 -12.08 -9.52
N PRO A 423 -69.39 -12.38 -10.24
CA PRO A 423 -69.35 -13.46 -11.22
C PRO A 423 -68.65 -13.06 -12.51
N GLU A 424 -68.74 -11.77 -12.87
CA GLU A 424 -68.00 -11.08 -13.93
C GLU A 424 -68.39 -11.55 -15.35
N LEU A 425 -69.25 -12.57 -15.48
CA LEU A 425 -69.51 -13.31 -16.72
C LEU A 425 -68.18 -13.73 -17.35
N GLU A 426 -67.47 -14.61 -16.65
CA GLU A 426 -66.14 -15.03 -17.04
C GLU A 426 -66.19 -16.33 -17.83
N ARG A 427 -66.38 -16.21 -19.14
CA ARG A 427 -65.95 -17.31 -20.00
C ARG A 427 -64.88 -16.96 -21.04
N PRO A 428 -63.79 -16.16 -20.75
CA PRO A 428 -62.58 -16.37 -21.56
C PRO A 428 -61.74 -17.53 -21.04
N ILE A 429 -61.54 -17.56 -19.73
CA ILE A 429 -60.65 -18.50 -19.06
C ILE A 429 -61.04 -18.60 -17.59
N LYS A 430 -61.11 -19.83 -17.07
CA LYS A 430 -61.67 -20.04 -15.74
C LYS A 430 -60.59 -20.11 -14.66
N VAL A 431 -59.40 -20.56 -15.03
CA VAL A 431 -58.39 -20.97 -14.05
C VAL A 431 -57.79 -19.75 -13.38
N ASN A 432 -57.98 -19.64 -12.06
CA ASN A 432 -57.29 -18.68 -11.23
C ASN A 432 -56.68 -19.29 -9.98
N LEU A 433 -56.61 -20.62 -9.88
CA LEU A 433 -56.14 -21.25 -8.67
C LEU A 433 -54.62 -21.23 -8.58
N ALA A 434 -53.95 -21.88 -9.53
CA ALA A 434 -52.54 -22.20 -9.41
C ALA A 434 -51.62 -21.02 -9.73
N LEU A 435 -51.90 -20.29 -10.80
CA LEU A 435 -50.92 -19.33 -11.31
C LEU A 435 -50.80 -18.00 -10.55
N PRO A 436 -51.88 -17.31 -10.09
CA PRO A 436 -51.61 -16.00 -9.46
C PRO A 436 -50.98 -16.08 -8.09
N VAL A 437 -51.18 -17.18 -7.37
CA VAL A 437 -50.62 -17.29 -6.02
C VAL A 437 -49.12 -17.57 -6.09
N PHE A 438 -48.64 -18.08 -7.22
CA PHE A 438 -47.19 -18.17 -7.42
C PHE A 438 -46.60 -16.78 -7.63
N PHE A 439 -47.38 -15.86 -8.18
CA PHE A 439 -46.83 -14.59 -8.64
C PHE A 439 -46.85 -13.51 -7.57
N ILE A 440 -47.97 -13.37 -6.83
CA ILE A 440 -48.12 -12.23 -5.93
C ILE A 440 -47.16 -12.36 -4.74
N LEU A 441 -46.88 -13.58 -4.30
CA LEU A 441 -45.87 -13.77 -3.27
C LEU A 441 -44.46 -13.59 -3.80
N ALA A 442 -44.28 -13.69 -5.13
CA ALA A 442 -42.94 -13.55 -5.70
C ALA A 442 -42.57 -12.08 -5.91
N CYS A 443 -43.51 -11.26 -6.40
CA CYS A 443 -43.21 -9.85 -6.58
C CYS A 443 -43.20 -9.11 -5.25
N LEU A 444 -43.87 -9.66 -4.23
CA LEU A 444 -43.75 -9.11 -2.90
C LEU A 444 -42.37 -9.40 -2.30
N PHE A 445 -41.77 -10.52 -2.68
CA PHE A 445 -40.37 -10.77 -2.33
C PHE A 445 -39.44 -9.82 -3.07
N LEU A 446 -39.78 -9.46 -4.31
CA LEU A 446 -38.98 -8.52 -5.07
C LEU A 446 -39.07 -7.11 -4.50
N ILE A 447 -40.20 -6.76 -3.90
CA ILE A 447 -40.38 -5.42 -3.34
C ILE A 447 -39.91 -5.35 -1.89
N ALA A 448 -39.64 -6.48 -1.25
CA ALA A 448 -39.27 -6.46 0.17
C ALA A 448 -37.79 -6.16 0.36
N VAL A 449 -36.93 -6.78 -0.45
CA VAL A 449 -35.50 -6.73 -0.19
C VAL A 449 -34.92 -5.37 -0.55
N SER A 450 -35.32 -4.82 -1.71
CA SER A 450 -34.70 -3.59 -2.19
C SER A 450 -35.18 -2.36 -1.42
N PHE A 451 -36.33 -2.45 -0.74
CA PHE A 451 -36.76 -1.35 0.11
C PHE A 451 -35.90 -1.26 1.36
N TRP A 452 -35.62 -2.41 1.98
CA TRP A 452 -34.72 -2.45 3.13
C TRP A 452 -33.26 -2.24 2.73
N LYS A 453 -32.92 -2.51 1.47
CA LYS A 453 -31.52 -2.41 1.05
C LYS A 453 -31.09 -0.95 0.91
N THR A 454 -31.74 -0.21 0.01
CA THR A 454 -31.32 1.16 -0.31
C THR A 454 -32.54 1.98 -0.71
N PRO A 455 -33.24 2.58 0.27
CA PRO A 455 -34.43 3.39 -0.04
C PRO A 455 -34.14 4.84 -0.41
N VAL A 456 -32.89 5.20 -0.72
CA VAL A 456 -32.61 6.57 -1.15
C VAL A 456 -33.14 6.86 -2.55
N GLU A 457 -33.36 5.82 -3.35
CA GLU A 457 -34.09 5.95 -4.61
C GLU A 457 -35.55 5.61 -4.45
N CYS A 458 -35.89 4.76 -3.49
CA CYS A 458 -37.29 4.43 -3.25
C CYS A 458 -37.98 5.55 -2.49
N GLY A 459 -37.26 6.24 -1.60
CA GLY A 459 -37.89 7.29 -0.80
C GLY A 459 -38.17 8.54 -1.59
N ILE A 460 -37.26 8.92 -2.49
CA ILE A 460 -37.53 10.05 -3.39
C ILE A 460 -38.65 9.70 -4.37
N GLY A 461 -38.84 8.42 -4.67
CA GLY A 461 -40.06 7.99 -5.33
C GLY A 461 -41.24 7.87 -4.40
N PHE A 462 -41.00 7.72 -3.09
CA PHE A 462 -42.09 7.67 -2.13
C PHE A 462 -42.52 9.04 -1.65
N THR A 463 -41.64 10.05 -1.74
CA THR A 463 -42.01 11.40 -1.32
C THR A 463 -42.87 12.11 -2.36
N ILE A 464 -43.06 11.53 -3.54
CA ILE A 464 -43.82 12.14 -4.62
C ILE A 464 -45.13 11.42 -4.90
N ILE A 465 -45.26 10.14 -4.51
CA ILE A 465 -46.54 9.47 -4.67
C ILE A 465 -47.58 10.04 -3.70
N LEU A 466 -47.16 10.51 -2.53
CA LEU A 466 -48.09 11.14 -1.60
C LEU A 466 -48.38 12.58 -2.01
N SER A 467 -47.58 13.13 -2.93
CA SER A 467 -47.74 14.52 -3.33
C SER A 467 -48.89 14.70 -4.32
N GLY A 468 -49.50 13.60 -4.78
CA GLY A 468 -50.70 13.71 -5.59
C GLY A 468 -51.91 14.06 -4.77
N LEU A 469 -51.86 13.83 -3.46
CA LEU A 469 -52.97 14.18 -2.59
C LEU A 469 -53.16 15.70 -2.44
N PRO A 470 -52.13 16.56 -2.52
CA PRO A 470 -52.41 17.98 -2.79
C PRO A 470 -53.20 18.22 -4.07
N VAL A 471 -52.88 17.50 -5.15
CA VAL A 471 -53.62 17.66 -6.40
C VAL A 471 -54.99 16.98 -6.27
N TYR A 472 -55.12 16.02 -5.37
CA TYR A 472 -56.42 15.38 -5.14
C TYR A 472 -57.37 16.33 -4.41
N PHE A 473 -56.84 17.10 -3.45
CA PHE A 473 -57.64 18.14 -2.82
C PHE A 473 -57.96 19.27 -3.79
N PHE A 474 -57.07 19.51 -4.75
CA PHE A 474 -57.35 20.48 -5.81
C PHE A 474 -58.46 19.99 -6.73
N GLY A 475 -58.64 18.67 -6.85
CA GLY A 475 -59.66 18.12 -7.70
C GLY A 475 -61.00 17.93 -7.02
N VAL A 476 -60.99 17.78 -5.69
CA VAL A 476 -62.24 17.58 -4.96
C VAL A 476 -63.05 18.87 -4.90
N TRP A 477 -62.42 19.98 -4.56
CA TRP A 477 -63.19 21.17 -4.21
C TRP A 477 -63.20 22.23 -5.31
N TRP A 478 -62.11 22.40 -6.06
CA TRP A 478 -62.07 23.47 -7.06
C TRP A 478 -62.92 23.15 -8.28
N LYS A 479 -63.21 21.87 -8.52
CA LYS A 479 -64.12 21.51 -9.61
C LYS A 479 -65.55 21.32 -9.13
N ASN A 480 -65.75 21.19 -7.81
CA ASN A 480 -67.07 21.01 -7.24
C ASN A 480 -67.90 22.28 -7.32
N ARG B 181 -49.42 33.20 -36.98
CA ARG B 181 -49.29 34.21 -35.94
C ARG B 181 -48.69 33.60 -34.68
N THR B 182 -49.50 32.82 -33.96
CA THR B 182 -49.00 32.10 -32.79
C THR B 182 -48.16 30.90 -33.23
N ARG B 183 -48.36 30.43 -34.46
CA ARG B 183 -47.63 29.27 -34.96
C ARG B 183 -46.22 29.65 -35.38
N TRP B 184 -45.97 30.93 -35.61
CA TRP B 184 -44.69 31.41 -36.12
C TRP B 184 -43.53 31.16 -35.17
N ALA B 185 -43.60 31.74 -33.97
CA ALA B 185 -42.43 31.85 -33.11
C ALA B 185 -42.12 30.54 -32.38
N LEU B 186 -43.16 29.83 -31.91
CA LEU B 186 -42.95 28.76 -30.94
C LEU B 186 -42.37 27.50 -31.60
N LEU B 187 -42.64 27.29 -32.89
CA LEU B 187 -41.89 26.23 -33.56
C LEU B 187 -40.52 26.73 -34.00
N LEU B 188 -40.42 28.03 -34.30
CA LEU B 188 -39.13 28.61 -34.67
C LEU B 188 -38.20 28.69 -33.47
N LEU B 189 -38.76 28.76 -32.26
CA LEU B 189 -37.91 28.76 -31.08
C LEU B 189 -37.42 27.34 -30.79
N PHE B 190 -38.23 26.33 -31.08
CA PHE B 190 -37.75 24.95 -31.05
C PHE B 190 -36.73 24.73 -32.15
N TRP B 191 -36.96 25.35 -33.32
CA TRP B 191 -35.99 25.34 -34.41
C TRP B 191 -34.70 26.04 -34.00
N LEU B 192 -34.80 26.97 -33.04
CA LEU B 192 -33.63 27.56 -32.39
C LEU B 192 -33.16 26.73 -31.21
N GLY B 193 -34.08 26.21 -30.40
CA GLY B 193 -33.69 25.58 -29.15
C GLY B 193 -33.09 24.19 -29.33
N TRP B 194 -33.53 23.47 -30.35
CA TRP B 194 -32.92 22.18 -30.65
C TRP B 194 -31.49 22.36 -31.14
N LEU B 195 -31.27 23.36 -32.00
CA LEU B 195 -29.91 23.73 -32.35
C LEU B 195 -29.25 24.53 -31.22
N GLY B 196 -30.04 25.02 -30.27
CA GLY B 196 -29.47 25.57 -29.05
C GLY B 196 -28.96 24.50 -28.12
N MET B 197 -29.44 23.27 -28.29
CA MET B 197 -28.95 22.15 -27.48
C MET B 197 -27.98 21.29 -28.28
N LEU B 198 -28.06 21.34 -29.60
CA LEU B 198 -27.09 20.62 -30.43
C LEU B 198 -25.77 21.37 -30.50
N ALA B 199 -25.80 22.68 -30.29
CA ALA B 199 -24.55 23.45 -30.32
C ALA B 199 -23.69 23.17 -29.12
N GLY B 200 -24.29 22.73 -28.02
CA GLY B 200 -23.50 22.27 -26.88
C GLY B 200 -22.96 20.87 -27.10
N ALA B 201 -23.76 19.98 -27.69
CA ALA B 201 -23.38 18.58 -27.79
C ALA B 201 -22.34 18.35 -28.88
N VAL B 202 -22.22 19.28 -29.82
CA VAL B 202 -21.31 19.05 -30.94
C VAL B 202 -19.91 19.55 -30.60
N VAL B 203 -19.77 20.40 -29.57
CA VAL B 203 -18.45 20.91 -29.24
C VAL B 203 -17.90 20.21 -28.01
N ILE B 204 -18.77 19.63 -27.17
CA ILE B 204 -18.35 19.05 -25.90
C ILE B 204 -17.50 17.80 -26.14
N ILE B 205 -17.84 17.02 -27.16
CA ILE B 205 -17.04 15.84 -27.48
C ILE B 205 -15.76 16.23 -28.19
N VAL B 206 -15.64 17.48 -28.64
CA VAL B 206 -14.40 17.94 -29.23
C VAL B 206 -13.48 18.53 -28.16
N ARG B 207 -14.05 19.22 -27.16
CA ARG B 207 -13.24 19.70 -26.05
C ARG B 207 -12.77 18.56 -25.16
N ALA B 208 -13.50 17.46 -25.11
CA ALA B 208 -13.14 16.35 -24.25
C ALA B 208 -11.95 15.59 -24.83
N PRO B 209 -11.00 15.16 -23.99
CA PRO B 209 -9.85 14.43 -24.51
C PRO B 209 -10.24 13.00 -24.88
N ARG B 210 -9.61 12.50 -25.94
CA ARG B 210 -9.88 11.16 -26.43
C ARG B 210 -8.77 10.20 -26.00
N CYS B 211 -9.06 8.91 -26.08
CA CYS B 211 -8.07 7.90 -25.76
C CYS B 211 -6.96 7.87 -26.80
N ARG B 212 -5.79 7.39 -26.39
CA ARG B 212 -4.74 6.99 -27.32
C ARG B 212 -4.80 5.48 -27.47
N GLU B 213 -4.32 5.01 -28.61
CA GLU B 213 -4.54 3.63 -29.03
C GLU B 213 -3.76 2.66 -28.15
N LEU B 214 -4.41 1.54 -27.81
CA LEU B 214 -3.78 0.50 -26.99
C LEU B 214 -2.60 -0.11 -27.74
N PRO B 215 -1.50 -0.40 -27.04
CA PRO B 215 -0.41 -1.14 -27.69
C PRO B 215 -0.82 -2.57 -27.94
N ALA B 216 -0.26 -3.14 -29.01
CA ALA B 216 -0.52 -4.52 -29.38
C ALA B 216 0.11 -5.44 -28.35
N GLN B 217 -0.71 -5.98 -27.45
CA GLN B 217 -0.23 -6.83 -26.38
C GLN B 217 0.06 -8.22 -26.93
N LYS B 218 1.34 -8.61 -26.92
CA LYS B 218 1.70 -9.99 -27.19
C LYS B 218 1.34 -10.85 -25.98
N TRP B 219 1.43 -12.17 -26.17
CA TRP B 219 0.89 -13.08 -25.18
C TRP B 219 1.68 -13.10 -23.88
N TRP B 220 2.98 -12.80 -23.91
CA TRP B 220 3.77 -12.84 -22.69
C TRP B 220 3.67 -11.56 -21.87
N HIS B 221 3.26 -10.45 -22.49
CA HIS B 221 3.03 -9.20 -21.76
C HIS B 221 1.88 -9.33 -20.77
N THR B 222 0.96 -10.26 -20.99
CA THR B 222 -0.31 -10.33 -20.27
C THR B 222 -0.21 -10.99 -18.90
N GLY B 223 1.00 -11.23 -18.39
CA GLY B 223 1.11 -11.84 -17.08
C GLY B 223 2.53 -12.27 -16.78
N ALA B 224 2.64 -13.28 -15.93
CA ALA B 224 3.92 -13.76 -15.44
C ALA B 224 4.38 -14.97 -16.23
N LEU B 225 5.61 -15.40 -15.96
CA LEU B 225 6.16 -16.65 -16.45
C LEU B 225 6.48 -17.53 -15.26
N TYR B 226 6.96 -18.74 -15.51
CA TYR B 226 7.16 -19.71 -14.44
C TYR B 226 8.13 -20.77 -14.94
N ARG B 227 9.29 -20.88 -14.30
CA ARG B 227 10.36 -21.72 -14.79
C ARG B 227 10.42 -23.05 -14.05
N ILE B 228 10.52 -24.14 -14.82
CA ILE B 228 10.69 -25.48 -14.27
C ILE B 228 12.00 -26.04 -14.81
N GLY B 229 13.07 -25.93 -14.03
CA GLY B 229 14.35 -26.46 -14.48
C GLY B 229 14.43 -27.96 -14.38
N ASP B 230 13.80 -28.54 -13.36
CA ASP B 230 13.88 -29.97 -13.10
C ASP B 230 12.47 -30.54 -13.02
N LEU B 231 12.10 -31.36 -14.01
CA LEU B 231 10.83 -32.06 -13.95
C LEU B 231 10.88 -33.21 -12.96
N GLN B 232 12.07 -33.76 -12.72
CA GLN B 232 12.23 -34.85 -11.76
C GLN B 232 11.92 -34.40 -10.34
N ALA B 233 12.18 -33.14 -10.02
CA ALA B 233 11.99 -32.64 -8.67
C ALA B 233 10.72 -31.81 -8.49
N PHE B 234 10.03 -31.46 -9.58
CA PHE B 234 8.81 -30.68 -9.46
C PHE B 234 7.67 -31.51 -8.90
N GLN B 235 7.66 -32.80 -9.20
CA GLN B 235 6.66 -33.72 -8.68
C GLN B 235 7.24 -34.88 -7.89
N GLY B 236 8.34 -35.46 -8.34
CA GLY B 236 9.16 -36.27 -7.45
C GLY B 236 9.15 -37.77 -7.69
N HIS B 237 10.34 -38.36 -7.53
CA HIS B 237 10.56 -39.79 -7.34
C HIS B 237 10.08 -40.64 -8.51
N GLY B 238 10.68 -40.42 -9.68
CA GLY B 238 10.40 -41.24 -10.85
C GLY B 238 9.14 -40.89 -11.60
N ALA B 239 8.22 -40.13 -10.99
CA ALA B 239 7.02 -39.66 -11.66
C ALA B 239 7.24 -38.33 -12.36
N GLY B 240 8.49 -37.96 -12.63
CA GLY B 240 8.82 -36.71 -13.31
C GLY B 240 8.74 -36.75 -14.82
N ASN B 241 7.94 -37.64 -15.37
CA ASN B 241 7.74 -37.71 -16.81
C ASN B 241 6.92 -36.52 -17.30
N LEU B 242 6.96 -36.28 -18.61
CA LEU B 242 6.13 -35.26 -19.22
C LEU B 242 4.67 -35.68 -19.21
N ALA B 243 4.43 -36.99 -19.20
CA ALA B 243 3.06 -37.50 -19.19
C ALA B 243 2.37 -37.25 -17.85
N GLY B 244 3.12 -37.25 -16.75
CA GLY B 244 2.53 -36.94 -15.46
C GLY B 244 2.32 -35.48 -15.18
N LEU B 245 2.83 -34.61 -16.05
CA LEU B 245 2.73 -33.17 -15.82
C LEU B 245 1.32 -32.64 -16.05
N LYS B 246 0.48 -33.37 -16.79
CA LYS B 246 -0.83 -32.86 -17.17
C LYS B 246 -1.78 -32.72 -16.00
N GLY B 247 -1.57 -33.51 -14.93
CA GLY B 247 -2.38 -33.34 -13.75
C GLY B 247 -2.03 -32.11 -12.93
N ARG B 248 -0.86 -31.53 -13.17
CA ARG B 248 -0.39 -30.38 -12.41
C ARG B 248 -0.89 -29.06 -12.95
N LEU B 249 -1.41 -29.03 -14.19
CA LEU B 249 -1.71 -27.79 -14.87
C LEU B 249 -2.89 -27.04 -14.27
N ASP B 250 -3.84 -27.75 -13.64
CA ASP B 250 -4.98 -27.05 -13.05
C ASP B 250 -4.58 -26.39 -11.73
N TYR B 251 -3.55 -26.91 -11.06
CA TYR B 251 -2.89 -26.12 -10.03
C TYR B 251 -2.12 -24.98 -10.66
N LEU B 252 -1.37 -25.28 -11.71
CA LEU B 252 -0.45 -24.32 -12.32
C LEU B 252 -1.18 -23.21 -13.07
N SER B 253 -2.46 -23.39 -13.38
CA SER B 253 -3.28 -22.31 -13.91
C SER B 253 -4.11 -21.61 -12.86
N SER B 254 -4.12 -22.10 -11.62
CA SER B 254 -4.71 -21.34 -10.53
C SER B 254 -3.80 -20.22 -10.08
N LEU B 255 -2.49 -20.36 -10.31
CA LEU B 255 -1.53 -19.28 -10.13
C LEU B 255 -1.66 -18.21 -11.21
N LYS B 256 -2.37 -18.52 -12.30
CA LYS B 256 -2.59 -17.63 -13.45
C LYS B 256 -1.29 -17.20 -14.10
N VAL B 257 -0.40 -18.16 -14.31
CA VAL B 257 0.77 -17.90 -15.13
C VAL B 257 0.36 -17.94 -16.61
N LYS B 258 1.15 -17.26 -17.44
CA LYS B 258 0.87 -17.19 -18.86
C LYS B 258 1.93 -17.91 -19.69
N GLY B 259 2.91 -18.52 -19.04
CA GLY B 259 3.92 -19.26 -19.76
C GLY B 259 4.43 -20.37 -18.90
N LEU B 260 5.33 -21.16 -19.48
CA LEU B 260 5.88 -22.33 -18.81
C LEU B 260 7.16 -22.69 -19.52
N VAL B 261 8.26 -22.72 -18.75
CA VAL B 261 9.59 -22.56 -19.31
C VAL B 261 10.37 -23.85 -19.08
N LEU B 262 9.75 -25.00 -19.37
CA LEU B 262 10.28 -26.35 -19.22
C LEU B 262 11.75 -26.54 -19.54
N GLY B 263 12.45 -27.29 -18.69
CA GLY B 263 13.88 -27.35 -18.73
C GLY B 263 14.41 -28.09 -19.94
N PRO B 264 15.72 -28.16 -20.05
CA PRO B 264 16.33 -28.78 -21.24
C PRO B 264 16.13 -30.28 -21.25
N ILE B 265 15.22 -30.73 -22.11
CA ILE B 265 14.82 -32.13 -22.14
C ILE B 265 15.39 -32.87 -23.34
N HIS B 266 16.17 -32.20 -24.17
CA HIS B 266 16.82 -32.85 -25.29
C HIS B 266 17.90 -33.82 -24.82
N LYS B 267 18.24 -34.77 -25.69
CA LYS B 267 19.19 -35.81 -25.33
C LYS B 267 20.59 -35.24 -25.33
N ASN B 268 21.25 -35.27 -24.17
CA ASN B 268 22.59 -34.72 -24.02
C ASN B 268 23.36 -35.53 -22.99
N GLN B 269 24.45 -36.15 -23.42
CA GLN B 269 25.40 -36.78 -22.51
C GLN B 269 26.54 -35.78 -22.28
N LYS B 270 26.92 -35.60 -21.02
CA LYS B 270 27.62 -34.39 -20.59
C LYS B 270 29.02 -34.27 -21.18
N ASP B 271 29.37 -33.03 -21.57
CA ASP B 271 30.66 -32.61 -22.10
C ASP B 271 31.05 -33.36 -23.37
N ASP B 272 30.08 -33.87 -24.12
CA ASP B 272 30.33 -34.65 -25.33
C ASP B 272 29.58 -33.98 -26.47
N VAL B 273 30.33 -33.53 -27.48
CA VAL B 273 29.75 -32.68 -28.53
C VAL B 273 28.88 -33.51 -29.48
N ALA B 274 29.44 -34.60 -30.01
CA ALA B 274 28.77 -35.34 -31.07
C ALA B 274 27.57 -36.14 -30.57
N GLN B 275 27.50 -36.45 -29.28
CA GLN B 275 26.42 -37.25 -28.73
C GLN B 275 25.31 -36.40 -28.12
N THR B 276 25.06 -35.21 -28.66
CA THR B 276 23.99 -34.34 -28.19
C THR B 276 23.17 -33.90 -29.39
N ASP B 277 21.91 -34.32 -29.44
CA ASP B 277 20.98 -33.96 -30.51
C ASP B 277 19.77 -33.26 -29.89
N LEU B 278 19.50 -32.04 -30.35
CA LEU B 278 18.40 -31.28 -29.77
C LEU B 278 17.05 -31.61 -30.38
N LEU B 279 16.99 -32.63 -31.23
CA LEU B 279 15.72 -32.97 -31.87
C LEU B 279 14.94 -34.00 -31.07
N GLN B 280 15.65 -34.91 -30.41
CA GLN B 280 15.02 -36.04 -29.72
C GLN B 280 15.11 -35.87 -28.21
N ILE B 281 14.02 -36.24 -27.54
CA ILE B 281 13.91 -36.08 -26.10
C ILE B 281 14.56 -37.28 -25.40
N ASP B 282 15.18 -37.03 -24.27
CA ASP B 282 15.74 -38.08 -23.42
C ASP B 282 14.63 -39.00 -22.95
N PRO B 283 14.77 -40.33 -23.12
CA PRO B 283 13.69 -41.24 -22.70
C PRO B 283 13.47 -41.35 -21.20
N ASN B 284 14.35 -40.75 -20.38
CA ASN B 284 14.04 -40.61 -18.96
C ASN B 284 12.90 -39.62 -18.75
N PHE B 285 12.74 -38.67 -19.69
CA PHE B 285 11.70 -37.66 -19.55
C PHE B 285 10.38 -38.11 -20.20
N GLY B 286 10.44 -38.96 -21.20
CA GLY B 286 9.26 -39.41 -21.89
C GLY B 286 9.59 -39.76 -23.34
N SER B 287 8.77 -39.25 -24.26
CA SER B 287 9.01 -39.41 -25.68
C SER B 287 8.38 -38.25 -26.44
N LYS B 288 8.54 -38.29 -27.77
CA LYS B 288 8.06 -37.21 -28.62
C LYS B 288 6.54 -37.14 -28.65
N GLU B 289 5.87 -38.30 -28.59
CA GLU B 289 4.41 -38.31 -28.64
C GLU B 289 3.81 -37.92 -27.29
N ASP B 290 4.60 -38.01 -26.22
CA ASP B 290 4.13 -37.50 -24.94
C ASP B 290 4.21 -35.98 -24.88
N PHE B 291 5.21 -35.41 -25.54
CA PHE B 291 5.38 -33.96 -25.51
C PHE B 291 4.33 -33.27 -26.35
N ASP B 292 3.93 -33.88 -27.47
CA ASP B 292 2.96 -33.25 -28.36
C ASP B 292 1.57 -33.28 -27.74
N SER B 293 1.31 -34.27 -26.88
CA SER B 293 0.06 -34.28 -26.13
C SER B 293 0.06 -33.22 -25.03
N LEU B 294 1.24 -32.84 -24.56
CA LEU B 294 1.33 -31.82 -23.52
C LEU B 294 1.01 -30.44 -24.06
N LEU B 295 1.48 -30.14 -25.28
CA LEU B 295 1.21 -28.85 -25.89
C LEU B 295 -0.27 -28.67 -26.18
N GLN B 296 -0.95 -29.75 -26.56
CA GLN B 296 -2.39 -29.68 -26.85
C GLN B 296 -3.19 -29.43 -25.59
N SER B 297 -2.82 -30.09 -24.49
CA SER B 297 -3.55 -29.91 -23.23
C SER B 297 -3.24 -28.57 -22.58
N ALA B 298 -2.14 -27.92 -22.96
CA ALA B 298 -1.84 -26.60 -22.45
C ALA B 298 -2.57 -25.49 -23.20
N LYS B 299 -2.94 -25.74 -24.46
CA LYS B 299 -3.69 -24.76 -25.22
C LYS B 299 -5.12 -24.60 -24.71
N LYS B 300 -5.70 -25.66 -24.11
CA LYS B 300 -7.05 -25.57 -23.58
C LYS B 300 -7.12 -24.69 -22.34
N LYS B 301 -6.00 -24.45 -21.67
CA LYS B 301 -5.96 -23.64 -20.46
C LYS B 301 -5.24 -22.31 -20.68
N SER B 302 -4.88 -21.99 -21.93
CA SER B 302 -4.16 -20.78 -22.32
C SER B 302 -2.82 -20.66 -21.60
N ILE B 303 -1.98 -21.67 -21.81
CA ILE B 303 -0.65 -21.75 -21.22
C ILE B 303 0.33 -22.11 -22.32
N ARG B 304 1.35 -21.30 -22.49
CA ARG B 304 2.28 -21.43 -23.61
C ARG B 304 3.58 -22.03 -23.12
N VAL B 305 4.02 -23.10 -23.76
CA VAL B 305 5.22 -23.83 -23.34
C VAL B 305 6.42 -23.26 -24.07
N ILE B 306 7.42 -22.85 -23.30
CA ILE B 306 8.65 -22.25 -23.82
C ILE B 306 9.77 -23.24 -23.57
N LEU B 307 10.32 -23.82 -24.63
CA LEU B 307 11.30 -24.87 -24.48
C LEU B 307 12.69 -24.29 -24.24
N ASP B 308 13.38 -24.81 -23.23
CA ASP B 308 14.76 -24.44 -22.98
C ASP B 308 15.67 -25.05 -24.03
N LEU B 309 16.76 -24.35 -24.36
CA LEU B 309 17.69 -24.85 -25.35
C LEU B 309 19.13 -24.63 -24.93
N THR B 310 19.42 -24.77 -23.65
CA THR B 310 20.81 -24.76 -23.23
C THR B 310 21.43 -26.10 -23.61
N PRO B 311 22.44 -26.14 -24.49
CA PRO B 311 22.82 -27.40 -25.12
C PRO B 311 23.50 -28.39 -24.18
N ASN B 312 24.41 -27.93 -23.31
CA ASN B 312 25.06 -28.80 -22.34
C ASN B 312 24.55 -28.38 -20.96
N TYR B 313 23.43 -28.97 -20.54
CA TYR B 313 22.80 -28.63 -19.27
C TYR B 313 23.23 -29.55 -18.13
N ARG B 314 24.30 -30.31 -18.32
CA ARG B 314 24.85 -31.15 -17.27
C ARG B 314 26.31 -30.85 -16.96
N GLY B 315 27.04 -30.24 -17.89
CA GLY B 315 28.38 -29.76 -17.62
C GLY B 315 28.37 -28.41 -16.93
N GLU B 316 29.52 -28.05 -16.36
CA GLU B 316 29.63 -26.76 -15.68
C GLU B 316 29.73 -25.64 -16.70
N ASN B 317 30.31 -25.92 -17.87
CA ASN B 317 30.28 -24.96 -18.97
C ASN B 317 29.13 -25.33 -19.89
N SER B 318 28.16 -24.41 -20.02
CA SER B 318 26.89 -24.74 -20.63
C SER B 318 26.95 -24.85 -22.15
N TRP B 319 27.93 -24.25 -22.79
CA TRP B 319 27.84 -24.04 -24.23
C TRP B 319 28.99 -24.69 -25.01
N PHE B 320 29.44 -25.88 -24.59
CA PHE B 320 30.35 -26.73 -25.36
C PHE B 320 31.67 -26.05 -25.73
N SER B 321 32.58 -25.91 -24.75
CA SER B 321 33.78 -25.08 -24.76
C SER B 321 34.54 -24.93 -26.08
N THR B 322 34.74 -26.03 -26.80
CA THR B 322 35.35 -25.99 -28.12
C THR B 322 34.33 -26.38 -29.18
N GLN B 323 34.62 -25.98 -30.42
CA GLN B 323 33.73 -26.12 -31.59
C GLN B 323 32.40 -25.42 -31.33
N VAL B 324 32.50 -24.09 -31.14
CA VAL B 324 31.33 -23.30 -30.77
C VAL B 324 30.49 -22.97 -31.99
N ASP B 325 31.05 -23.14 -33.19
CA ASP B 325 30.38 -22.68 -34.40
C ASP B 325 29.37 -23.69 -34.93
N THR B 326 29.47 -24.96 -34.54
CA THR B 326 28.47 -25.93 -34.97
C THR B 326 27.32 -26.01 -33.97
N VAL B 327 27.59 -25.71 -32.70
CA VAL B 327 26.53 -25.70 -31.70
C VAL B 327 25.64 -24.48 -31.89
N ALA B 328 26.18 -23.43 -32.53
CA ALA B 328 25.34 -22.36 -33.04
C ALA B 328 24.41 -22.85 -34.14
N THR B 329 24.91 -23.74 -35.00
CA THR B 329 24.09 -24.28 -36.07
C THR B 329 23.30 -25.49 -35.58
N LYS B 330 23.69 -26.06 -34.44
CA LYS B 330 22.88 -27.13 -33.85
C LYS B 330 21.62 -26.56 -33.22
N VAL B 331 21.69 -25.32 -32.73
CA VAL B 331 20.50 -24.66 -32.20
C VAL B 331 19.70 -24.03 -33.33
N LYS B 332 20.39 -23.52 -34.35
CA LYS B 332 19.72 -22.90 -35.49
C LYS B 332 18.90 -23.92 -36.28
N ASP B 333 19.41 -25.14 -36.41
CA ASP B 333 18.64 -26.19 -37.07
C ASP B 333 17.53 -26.69 -36.17
N ALA B 334 17.70 -26.58 -34.85
CA ALA B 334 16.66 -27.05 -33.94
C ALA B 334 15.68 -25.94 -33.59
N LEU B 335 15.92 -24.73 -34.08
CA LEU B 335 14.94 -23.67 -33.92
C LEU B 335 13.80 -23.81 -34.93
N GLU B 336 14.01 -24.62 -35.96
CA GLU B 336 12.96 -24.86 -36.94
C GLU B 336 12.10 -26.06 -36.54
N PHE B 337 12.71 -27.06 -35.88
CA PHE B 337 12.03 -28.32 -35.65
C PHE B 337 10.97 -28.19 -34.56
N TRP B 338 11.32 -27.54 -33.44
CA TRP B 338 10.33 -27.36 -32.38
C TRP B 338 9.33 -26.26 -32.73
N LEU B 339 9.65 -25.40 -33.69
CA LEU B 339 8.70 -24.37 -34.08
C LEU B 339 7.66 -24.91 -35.05
N GLN B 340 7.99 -25.94 -35.81
CA GLN B 340 7.01 -26.65 -36.63
C GLN B 340 6.33 -27.77 -35.88
N ALA B 341 6.64 -27.96 -34.59
CA ALA B 341 5.99 -28.94 -33.75
C ALA B 341 5.11 -28.30 -32.69
N GLY B 342 5.16 -26.97 -32.57
CA GLY B 342 4.17 -26.25 -31.80
C GLY B 342 4.61 -25.67 -30.47
N VAL B 343 5.92 -25.55 -30.22
CA VAL B 343 6.32 -24.82 -29.02
C VAL B 343 6.15 -23.33 -29.28
N ASP B 344 6.03 -22.57 -28.21
CA ASP B 344 5.63 -21.17 -28.28
C ASP B 344 6.70 -20.23 -27.79
N GLY B 345 7.96 -20.43 -28.18
CA GLY B 345 9.04 -19.62 -27.69
C GLY B 345 10.25 -20.48 -27.39
N PHE B 346 11.29 -19.83 -26.90
CA PHE B 346 12.53 -20.52 -26.58
C PHE B 346 13.22 -19.79 -25.44
N GLN B 347 14.17 -20.48 -24.82
CA GLN B 347 14.97 -19.87 -23.76
C GLN B 347 16.37 -20.44 -23.78
N VAL B 348 17.37 -19.57 -23.85
CA VAL B 348 18.76 -19.97 -23.70
C VAL B 348 19.30 -19.32 -22.44
N ARG B 349 20.23 -20.00 -21.77
CA ARG B 349 20.82 -19.49 -20.56
C ARG B 349 22.33 -19.46 -20.70
N ASP B 350 22.96 -18.68 -19.81
CA ASP B 350 24.41 -18.56 -19.70
C ASP B 350 25.04 -18.10 -21.00
N ILE B 351 24.63 -16.93 -21.50
CA ILE B 351 25.15 -16.45 -22.77
C ILE B 351 26.43 -15.66 -22.57
N GLU B 352 26.95 -15.67 -21.34
CA GLU B 352 28.28 -15.16 -21.06
C GLU B 352 29.37 -16.19 -21.30
N ASN B 353 29.00 -17.43 -21.66
CA ASN B 353 29.97 -18.50 -21.83
C ASN B 353 30.26 -18.83 -23.28
N LEU B 354 29.62 -18.15 -24.23
CA LEU B 354 29.95 -18.35 -25.65
C LEU B 354 30.43 -17.03 -26.22
N LYS B 355 31.33 -17.11 -27.20
CA LYS B 355 31.78 -15.91 -27.88
C LYS B 355 30.73 -15.48 -28.89
N ASP B 356 30.85 -14.21 -29.33
CA ASP B 356 29.94 -13.54 -30.25
C ASP B 356 28.49 -13.58 -29.75
N ALA B 357 28.29 -13.14 -28.51
CA ALA B 357 26.99 -13.32 -27.87
C ALA B 357 25.94 -12.37 -28.44
N SER B 358 26.35 -11.18 -28.86
CA SER B 358 25.38 -10.20 -29.36
C SER B 358 24.98 -10.47 -30.79
N SER B 359 25.73 -11.28 -31.53
CA SER B 359 25.41 -11.55 -32.92
C SER B 359 24.60 -12.84 -33.07
N PHE B 360 24.86 -13.83 -32.21
CA PHE B 360 24.09 -15.06 -32.25
C PHE B 360 22.67 -14.85 -31.77
N LEU B 361 22.44 -13.89 -30.88
CA LEU B 361 21.09 -13.54 -30.48
C LEU B 361 20.35 -12.74 -31.53
N ALA B 362 21.03 -12.27 -32.58
CA ALA B 362 20.37 -11.56 -33.67
C ALA B 362 19.87 -12.51 -34.75
N GLU B 363 20.58 -13.62 -34.99
CA GLU B 363 20.12 -14.58 -35.97
C GLU B 363 18.92 -15.38 -35.45
N TRP B 364 18.87 -15.63 -34.15
CA TRP B 364 17.83 -16.47 -33.60
C TRP B 364 16.55 -15.70 -33.33
N GLN B 365 16.65 -14.42 -33.01
CA GLN B 365 15.46 -13.58 -32.90
C GLN B 365 14.81 -13.36 -34.25
N ASN B 366 15.59 -13.41 -35.34
CA ASN B 366 15.01 -13.32 -36.67
C ASN B 366 14.22 -14.59 -37.01
N ILE B 367 14.80 -15.76 -36.76
CA ILE B 367 14.16 -17.02 -37.08
C ILE B 367 12.90 -17.22 -36.24
N THR B 368 12.97 -16.83 -34.97
CA THR B 368 11.83 -17.02 -34.07
C THR B 368 10.71 -16.04 -34.37
N LYS B 369 11.03 -14.87 -34.93
CA LYS B 369 9.99 -13.91 -35.29
C LYS B 369 9.57 -14.06 -36.76
N GLY B 370 10.50 -14.51 -37.61
CA GLY B 370 10.17 -14.66 -39.02
C GLY B 370 9.22 -15.82 -39.28
N PHE B 371 9.19 -16.79 -38.37
CA PHE B 371 8.17 -17.82 -38.42
C PHE B 371 6.80 -17.25 -38.05
N SER B 372 6.72 -16.61 -36.89
CA SER B 372 5.54 -15.89 -36.46
C SER B 372 5.98 -14.85 -35.44
N GLU B 373 5.28 -13.71 -35.43
CA GLU B 373 5.71 -12.62 -34.55
C GLU B 373 5.07 -12.68 -33.17
N ASP B 374 4.55 -13.83 -32.75
CA ASP B 374 4.12 -14.05 -31.39
C ASP B 374 4.90 -15.20 -30.74
N ARG B 375 6.20 -15.23 -30.98
CA ARG B 375 7.10 -16.18 -30.34
C ARG B 375 8.11 -15.40 -29.51
N LEU B 376 8.81 -16.12 -28.63
CA LEU B 376 9.64 -15.50 -27.62
C LEU B 376 11.05 -16.05 -27.70
N LEU B 377 11.99 -15.31 -27.11
CA LEU B 377 13.37 -15.77 -26.96
C LEU B 377 13.93 -15.11 -25.72
N ILE B 378 13.91 -15.80 -24.59
CA ILE B 378 14.42 -15.28 -23.34
C ILE B 378 15.89 -15.69 -23.24
N ALA B 379 16.79 -14.71 -23.26
CA ALA B 379 18.17 -15.03 -23.00
C ALA B 379 18.46 -14.87 -21.51
N GLY B 380 19.53 -15.49 -21.06
CA GLY B 380 19.89 -15.46 -19.65
C GLY B 380 21.36 -15.19 -19.46
N THR B 381 21.68 -14.39 -18.46
CA THR B 381 23.04 -13.95 -18.22
C THR B 381 23.25 -13.96 -16.70
N ASN B 382 24.50 -14.09 -16.26
CA ASN B 382 24.80 -14.01 -14.84
C ASN B 382 25.42 -12.69 -14.42
N SER B 383 25.79 -11.83 -15.39
CA SER B 383 26.49 -10.60 -15.08
C SER B 383 25.56 -9.61 -14.39
N SER B 384 26.03 -9.03 -13.29
CA SER B 384 25.21 -8.19 -12.45
C SER B 384 25.34 -6.70 -12.76
N ASP B 385 26.41 -6.28 -13.42
CA ASP B 385 26.60 -4.86 -13.69
C ASP B 385 25.81 -4.42 -14.91
N LEU B 386 25.45 -3.14 -14.94
CA LEU B 386 24.50 -2.63 -15.94
C LEU B 386 25.13 -2.52 -17.32
N GLN B 387 26.42 -2.23 -17.39
CA GLN B 387 27.05 -1.92 -18.67
C GLN B 387 27.23 -3.13 -19.57
N GLN B 388 27.13 -4.35 -19.02
CA GLN B 388 27.11 -5.53 -19.87
C GLN B 388 25.70 -5.95 -20.26
N ILE B 389 24.69 -5.47 -19.55
CA ILE B 389 23.30 -5.82 -19.88
C ILE B 389 22.77 -4.93 -20.98
N LEU B 390 23.18 -3.65 -21.02
CA LEU B 390 22.72 -2.77 -22.08
C LEU B 390 23.36 -3.10 -23.42
N SER B 391 24.55 -3.73 -23.41
CA SER B 391 25.22 -4.07 -24.66
C SER B 391 24.53 -5.22 -25.37
N LEU B 392 23.79 -6.05 -24.63
CA LEU B 392 23.01 -7.10 -25.27
C LEU B 392 21.69 -6.56 -25.80
N LEU B 393 21.12 -5.56 -25.12
CA LEU B 393 19.83 -4.99 -25.51
C LEU B 393 19.95 -3.82 -26.48
N GLU B 394 21.15 -3.51 -26.97
CA GLU B 394 21.27 -2.42 -27.92
C GLU B 394 21.12 -2.92 -29.36
N SER B 395 21.43 -4.20 -29.59
CA SER B 395 21.19 -4.78 -30.90
C SER B 395 19.76 -5.26 -31.02
N ASN B 396 19.36 -6.20 -30.17
CA ASN B 396 17.99 -6.69 -30.14
C ASN B 396 17.23 -5.96 -29.04
N LYS B 397 16.08 -5.40 -29.40
CA LYS B 397 15.21 -4.74 -28.44
C LYS B 397 13.93 -5.52 -28.20
N ASP B 398 13.84 -6.73 -28.74
CA ASP B 398 12.63 -7.53 -28.66
C ASP B 398 12.78 -8.80 -27.85
N LEU B 399 13.92 -9.05 -27.23
CA LEU B 399 14.09 -10.20 -26.36
C LEU B 399 13.99 -9.81 -24.91
N LEU B 400 13.58 -10.75 -24.07
CA LEU B 400 13.73 -10.60 -22.65
C LEU B 400 15.14 -11.00 -22.24
N LEU B 401 15.71 -10.28 -21.29
CA LEU B 401 17.04 -10.60 -20.77
C LEU B 401 16.92 -10.77 -19.26
N THR B 402 16.84 -12.01 -18.81
CA THR B 402 16.87 -12.32 -17.39
C THR B 402 18.34 -12.33 -16.94
N SER B 403 18.58 -11.77 -15.76
CA SER B 403 19.94 -11.67 -15.26
C SER B 403 19.90 -11.54 -13.75
N SER B 404 21.08 -11.51 -13.13
CA SER B 404 21.22 -11.32 -11.70
C SER B 404 21.50 -9.87 -11.35
N TYR B 405 20.91 -8.93 -12.09
CA TYR B 405 21.09 -7.51 -11.83
C TYR B 405 20.50 -7.12 -10.49
N LEU B 406 19.28 -7.59 -10.20
CA LEU B 406 18.64 -7.30 -8.92
C LEU B 406 19.09 -8.25 -7.81
N SER B 407 20.05 -9.13 -8.06
CA SER B 407 20.37 -10.17 -7.09
C SER B 407 21.14 -9.61 -5.90
N ASP B 408 22.19 -8.85 -6.16
CA ASP B 408 23.00 -8.27 -5.10
C ASP B 408 22.47 -6.89 -4.70
N SER B 409 21.24 -6.89 -4.19
CA SER B 409 20.56 -5.66 -3.84
C SER B 409 21.06 -5.10 -2.51
N GLY B 410 21.44 -5.97 -1.59
CA GLY B 410 21.94 -5.53 -0.31
C GLY B 410 21.55 -6.48 0.80
N SER B 411 21.92 -6.09 2.03
CA SER B 411 21.63 -6.92 3.18
C SER B 411 20.16 -6.87 3.56
N THR B 412 19.55 -5.69 3.47
CA THR B 412 18.15 -5.51 3.82
C THR B 412 17.42 -4.78 2.69
N GLY B 413 17.86 -5.01 1.45
CA GLY B 413 17.28 -4.29 0.34
C GLY B 413 17.70 -2.84 0.30
N GLU B 414 19.01 -2.59 0.33
CA GLU B 414 19.50 -1.23 0.51
C GLU B 414 19.43 -0.43 -0.78
N HIS B 415 19.97 -0.97 -1.87
CA HIS B 415 20.02 -0.27 -3.14
C HIS B 415 18.89 -0.69 -4.08
N THR B 416 17.70 -1.01 -3.54
CA THR B 416 16.64 -1.50 -4.39
C THR B 416 15.96 -0.37 -5.15
N LYS B 417 15.70 0.75 -4.48
CA LYS B 417 15.19 1.94 -5.17
C LYS B 417 16.19 2.47 -6.18
N SER B 418 17.48 2.34 -5.88
CA SER B 418 18.50 2.83 -6.80
C SER B 418 18.62 1.93 -8.03
N LEU B 419 18.53 0.61 -7.84
CA LEU B 419 18.73 -0.31 -8.96
C LEU B 419 17.52 -0.37 -9.88
N VAL B 420 16.32 -0.17 -9.34
CA VAL B 420 15.12 -0.25 -10.16
C VAL B 420 14.98 1.00 -11.01
N THR B 421 15.22 2.17 -10.42
CA THR B 421 15.07 3.43 -11.13
C THR B 421 16.14 3.62 -12.19
N GLN B 422 17.39 3.29 -11.86
CA GLN B 422 18.50 3.55 -12.79
C GLN B 422 18.47 2.61 -13.99
N TYR B 423 17.83 1.44 -13.84
CA TYR B 423 17.76 0.52 -14.97
C TYR B 423 16.65 0.92 -15.94
N LEU B 424 15.55 1.47 -15.42
CA LEU B 424 14.46 1.88 -16.30
C LEU B 424 14.80 3.14 -17.08
N ASN B 425 15.69 3.97 -16.53
CA ASN B 425 16.12 5.12 -17.32
C ASN B 425 17.24 4.74 -18.29
N ALA B 426 17.94 3.64 -18.03
CA ALA B 426 19.03 3.22 -18.91
C ALA B 426 18.49 2.71 -20.23
N THR B 427 17.27 2.18 -20.25
CA THR B 427 16.65 1.67 -21.46
C THR B 427 15.57 2.58 -22.01
N GLY B 428 15.27 3.67 -21.32
CA GLY B 428 14.24 4.58 -21.81
C GLY B 428 12.84 4.03 -21.66
N ASN B 429 12.61 3.27 -20.58
CA ASN B 429 11.30 2.69 -20.22
C ASN B 429 10.76 1.76 -21.31
N ARG B 430 11.60 0.82 -21.74
CA ARG B 430 11.18 -0.22 -22.67
C ARG B 430 10.58 -1.39 -21.90
N TRP B 431 10.38 -2.50 -22.61
CA TRP B 431 9.89 -3.70 -21.96
C TRP B 431 11.05 -4.63 -21.62
N CYS B 432 11.01 -5.20 -20.41
CA CYS B 432 12.12 -5.96 -19.88
C CYS B 432 11.62 -6.89 -18.79
N SER B 433 12.23 -8.06 -18.69
CA SER B 433 11.88 -9.02 -17.66
C SER B 433 12.38 -8.54 -16.30
N TRP B 434 11.68 -8.95 -15.24
CA TRP B 434 12.05 -8.62 -13.87
C TRP B 434 12.16 -9.90 -13.08
N SER B 435 13.39 -10.33 -12.80
CA SER B 435 13.61 -11.56 -12.06
C SER B 435 14.89 -11.42 -11.25
N LEU B 436 14.96 -12.15 -10.14
CA LEU B 436 16.12 -12.06 -9.27
C LEU B 436 17.33 -12.75 -9.88
N SER B 437 17.14 -13.86 -10.59
CA SER B 437 18.25 -14.56 -11.19
C SER B 437 17.75 -15.33 -12.40
N GLN B 438 18.70 -15.88 -13.15
CA GLN B 438 18.34 -16.58 -14.38
C GLN B 438 17.83 -18.00 -14.13
N ALA B 439 18.26 -18.63 -13.03
CA ALA B 439 17.84 -20.01 -12.80
C ALA B 439 17.39 -20.24 -11.35
N ARG B 440 17.90 -19.44 -10.42
CA ARG B 440 17.75 -19.75 -9.01
C ARG B 440 16.45 -19.18 -8.45
N LEU B 441 16.11 -19.61 -7.23
CA LEU B 441 14.87 -19.22 -6.58
C LEU B 441 14.97 -17.82 -5.99
N LEU B 442 13.93 -17.45 -5.23
CA LEU B 442 13.94 -16.17 -4.52
C LEU B 442 14.76 -16.26 -3.25
N THR B 443 14.73 -17.41 -2.57
CA THR B 443 15.31 -17.49 -1.23
C THR B 443 16.81 -17.80 -1.27
N SER B 444 17.41 -17.78 -2.45
CA SER B 444 18.86 -17.90 -2.54
C SER B 444 19.50 -16.52 -2.44
N PHE B 445 18.68 -15.48 -2.31
CA PHE B 445 19.18 -14.11 -2.28
C PHE B 445 18.58 -13.26 -1.18
N LEU B 446 17.46 -13.64 -0.58
CA LEU B 446 16.73 -12.79 0.34
C LEU B 446 16.52 -13.50 1.67
N PRO B 447 16.40 -12.75 2.76
CA PRO B 447 15.87 -13.33 3.99
C PRO B 447 14.38 -13.61 3.84
N ALA B 448 13.87 -14.47 4.72
CA ALA B 448 12.47 -14.87 4.67
C ALA B 448 11.51 -13.74 5.01
N GLN B 449 11.99 -12.68 5.65
CA GLN B 449 11.18 -11.50 5.92
C GLN B 449 11.00 -10.61 4.70
N LEU B 450 11.79 -10.79 3.66
CA LEU B 450 11.72 -9.97 2.44
C LEU B 450 11.09 -10.70 1.27
N LEU B 451 10.44 -11.84 1.50
CA LEU B 451 9.84 -12.58 0.40
C LEU B 451 8.51 -11.97 -0.03
N ARG B 452 7.64 -11.67 0.92
CA ARG B 452 6.37 -11.02 0.60
C ARG B 452 6.56 -9.58 0.15
N LEU B 453 7.71 -8.98 0.43
CA LEU B 453 8.01 -7.62 0.01
C LEU B 453 8.56 -7.55 -1.40
N TYR B 454 9.12 -8.64 -1.92
CA TYR B 454 9.57 -8.64 -3.30
C TYR B 454 8.55 -9.22 -4.27
N GLN B 455 7.63 -10.07 -3.80
CA GLN B 455 6.58 -10.54 -4.69
C GLN B 455 5.58 -9.44 -4.97
N LEU B 456 5.43 -8.48 -4.07
CA LEU B 456 4.63 -7.31 -4.38
C LEU B 456 5.32 -6.42 -5.39
N MET B 457 6.65 -6.32 -5.34
CA MET B 457 7.36 -5.43 -6.25
C MET B 457 7.50 -6.02 -7.64
N LEU B 458 7.77 -7.33 -7.73
CA LEU B 458 8.06 -7.95 -9.03
C LEU B 458 6.83 -8.05 -9.92
N PHE B 459 5.62 -8.06 -9.35
CA PHE B 459 4.43 -8.08 -10.18
C PHE B 459 4.07 -6.70 -10.73
N THR B 460 4.33 -5.64 -9.97
CA THR B 460 3.80 -4.33 -10.34
C THR B 460 4.80 -3.46 -11.10
N LEU B 461 6.00 -3.94 -11.36
CA LEU B 461 6.93 -3.19 -12.17
C LEU B 461 6.65 -3.43 -13.66
N PRO B 462 6.95 -2.45 -14.52
CA PRO B 462 6.60 -2.60 -15.95
C PRO B 462 7.41 -3.65 -16.71
N GLY B 463 7.04 -4.90 -16.49
CA GLY B 463 7.60 -6.01 -17.27
C GLY B 463 6.96 -7.30 -16.85
N THR B 464 7.41 -8.39 -17.48
CA THR B 464 6.96 -9.72 -17.13
C THR B 464 7.82 -10.26 -16.01
N PRO B 465 7.28 -10.57 -14.83
CA PRO B 465 8.08 -11.26 -13.82
C PRO B 465 8.34 -12.69 -14.25
N VAL B 466 9.55 -13.16 -13.99
CA VAL B 466 9.96 -14.52 -14.35
C VAL B 466 10.32 -15.23 -13.06
N PHE B 467 9.35 -15.92 -12.47
CA PHE B 467 9.60 -16.68 -11.25
C PHE B 467 10.15 -18.05 -11.59
N SER B 468 10.89 -18.62 -10.64
CA SER B 468 11.16 -20.04 -10.73
C SER B 468 10.12 -20.78 -9.91
N TYR B 469 10.13 -22.11 -10.02
CA TYR B 469 9.14 -22.90 -9.30
C TYR B 469 9.50 -22.96 -7.82
N GLY B 470 8.49 -22.98 -6.97
CA GLY B 470 8.71 -22.89 -5.55
C GLY B 470 8.76 -21.48 -5.00
N ASP B 471 8.74 -20.46 -5.86
CA ASP B 471 8.76 -19.08 -5.42
C ASP B 471 7.38 -18.58 -5.03
N GLU B 472 6.35 -19.39 -5.16
CA GLU B 472 5.01 -19.02 -4.74
C GLU B 472 4.65 -19.57 -3.37
N ILE B 473 5.40 -20.55 -2.87
CA ILE B 473 5.18 -21.11 -1.53
C ILE B 473 6.35 -20.80 -0.61
N GLY B 474 7.37 -20.11 -1.11
CA GLY B 474 8.56 -19.86 -0.30
C GLY B 474 9.42 -21.08 -0.11
N LEU B 475 9.75 -21.77 -1.20
CA LEU B 475 10.61 -22.94 -1.13
C LEU B 475 12.03 -22.52 -0.80
N ASP B 476 12.72 -23.35 -0.03
CA ASP B 476 14.03 -23.01 0.50
C ASP B 476 15.02 -24.12 0.13
N ALA B 477 16.13 -23.72 -0.50
CA ALA B 477 17.17 -24.70 -0.83
C ALA B 477 17.89 -25.17 0.43
N ALA B 478 17.94 -24.33 1.45
CA ALA B 478 18.38 -24.73 2.77
C ALA B 478 17.20 -25.24 3.58
N ALA B 479 17.42 -25.43 4.88
CA ALA B 479 16.47 -25.88 5.91
C ALA B 479 15.90 -27.28 5.65
N LEU B 480 16.47 -28.04 4.71
CA LEU B 480 16.12 -29.42 4.47
C LEU B 480 17.45 -30.09 4.15
N PRO B 481 17.88 -31.07 4.94
CA PRO B 481 19.16 -31.73 4.66
C PRO B 481 19.07 -32.65 3.45
N GLY B 482 20.20 -32.81 2.77
CA GLY B 482 20.29 -33.67 1.61
C GLY B 482 19.54 -33.14 0.41
N GLN B 483 19.74 -31.86 0.10
CA GLN B 483 19.04 -31.22 -1.01
C GLN B 483 20.04 -30.57 -1.95
N PRO B 484 19.97 -30.84 -3.25
CA PRO B 484 20.75 -30.05 -4.21
C PRO B 484 20.14 -28.66 -4.35
N MET B 485 20.95 -27.65 -4.08
CA MET B 485 20.42 -26.28 -4.03
C MET B 485 20.15 -25.72 -5.41
N GLU B 486 20.64 -26.38 -6.46
CA GLU B 486 20.29 -25.97 -7.80
C GLU B 486 18.87 -26.39 -8.17
N ALA B 487 18.42 -27.55 -7.67
CA ALA B 487 17.09 -28.08 -7.96
C ALA B 487 16.50 -28.70 -6.70
N PRO B 488 15.78 -27.93 -5.90
CA PRO B 488 15.12 -28.49 -4.71
C PRO B 488 13.86 -29.26 -5.09
N VAL B 489 13.37 -30.03 -4.13
CA VAL B 489 12.16 -30.82 -4.30
C VAL B 489 10.96 -29.99 -3.86
N MET B 490 9.94 -29.94 -4.70
CA MET B 490 8.72 -29.24 -4.35
C MET B 490 7.99 -29.94 -3.21
N LEU B 491 7.30 -29.16 -2.38
CA LEU B 491 6.61 -29.66 -1.20
C LEU B 491 5.11 -29.53 -1.46
N TRP B 492 4.51 -30.58 -2.02
CA TRP B 492 3.08 -30.57 -2.30
C TRP B 492 2.26 -30.78 -1.04
N ASP B 493 2.56 -31.84 -0.30
CA ASP B 493 1.93 -32.13 0.98
C ASP B 493 3.02 -32.58 1.94
N GLU B 494 2.62 -33.13 3.09
CA GLU B 494 3.62 -33.61 4.05
C GLU B 494 4.25 -34.93 3.62
N SER B 495 3.72 -35.59 2.60
CA SER B 495 4.32 -36.79 2.03
C SER B 495 5.27 -36.48 0.87
N SER B 496 5.68 -35.22 0.72
CA SER B 496 6.51 -34.84 -0.41
C SER B 496 7.95 -35.26 -0.22
N PHE B 497 8.43 -35.27 1.03
CA PHE B 497 9.81 -35.63 1.33
C PHE B 497 9.82 -36.87 2.22
N PRO B 498 9.86 -38.08 1.63
CA PRO B 498 9.85 -39.28 2.47
C PRO B 498 11.22 -39.64 3.01
N ASP B 499 12.27 -38.96 2.56
CA ASP B 499 13.62 -39.32 3.00
C ASP B 499 13.86 -38.88 4.44
N ILE B 500 13.38 -37.70 4.80
CA ILE B 500 13.39 -37.22 6.18
C ILE B 500 11.95 -36.87 6.55
N PRO B 501 11.28 -37.67 7.37
CA PRO B 501 9.84 -37.47 7.56
C PRO B 501 9.49 -36.29 8.44
N GLY B 502 10.30 -35.99 9.44
CA GLY B 502 10.00 -34.90 10.36
C GLY B 502 10.44 -33.53 9.92
N ALA B 503 10.86 -33.37 8.66
CA ALA B 503 11.37 -32.07 8.23
C ALA B 503 10.24 -31.16 7.75
N VAL B 504 9.36 -31.69 6.90
CA VAL B 504 8.34 -30.89 6.24
C VAL B 504 7.17 -30.70 7.19
N SER B 505 6.86 -29.45 7.50
CA SER B 505 5.77 -29.10 8.39
C SER B 505 4.46 -29.00 7.60
N ALA B 506 3.43 -28.46 8.25
CA ALA B 506 2.11 -28.34 7.65
C ALA B 506 1.82 -26.95 7.10
N ASN B 507 2.75 -26.01 7.24
CA ASN B 507 2.61 -24.67 6.68
C ASN B 507 3.59 -24.40 5.56
N MET B 508 4.42 -25.39 5.21
CA MET B 508 5.40 -25.27 4.15
C MET B 508 4.96 -25.91 2.85
N THR B 509 3.74 -26.43 2.78
CA THR B 509 3.27 -27.22 1.65
C THR B 509 2.28 -26.43 0.81
N VAL B 510 2.04 -26.94 -0.39
CA VAL B 510 1.04 -26.34 -1.29
C VAL B 510 -0.36 -26.53 -0.73
N LYS B 511 -0.64 -27.73 -0.18
CA LYS B 511 -1.95 -27.99 0.41
C LYS B 511 -2.15 -27.19 1.68
N GLY B 512 -1.10 -27.04 2.48
CA GLY B 512 -1.24 -26.35 3.76
C GLY B 512 -1.38 -24.84 3.63
N GLN B 513 -0.95 -24.28 2.50
CA GLN B 513 -1.02 -22.84 2.30
C GLN B 513 -2.20 -22.42 1.43
N SER B 514 -2.93 -23.38 0.86
CA SER B 514 -4.02 -23.03 -0.04
C SER B 514 -5.23 -22.46 0.70
N GLU B 515 -5.51 -22.96 1.90
CA GLU B 515 -6.70 -22.51 2.61
C GLU B 515 -6.36 -21.39 3.60
N ASP B 516 -5.10 -21.28 3.98
CA ASP B 516 -4.66 -20.23 4.90
C ASP B 516 -4.63 -18.90 4.16
N PRO B 517 -5.49 -17.93 4.53
CA PRO B 517 -5.56 -16.68 3.74
C PRO B 517 -4.45 -15.71 4.05
N GLY B 518 -3.64 -15.96 5.07
CA GLY B 518 -2.52 -15.08 5.36
C GLY B 518 -1.19 -15.69 4.95
N SER B 519 -1.25 -16.73 4.13
CA SER B 519 -0.05 -17.46 3.71
C SER B 519 0.63 -16.71 2.57
N LEU B 520 1.62 -17.35 1.97
CA LEU B 520 2.34 -16.78 0.85
C LEU B 520 1.78 -17.23 -0.49
N LEU B 521 1.12 -18.39 -0.53
CA LEU B 521 0.51 -18.85 -1.76
C LEU B 521 -0.72 -18.04 -2.12
N SER B 522 -1.42 -17.50 -1.12
CA SER B 522 -2.56 -16.65 -1.42
C SER B 522 -2.12 -15.28 -1.93
N LEU B 523 -0.95 -14.82 -1.51
CA LEU B 523 -0.44 -13.54 -2.01
C LEU B 523 -0.03 -13.65 -3.47
N PHE B 524 0.55 -14.79 -3.86
CA PHE B 524 0.90 -15.01 -5.27
C PHE B 524 -0.34 -15.18 -6.14
N ARG B 525 -1.45 -15.62 -5.57
CA ARG B 525 -2.70 -15.76 -6.33
C ARG B 525 -3.55 -14.50 -6.30
N ARG B 526 -3.27 -13.57 -5.40
CA ARG B 526 -3.95 -12.28 -5.44
C ARG B 526 -3.20 -11.28 -6.31
N LEU B 527 -1.87 -11.35 -6.33
CA LEU B 527 -1.09 -10.40 -7.13
C LEU B 527 -1.06 -10.78 -8.59
N SER B 528 -0.96 -12.08 -8.90
CA SER B 528 -1.04 -12.48 -10.31
C SER B 528 -2.45 -12.37 -10.85
N ASP B 529 -3.45 -12.29 -9.97
CA ASP B 529 -4.79 -11.93 -10.42
C ASP B 529 -4.84 -10.49 -10.90
N GLN B 530 -4.22 -9.57 -10.16
CA GLN B 530 -4.24 -8.16 -10.53
C GLN B 530 -3.34 -7.87 -11.72
N ARG B 531 -2.28 -8.66 -11.90
CA ARG B 531 -1.36 -8.44 -13.00
C ARG B 531 -1.99 -8.85 -14.34
N SER B 532 -2.84 -9.86 -14.33
CA SER B 532 -3.49 -10.33 -15.55
C SER B 532 -4.75 -9.55 -15.89
N LYS B 533 -5.35 -8.86 -14.92
CA LYS B 533 -6.67 -8.28 -15.06
C LYS B 533 -6.64 -6.78 -15.37
N GLU B 534 -6.04 -5.98 -14.50
CA GLU B 534 -6.11 -4.54 -14.62
C GLU B 534 -5.19 -4.04 -15.72
N ARG B 535 -5.51 -2.86 -16.25
CA ARG B 535 -4.81 -2.31 -17.40
C ARG B 535 -3.71 -1.33 -17.02
N SER B 536 -3.69 -0.84 -15.79
CA SER B 536 -2.56 -0.04 -15.35
C SER B 536 -1.35 -0.91 -15.07
N LEU B 537 -1.56 -2.06 -14.41
CA LEU B 537 -0.45 -2.98 -14.16
C LEU B 537 -0.03 -3.69 -15.44
N LEU B 538 -0.89 -3.72 -16.45
CA LEU B 538 -0.57 -4.40 -17.69
C LEU B 538 0.41 -3.59 -18.53
N HIS B 539 -0.01 -2.40 -18.98
CA HIS B 539 0.85 -1.60 -19.84
C HIS B 539 0.80 -0.12 -19.48
N GLY B 540 0.59 0.21 -18.21
CA GLY B 540 0.61 1.59 -17.78
C GLY B 540 2.02 2.17 -17.72
N ASP B 541 2.10 3.38 -17.17
CA ASP B 541 3.37 4.07 -17.07
C ASP B 541 3.94 3.96 -15.66
N PHE B 542 5.18 4.40 -15.50
CA PHE B 542 5.93 4.25 -14.27
C PHE B 542 6.51 5.60 -13.88
N HIS B 543 6.21 6.05 -12.66
CA HIS B 543 6.74 7.33 -12.16
C HIS B 543 6.95 7.17 -10.66
N ALA B 544 8.21 6.99 -10.26
CA ALA B 544 8.56 6.85 -8.86
C ALA B 544 8.99 8.20 -8.30
N PHE B 545 8.40 8.58 -7.17
CA PHE B 545 8.64 9.89 -6.59
C PHE B 545 9.42 9.75 -5.29
N SER B 546 9.81 10.89 -4.74
CA SER B 546 10.62 10.91 -3.54
C SER B 546 9.78 10.59 -2.32
N ALA B 547 10.41 9.96 -1.33
CA ALA B 547 9.74 9.58 -0.09
C ALA B 547 10.77 9.64 1.02
N GLY B 548 10.44 9.02 2.15
CA GLY B 548 11.35 8.95 3.26
C GLY B 548 12.52 8.03 2.97
N PRO B 549 13.57 8.11 3.79
CA PRO B 549 14.73 7.25 3.57
C PRO B 549 14.45 5.83 4.05
N GLY B 550 14.73 4.87 3.18
CA GLY B 550 14.53 3.48 3.51
C GLY B 550 13.26 2.88 2.97
N LEU B 551 12.50 3.61 2.16
CA LEU B 551 11.28 3.05 1.58
C LEU B 551 11.14 3.52 0.14
N PHE B 552 10.47 2.68 -0.65
CA PHE B 552 10.35 2.82 -2.10
C PHE B 552 8.88 2.91 -2.46
N SER B 553 8.53 3.80 -3.37
CA SER B 553 7.14 4.00 -3.76
C SER B 553 7.07 4.56 -5.17
N TYR B 554 6.00 4.20 -5.87
CA TYR B 554 5.85 4.56 -7.28
C TYR B 554 4.37 4.48 -7.66
N ILE B 555 4.05 5.03 -8.82
CA ILE B 555 2.69 5.14 -9.30
C ILE B 555 2.57 4.37 -10.61
N ARG B 556 1.35 3.91 -10.93
CA ARG B 556 1.08 3.19 -12.17
C ARG B 556 -0.22 3.72 -12.77
N HIS B 557 -0.19 4.06 -14.05
CA HIS B 557 -1.35 4.72 -14.66
C HIS B 557 -1.37 4.52 -16.16
N TRP B 558 -2.56 4.21 -16.68
CA TRP B 558 -2.94 4.31 -18.09
C TRP B 558 -3.77 5.59 -18.24
N ASP B 559 -4.44 5.75 -19.39
CA ASP B 559 -5.19 6.96 -19.72
C ASP B 559 -6.24 7.31 -18.68
N GLN B 560 -7.25 6.45 -18.53
CA GLN B 560 -8.36 6.79 -17.66
C GLN B 560 -8.84 5.64 -16.78
N ASN B 561 -8.08 4.56 -16.68
CA ASN B 561 -8.49 3.41 -15.88
C ASN B 561 -8.10 3.63 -14.42
N GLU B 562 -8.18 2.57 -13.63
CA GLU B 562 -7.82 2.63 -12.22
C GLU B 562 -6.32 2.86 -12.08
N ARG B 563 -5.94 3.68 -11.10
CA ARG B 563 -4.54 4.00 -10.87
C ARG B 563 -4.06 3.23 -9.65
N PHE B 564 -2.76 2.89 -9.62
CA PHE B 564 -2.20 2.06 -8.58
C PHE B 564 -1.00 2.73 -7.94
N LEU B 565 -0.92 2.64 -6.62
CA LEU B 565 0.16 3.21 -5.83
C LEU B 565 0.71 2.14 -4.91
N VAL B 566 1.97 1.75 -5.14
CA VAL B 566 2.65 0.76 -4.32
C VAL B 566 3.60 1.50 -3.38
N VAL B 567 3.64 1.10 -2.11
CA VAL B 567 4.57 1.64 -1.13
C VAL B 567 5.26 0.48 -0.44
N LEU B 568 6.58 0.38 -0.59
CA LEU B 568 7.37 -0.71 -0.02
C LEU B 568 8.30 -0.13 1.03
N ASN B 569 8.29 -0.72 2.22
CA ASN B 569 9.14 -0.30 3.34
C ASN B 569 10.25 -1.32 3.51
N PHE B 570 11.45 -0.99 3.05
CA PHE B 570 12.57 -1.91 3.10
C PHE B 570 13.32 -1.87 4.42
N GLY B 571 12.99 -0.96 5.31
CA GLY B 571 13.70 -0.88 6.56
C GLY B 571 13.09 -1.75 7.64
N ASP B 572 13.90 -2.00 8.68
CA ASP B 572 13.49 -2.84 9.79
C ASP B 572 12.82 -2.04 10.91
N VAL B 573 12.23 -0.89 10.58
CA VAL B 573 11.60 -0.03 11.56
C VAL B 573 10.25 0.44 11.02
N GLY B 574 9.47 1.08 11.89
CA GLY B 574 8.18 1.59 11.51
C GLY B 574 8.21 3.01 11.00
N LEU B 575 8.77 3.23 9.82
CA LEU B 575 8.87 4.58 9.26
C LEU B 575 7.51 5.11 8.82
N SER B 576 7.32 6.41 8.95
CA SER B 576 6.15 7.10 8.42
C SER B 576 6.53 7.65 7.05
N ALA B 577 5.83 7.18 6.02
CA ALA B 577 6.17 7.58 4.66
C ALA B 577 5.74 9.00 4.39
N GLY B 578 6.70 9.86 4.12
CA GLY B 578 6.40 11.22 3.70
C GLY B 578 6.47 11.30 2.19
N LEU B 579 5.31 11.25 1.54
CA LEU B 579 5.23 11.18 0.09
C LEU B 579 5.23 12.59 -0.48
N GLN B 580 6.24 12.91 -1.26
CA GLN B 580 6.44 14.25 -1.84
C GLN B 580 6.14 14.17 -3.33
N ALA B 581 4.86 14.36 -3.68
CA ALA B 581 4.44 14.31 -5.08
C ALA B 581 4.51 15.72 -5.68
N SER B 582 5.71 16.08 -6.11
CA SER B 582 5.98 17.40 -6.67
C SER B 582 6.47 17.34 -8.11
N ASP B 583 6.67 16.15 -8.66
CA ASP B 583 7.16 16.01 -10.02
C ASP B 583 6.24 15.13 -10.86
N LEU B 584 5.12 14.68 -10.31
CA LEU B 584 4.19 13.86 -11.06
C LEU B 584 3.40 14.73 -12.04
N PRO B 585 2.99 14.18 -13.19
CA PRO B 585 2.13 14.94 -14.10
C PRO B 585 0.73 15.12 -13.54
N ALA B 586 -0.01 16.05 -14.13
CA ALA B 586 -1.33 16.40 -13.62
C ALA B 586 -2.37 15.31 -13.88
N SER B 587 -2.12 14.44 -14.85
CA SER B 587 -3.04 13.32 -15.09
C SER B 587 -2.93 12.28 -13.99
N ALA B 588 -1.72 12.05 -13.49
CA ALA B 588 -1.47 11.08 -12.44
C ALA B 588 -0.86 11.83 -11.25
N SER B 589 -1.72 12.37 -10.39
CA SER B 589 -1.29 13.01 -9.16
C SER B 589 -2.01 12.35 -7.99
N LEU B 590 -1.51 12.60 -6.81
CA LEU B 590 -2.00 11.82 -5.68
C LEU B 590 -3.30 12.41 -5.13
N PRO B 591 -4.22 11.56 -4.71
CA PRO B 591 -5.39 12.06 -3.98
C PRO B 591 -5.09 12.31 -2.51
N ALA B 592 -6.11 12.63 -1.72
CA ALA B 592 -5.93 12.74 -0.28
C ALA B 592 -6.21 11.43 0.44
N LYS B 593 -7.05 10.57 -0.13
CA LYS B 593 -7.30 9.24 0.41
C LYS B 593 -7.31 8.23 -0.74
N ALA B 594 -6.89 7.01 -0.42
CA ALA B 594 -6.93 5.92 -1.39
C ALA B 594 -7.14 4.62 -0.66
N ASP B 595 -8.06 3.79 -1.18
CA ASP B 595 -8.44 2.59 -0.46
C ASP B 595 -7.45 1.46 -0.68
N LEU B 596 -7.24 0.66 0.36
CA LEU B 596 -6.21 -0.38 0.38
C LEU B 596 -6.73 -1.63 -0.30
N LEU B 597 -6.05 -2.05 -1.37
CA LEU B 597 -6.41 -3.29 -2.03
C LEU B 597 -5.95 -4.49 -1.22
N LEU B 598 -4.64 -4.62 -1.02
CA LEU B 598 -4.10 -5.64 -0.13
C LEU B 598 -2.76 -5.16 0.41
N SER B 599 -2.45 -5.60 1.63
CA SER B 599 -1.15 -5.37 2.24
C SER B 599 -0.48 -6.71 2.48
N THR B 600 0.86 -6.72 2.46
CA THR B 600 1.58 -7.98 2.60
C THR B 600 1.66 -8.43 4.05
N GLN B 601 1.23 -7.59 4.99
CA GLN B 601 1.25 -7.99 6.39
C GLN B 601 -0.14 -7.89 6.98
N PRO B 602 -0.57 -8.88 7.77
CA PRO B 602 -1.89 -8.80 8.39
C PRO B 602 -1.89 -7.82 9.55
N GLY B 603 -3.00 -7.09 9.68
CA GLY B 603 -3.14 -6.11 10.74
C GLY B 603 -3.90 -4.87 10.34
N ARG B 604 -4.10 -4.69 9.03
CA ARG B 604 -4.91 -3.60 8.51
C ARG B 604 -6.19 -4.18 7.90
N GLU B 605 -7.24 -3.36 7.88
CA GLU B 605 -8.50 -3.76 7.27
C GLU B 605 -8.45 -3.38 5.79
N GLU B 606 -8.97 -4.26 4.94
CA GLU B 606 -8.83 -4.08 3.51
C GLU B 606 -10.08 -3.43 2.93
N GLY B 607 -9.89 -2.66 1.85
CA GLY B 607 -10.97 -2.01 1.17
C GLY B 607 -11.36 -0.64 1.70
N SER B 608 -11.04 -0.35 2.95
CA SER B 608 -11.39 0.94 3.54
C SER B 608 -10.46 2.02 2.98
N PRO B 609 -10.91 3.27 2.89
CA PRO B 609 -10.01 4.34 2.44
C PRO B 609 -8.93 4.63 3.47
N LEU B 610 -7.77 5.06 2.98
CA LEU B 610 -6.59 5.28 3.79
C LEU B 610 -5.96 6.62 3.44
N GLU B 611 -5.69 7.42 4.45
CA GLU B 611 -5.08 8.71 4.25
C GLU B 611 -3.63 8.55 3.82
N LEU B 612 -3.13 9.54 3.07
CA LEU B 612 -1.78 9.47 2.53
C LEU B 612 -0.76 10.30 3.27
N GLU B 613 -1.17 11.41 3.90
CA GLU B 613 -0.21 12.25 4.60
C GLU B 613 0.22 11.65 5.93
N ARG B 614 -0.57 10.74 6.49
CA ARG B 614 -0.22 10.01 7.71
C ARG B 614 -0.34 8.53 7.38
N LEU B 615 0.74 7.94 6.86
CA LEU B 615 0.69 6.57 6.36
C LEU B 615 1.19 5.57 7.41
N LYS B 616 2.41 5.75 7.91
CA LYS B 616 2.96 5.05 9.08
C LYS B 616 2.99 3.53 8.89
N LEU B 617 3.86 3.11 7.97
CA LEU B 617 4.01 1.69 7.68
C LEU B 617 4.66 0.95 8.85
N GLU B 618 4.54 -0.37 8.81
CA GLU B 618 5.10 -1.30 9.76
C GLU B 618 6.51 -1.71 9.33
N PRO B 619 7.25 -2.45 10.15
CA PRO B 619 8.52 -3.03 9.66
C PRO B 619 8.28 -4.04 8.55
N HIS B 620 8.90 -3.78 7.39
CA HIS B 620 8.89 -4.67 6.22
C HIS B 620 7.49 -4.90 5.68
N GLU B 621 6.63 -3.89 5.79
CA GLU B 621 5.28 -3.95 5.26
C GLU B 621 5.25 -3.29 3.89
N GLY B 622 4.44 -3.86 2.98
CA GLY B 622 4.19 -3.27 1.69
C GLY B 622 2.70 -3.06 1.50
N LEU B 623 2.34 -2.01 0.78
CA LEU B 623 0.93 -1.67 0.58
C LEU B 623 0.65 -1.55 -0.91
N LEU B 624 -0.61 -1.79 -1.27
CA LEU B 624 -1.09 -1.62 -2.64
C LEU B 624 -2.37 -0.81 -2.59
N LEU B 625 -2.27 0.46 -2.93
CA LEU B 625 -3.40 1.38 -2.86
C LEU B 625 -3.86 1.73 -4.26
N ARG B 626 -5.17 1.83 -4.44
CA ARG B 626 -5.77 2.19 -5.71
C ARG B 626 -6.59 3.45 -5.56
N PHE B 627 -6.74 4.18 -6.67
CA PHE B 627 -7.57 5.38 -6.70
C PHE B 627 -7.98 5.64 -8.15
N PRO B 628 -9.18 6.18 -8.38
CA PRO B 628 -9.66 6.37 -9.76
C PRO B 628 -9.04 7.55 -10.47
N TYR B 629 -9.55 7.84 -11.67
CA TYR B 629 -9.03 8.90 -12.54
C TYR B 629 -9.12 10.27 -11.90
N ALA B 630 -10.36 10.77 -11.72
CA ALA B 630 -10.68 11.97 -10.93
C ALA B 630 -9.89 13.21 -11.33
N ALA B 631 -9.54 13.33 -12.61
CA ALA B 631 -8.70 14.44 -13.05
C ALA B 631 -9.51 15.48 -13.82
N GLN C 1 38.84 1.87 12.52
CA GLN C 1 38.14 2.49 13.63
C GLN C 1 37.04 3.43 13.13
N VAL C 2 36.08 3.71 14.00
CA VAL C 2 34.95 4.60 13.69
C VAL C 2 35.04 5.79 14.62
N GLN C 3 35.35 6.96 14.07
CA GLN C 3 35.49 8.18 14.85
C GLN C 3 34.48 9.21 14.35
N LEU C 4 33.77 9.84 15.28
CA LEU C 4 32.87 10.93 14.98
C LEU C 4 33.32 12.14 15.78
N LYS C 5 34.21 12.94 15.20
CA LYS C 5 34.62 14.18 15.83
C LYS C 5 33.45 15.16 15.84
N GLU C 6 33.50 16.11 16.75
CA GLU C 6 32.41 17.06 16.87
C GLU C 6 32.98 18.41 17.30
N SER C 7 32.19 19.47 17.09
CA SER C 7 32.72 20.83 17.09
C SER C 7 33.13 21.30 18.49
N GLY C 8 32.55 20.70 19.52
CA GLY C 8 32.70 21.22 20.84
C GLY C 8 31.64 22.26 21.14
N PRO C 9 31.51 22.63 22.41
CA PRO C 9 30.35 23.44 22.83
C PRO C 9 30.41 24.89 22.37
N GLY C 10 29.25 25.45 22.09
CA GLY C 10 29.16 26.81 21.58
C GLY C 10 28.14 27.64 22.33
N LEU C 11 28.46 28.94 22.47
CA LEU C 11 27.60 29.89 23.15
C LEU C 11 26.99 30.85 22.13
N VAL C 12 25.68 31.07 22.23
CA VAL C 12 24.94 31.92 21.30
C VAL C 12 23.91 32.74 22.05
N ALA C 13 23.57 33.91 21.49
CA ALA C 13 22.48 34.73 22.01
C ALA C 13 21.14 34.08 21.67
N PRO C 14 20.09 34.37 22.43
CA PRO C 14 18.77 33.78 22.11
C PRO C 14 18.20 34.29 20.80
N SER C 15 17.35 33.44 20.21
CA SER C 15 16.76 33.61 18.88
C SER C 15 17.78 33.82 17.78
N GLN C 16 18.94 33.14 17.87
CA GLN C 16 19.90 33.09 16.79
C GLN C 16 20.03 31.65 16.36
N SER C 17 20.23 31.44 15.06
CA SER C 17 20.37 30.08 14.53
C SER C 17 21.73 29.50 14.88
N LEU C 18 21.77 28.18 15.01
CA LEU C 18 22.98 27.42 15.31
C LEU C 18 23.13 26.28 14.32
N SER C 19 24.32 26.14 13.75
CA SER C 19 24.66 25.00 12.92
C SER C 19 25.74 24.20 13.62
N ILE C 20 25.42 22.94 13.94
CA ILE C 20 26.37 22.06 14.62
C ILE C 20 26.87 21.04 13.61
N THR C 21 28.15 20.72 13.69
CA THR C 21 28.76 19.78 12.75
C THR C 21 29.15 18.49 13.47
N CYS C 22 29.22 17.41 12.68
CA CYS C 22 29.46 16.06 13.16
C CYS C 22 30.46 15.35 12.23
N THR C 23 31.63 15.96 12.03
CA THR C 23 32.63 15.44 11.10
C THR C 23 33.13 14.05 11.49
N VAL C 24 33.15 13.15 10.51
CA VAL C 24 33.38 11.73 10.74
C VAL C 24 34.65 11.28 10.04
N SER C 25 35.00 10.01 10.27
CA SER C 25 36.12 9.34 9.63
C SER C 25 35.97 7.85 9.86
N GLY C 26 36.56 7.06 8.96
CA GLY C 26 36.66 5.62 9.14
C GLY C 26 35.59 4.80 8.48
N PHE C 27 34.61 5.42 7.83
CA PHE C 27 33.53 4.71 7.18
C PHE C 27 32.99 5.59 6.06
N PRO C 28 32.43 4.99 5.00
CA PRO C 28 31.79 5.79 3.95
C PRO C 28 30.48 6.39 4.47
N LEU C 29 30.34 7.71 4.30
CA LEU C 29 29.20 8.42 4.89
C LEU C 29 27.90 8.06 4.20
N THR C 30 27.97 7.64 2.93
CA THR C 30 26.74 7.44 2.16
C THR C 30 26.07 6.11 2.44
N UNK C 31 26.68 5.23 3.23
CA UNK C 31 26.16 3.88 3.43
C UNK C 31 25.54 3.66 4.80
N UNK C 32 25.36 4.71 5.59
CA UNK C 32 24.80 4.56 6.93
C UNK C 32 24.10 5.85 7.33
N UNK C 33 23.04 5.70 8.12
CA UNK C 33 22.17 6.81 8.50
C UNK C 33 22.62 7.41 9.82
N UNK C 34 22.85 8.72 9.83
CA UNK C 34 23.38 9.43 10.99
C UNK C 34 22.26 10.19 11.69
N UNK C 35 22.01 9.85 12.95
CA UNK C 35 20.92 10.40 13.74
C UNK C 35 21.43 11.43 14.74
N TRP C 36 20.51 12.21 15.30
CA TRP C 36 20.84 13.26 16.25
C TRP C 36 19.98 13.11 17.51
N VAL C 37 20.60 13.24 18.67
CA VAL C 37 19.99 12.93 19.96
C VAL C 37 20.24 14.09 20.92
N ARG C 38 19.18 14.61 21.53
CA ARG C 38 19.27 15.72 22.47
C ARG C 38 19.19 15.17 23.88
N GLN C 39 20.01 15.71 24.78
CA GLN C 39 19.98 15.34 26.19
C GLN C 39 20.26 16.56 27.04
N PRO C 40 19.29 17.02 27.84
CA PRO C 40 19.60 18.01 28.87
C PRO C 40 20.28 17.34 30.05
N PRO C 41 21.13 18.05 30.78
CA PRO C 41 21.89 17.41 31.87
C PRO C 41 21.00 17.01 33.03
N GLY C 42 21.23 15.79 33.53
CA GLY C 42 20.44 15.27 34.61
C GLY C 42 19.04 14.82 34.24
N LYS C 43 18.80 14.52 32.97
CA LYS C 43 17.47 14.14 32.51
C LYS C 43 17.58 13.06 31.45
N GLY C 44 16.46 12.82 30.76
CA GLY C 44 16.39 11.72 29.83
C GLY C 44 16.77 12.10 28.42
N LEU C 45 16.95 11.09 27.59
CA LEU C 45 17.37 11.27 26.21
C LEU C 45 16.17 11.51 25.30
N GLU C 46 16.39 12.28 24.24
CA GLU C 46 15.36 12.59 23.26
C GLU C 46 15.96 12.52 21.87
N TRP C 47 15.16 12.08 20.91
CA TRP C 47 15.63 11.81 19.56
C TRP C 47 15.08 12.86 18.62
N LEU C 48 15.88 13.22 17.60
CA LEU C 48 15.58 14.38 16.77
C LEU C 48 15.30 14.04 15.32
N GLY C 49 16.14 13.22 14.68
CA GLY C 49 15.91 12.93 13.28
C GLY C 49 16.98 12.03 12.70
N UNK C 50 17.00 11.96 11.37
CA UNK C 50 17.91 11.09 10.63
C UNK C 50 18.37 11.79 9.36
N UNK C 51 19.29 11.14 8.65
CA UNK C 51 19.73 11.60 7.34
C UNK C 51 20.14 10.39 6.52
N UNK C 52 20.54 10.61 5.27
CA UNK C 52 20.87 9.53 4.36
C UNK C 52 21.79 10.06 3.26
N UNK C 53 21.99 9.25 2.23
CA UNK C 53 22.77 9.64 1.07
C UNK C 53 21.96 10.43 0.05
N UNK C 54 20.63 10.48 0.21
CA UNK C 54 19.77 11.29 -0.62
C UNK C 54 19.24 12.52 0.12
N UNK C 55 19.81 12.82 1.28
CA UNK C 55 19.43 13.94 2.16
C UNK C 55 17.94 13.91 2.52
N UNK C 56 17.47 12.73 2.89
CA UNK C 56 16.08 12.51 3.26
C UNK C 56 15.98 12.44 4.78
N UNK C 57 15.19 13.33 5.35
CA UNK C 57 15.09 13.47 6.80
C UNK C 57 13.84 12.76 7.32
N UNK C 58 13.93 12.25 8.54
CA UNK C 58 12.80 11.66 9.25
C UNK C 58 12.77 12.27 10.64
N UNK C 59 12.10 13.42 10.76
CA UNK C 59 12.14 14.21 11.99
C UNK C 59 11.07 13.74 12.97
N UNK C 60 11.24 14.14 14.22
CA UNK C 60 10.27 13.87 15.26
C UNK C 60 9.35 15.07 15.45
N UNK C 61 8.10 14.79 15.82
CA UNK C 61 7.07 15.82 15.77
C UNK C 61 7.22 16.87 16.86
N UNK C 62 7.86 16.53 17.98
CA UNK C 62 8.07 17.51 19.03
C UNK C 62 9.12 18.54 18.64
N UNK C 63 10.03 18.19 17.74
CA UNK C 63 11.15 19.03 17.35
C UNK C 63 11.31 19.03 15.84
N UNK C 64 10.21 19.17 15.12
CA UNK C 64 10.24 19.23 13.66
C UNK C 64 10.33 20.64 13.12
N UNK C 65 9.73 21.61 13.80
CA UNK C 65 9.59 22.96 13.25
C UNK C 65 10.89 23.74 13.31
N ARG C 66 11.69 23.53 14.36
CA ARG C 66 12.89 24.34 14.57
C ARG C 66 14.18 23.56 14.35
N LEU C 67 14.12 22.44 13.64
CA LEU C 67 15.32 21.69 13.30
C LEU C 67 15.33 21.35 11.82
N SER C 68 16.50 21.52 11.20
CA SER C 68 16.67 21.34 9.76
C SER C 68 17.97 20.60 9.53
N ILE C 69 17.88 19.27 9.42
CA ILE C 69 19.08 18.45 9.30
C ILE C 69 19.57 18.47 7.86
N SER C 70 20.87 18.68 7.70
CA SER C 70 21.51 18.71 6.38
C SER C 70 22.81 17.92 6.46
N LYS C 71 23.25 17.45 5.29
CA LYS C 71 24.47 16.66 5.20
C LYS C 71 25.33 17.17 4.05
N ASP C 72 26.60 17.44 4.33
CA ASP C 72 27.58 17.82 3.31
C ASP C 72 28.35 16.56 2.92
N ASN C 73 28.07 16.05 1.72
CA ASN C 73 28.69 14.80 1.27
C ASN C 73 30.17 14.97 0.92
N SER C 74 30.63 16.20 0.68
CA SER C 74 32.00 16.40 0.25
C SER C 74 33.00 16.23 1.39
N LYS C 75 32.82 16.98 2.48
CA LYS C 75 33.74 16.93 3.61
C LYS C 75 33.40 15.82 4.60
N SER C 76 32.38 15.00 4.30
CA SER C 76 31.87 13.93 5.16
C SER C 76 31.49 14.44 6.55
N GLN C 77 30.54 15.37 6.58
CA GLN C 77 29.98 15.86 7.83
C GLN C 77 28.53 16.23 7.61
N VAL C 78 27.74 16.16 8.67
CA VAL C 78 26.32 16.48 8.64
C VAL C 78 26.09 17.70 9.52
N PHE C 79 25.04 18.45 9.23
CA PHE C 79 24.73 19.68 9.92
C PHE C 79 23.34 19.61 10.55
N LEU C 80 23.14 20.42 11.59
CA LEU C 80 21.85 20.49 12.28
C LEU C 80 21.56 21.95 12.58
N LYS C 81 20.50 22.49 11.98
CA LYS C 81 20.18 23.90 12.07
C LYS C 81 19.16 24.13 13.19
N MET C 82 19.57 24.88 14.20
CA MET C 82 18.65 25.35 15.24
C MET C 82 17.94 26.60 14.75
N ASN C 83 16.73 26.81 15.27
CA ASN C 83 15.93 27.98 14.92
C ASN C 83 15.19 28.47 16.15
N SER C 84 15.32 29.77 16.44
CA SER C 84 14.60 30.47 17.51
C SER C 84 14.86 29.83 18.87
N LEU C 85 16.12 29.91 19.30
CA LEU C 85 16.55 29.24 20.52
C LEU C 85 15.96 29.90 21.75
N GLN C 86 15.10 29.16 22.45
CA GLN C 86 14.48 29.58 23.70
C GLN C 86 15.41 29.08 24.82
N THR C 87 15.14 29.48 26.07
CA THR C 87 16.06 29.16 27.16
C THR C 87 16.04 27.69 27.54
N ASP C 88 15.02 26.95 27.12
CA ASP C 88 15.01 25.50 27.36
C ASP C 88 15.58 24.73 26.16
N ASP C 89 16.74 25.19 25.69
CA ASP C 89 17.49 24.48 24.66
C ASP C 89 18.93 24.24 25.10
N THR C 90 19.28 24.62 26.31
CA THR C 90 20.60 24.35 26.86
C THR C 90 20.70 22.85 27.16
N ALA C 91 21.47 22.13 26.36
CA ALA C 91 21.53 20.68 26.43
C ALA C 91 22.79 20.20 25.71
N ARG C 92 23.00 18.90 25.74
CA ARG C 92 24.00 18.26 24.91
C ARG C 92 23.31 17.74 23.66
N TYR C 93 24.02 17.82 22.53
CA TYR C 93 23.46 17.39 21.25
C TYR C 93 24.38 16.33 20.68
N TYR C 94 24.08 15.07 20.99
CA TYR C 94 24.87 13.94 20.49
C TYR C 94 24.48 13.64 19.05
N CYS C 95 25.43 13.14 18.29
CA CYS C 95 25.24 12.77 16.90
C CYS C 95 25.74 11.35 16.75
N ALA C 96 24.81 10.41 16.66
CA ALA C 96 25.13 8.99 16.67
C ALA C 96 25.27 8.46 15.25
N ARG C 97 25.28 7.14 15.10
CA ARG C 97 25.42 6.50 13.81
C ARG C 97 24.72 5.15 13.85
N UNK C 98 23.72 4.98 13.00
CA UNK C 98 22.97 3.73 12.95
C UNK C 98 23.14 3.09 11.58
N UNK C 99 22.84 1.79 11.53
CA UNK C 99 22.91 1.03 10.29
C UNK C 99 21.79 1.46 9.35
N UNK C 100 21.81 0.91 8.13
CA UNK C 100 20.89 1.33 7.08
C UNK C 100 19.49 0.88 7.44
N UNK C 101 18.74 1.79 8.07
CA UNK C 101 17.36 1.60 8.51
C UNK C 101 17.23 0.43 9.49
N UNK C 102 17.88 0.57 10.64
CA UNK C 102 17.73 -0.36 11.75
C UNK C 102 17.42 0.29 13.08
N UNK C 103 17.75 1.57 13.27
CA UNK C 103 17.54 2.35 14.51
C UNK C 103 18.16 1.67 15.73
N UNK C 104 19.47 1.49 15.66
CA UNK C 104 20.27 0.97 16.78
C UNK C 104 21.57 1.77 16.73
N UNK C 105 21.61 2.85 17.50
CA UNK C 105 22.69 3.84 17.42
C UNK C 105 23.91 3.30 18.12
N UNK C 106 24.82 2.70 17.34
CA UNK C 106 25.94 1.97 17.94
C UNK C 106 27.08 2.91 18.30
N UNK C 107 27.68 3.57 17.31
CA UNK C 107 28.82 4.45 17.52
C UNK C 107 28.30 5.86 17.70
N TRP C 108 28.39 6.39 18.92
CA TRP C 108 27.86 7.71 19.22
C TRP C 108 28.91 8.79 19.02
N GLY C 109 28.46 10.03 19.08
CA GLY C 109 29.36 11.16 19.00
C GLY C 109 30.04 11.45 20.31
N GLN C 110 30.65 12.65 20.39
CA GLN C 110 31.37 13.02 21.59
C GLN C 110 30.60 14.02 22.43
N GLY C 111 29.68 14.75 21.81
CA GLY C 111 28.84 15.66 22.57
C GLY C 111 29.17 17.12 22.40
N THR C 112 28.14 17.95 22.21
CA THR C 112 28.28 19.39 22.11
C THR C 112 27.29 20.05 23.06
N SER C 113 27.82 20.80 24.03
CA SER C 113 27.02 21.40 25.09
C SER C 113 26.57 22.78 24.63
N VAL C 114 25.47 22.83 23.89
CA VAL C 114 24.90 24.10 23.47
C VAL C 114 24.34 24.82 24.68
N THR C 115 24.76 26.07 24.88
CA THR C 115 24.30 26.90 25.99
C THR C 115 23.88 28.26 25.46
N VAL C 116 22.61 28.59 25.65
CA VAL C 116 22.03 29.80 25.08
C VAL C 116 21.72 30.77 26.22
N SER C 117 22.13 32.01 26.03
CA SER C 117 22.03 33.07 27.03
C SER C 117 22.37 34.39 26.37
N SER C 118 22.04 35.48 27.06
CA SER C 118 22.33 36.82 26.55
C SER C 118 23.69 37.35 26.99
N ALA C 119 24.43 36.60 27.82
CA ALA C 119 25.61 37.12 28.49
C ALA C 119 26.81 37.13 27.53
N LYS C 120 27.99 37.40 28.08
CA LYS C 120 29.22 37.58 27.34
C LYS C 120 30.23 36.50 27.76
N THR C 121 31.01 36.03 26.79
CA THR C 121 32.09 35.09 27.07
C THR C 121 33.12 35.72 27.99
N THR C 122 33.57 34.97 28.99
CA THR C 122 34.53 35.44 29.96
C THR C 122 35.67 34.43 30.07
N PRO C 123 36.92 34.85 29.94
CA PRO C 123 38.04 33.92 30.09
C PRO C 123 38.27 33.59 31.55
N PRO C 124 38.72 32.38 31.86
CA PRO C 124 38.87 31.98 33.26
C PRO C 124 40.09 32.61 33.92
N SER C 125 40.00 32.77 35.23
CA SER C 125 41.08 33.29 36.06
C SER C 125 41.54 32.17 36.97
N VAL C 126 42.65 31.54 36.62
CA VAL C 126 43.13 30.34 37.29
C VAL C 126 44.18 30.72 38.32
N TYR C 127 44.03 30.20 39.55
CA TYR C 127 45.00 30.37 40.61
C TYR C 127 45.37 28.99 41.15
N PRO C 128 46.65 28.73 41.43
CA PRO C 128 47.04 27.44 42.00
C PRO C 128 46.70 27.38 43.48
N LEU C 129 46.96 26.22 44.08
CA LEU C 129 46.86 26.03 45.52
C LEU C 129 48.09 25.26 45.99
N ALA C 130 48.78 25.80 46.99
CA ALA C 130 49.96 25.19 47.55
C ALA C 130 49.73 24.84 49.02
N PRO C 131 50.23 23.70 49.49
CA PRO C 131 49.99 23.33 50.90
C PRO C 131 50.70 24.21 51.91
N GLY C 132 52.01 24.38 51.77
CA GLY C 132 52.77 25.15 52.75
C GLY C 132 52.86 24.41 54.07
N SER C 133 52.91 25.18 55.16
CA SER C 133 52.93 24.61 56.51
C SER C 133 52.42 25.64 57.51
N SER C 139 51.12 10.32 54.37
CA SER C 139 52.50 10.56 53.97
C SER C 139 52.59 11.31 52.65
N MET C 140 51.44 11.47 51.99
CA MET C 140 51.36 12.20 50.73
C MET C 140 50.65 13.52 50.93
N VAL C 141 50.79 14.41 49.94
CA VAL C 141 50.27 15.76 50.03
C VAL C 141 49.52 16.07 48.74
N THR C 142 48.61 17.04 48.80
CA THR C 142 47.69 17.34 47.72
C THR C 142 48.00 18.70 47.12
N LEU C 143 47.86 18.81 45.80
CA LEU C 143 48.00 20.07 45.08
C LEU C 143 46.66 20.45 44.48
N GLY C 144 46.33 21.73 44.51
CA GLY C 144 45.04 22.18 44.01
C GLY C 144 45.16 23.25 42.95
N CYS C 145 44.13 23.36 42.11
CA CYS C 145 44.08 24.32 41.02
C CYS C 145 42.67 24.92 40.96
N LEU C 146 42.54 26.15 41.44
CA LEU C 146 41.25 26.83 41.49
C LEU C 146 41.06 27.65 40.23
N VAL C 147 40.03 27.33 39.46
CA VAL C 147 39.71 28.02 38.22
C VAL C 147 38.43 28.80 38.47
N LYS C 148 38.52 30.12 38.44
CA LYS C 148 37.42 31.00 38.81
C LYS C 148 37.06 31.94 37.68
N GLY C 149 35.78 32.28 37.57
CA GLY C 149 35.32 33.33 36.70
C GLY C 149 35.37 33.05 35.21
N TYR C 150 34.53 32.12 34.75
CA TYR C 150 34.33 31.89 33.33
C TYR C 150 32.87 31.60 33.08
N PHE C 151 32.30 32.19 32.03
CA PHE C 151 30.88 31.96 31.78
C PHE C 151 30.51 30.68 31.02
N PRO C 152 31.12 30.31 29.88
CA PRO C 152 30.68 29.07 29.21
C PRO C 152 31.20 27.85 29.94
N GLU C 153 30.27 26.95 30.27
CA GLU C 153 30.48 25.99 31.36
C GLU C 153 31.57 24.93 31.15
N PRO C 154 31.75 24.27 29.97
CA PRO C 154 32.77 23.20 29.91
C PRO C 154 34.21 23.68 29.96
N VAL C 155 34.96 23.18 30.96
CA VAL C 155 36.40 23.36 31.08
C VAL C 155 37.00 22.02 31.47
N THR C 156 37.98 21.57 30.71
CA THR C 156 38.65 20.30 30.98
C THR C 156 40.02 20.58 31.59
N VAL C 157 40.21 20.15 32.85
CA VAL C 157 41.44 20.37 33.58
C VAL C 157 42.10 19.02 33.81
N THR C 158 43.32 18.86 33.29
CA THR C 158 44.17 17.72 33.61
C THR C 158 45.52 18.25 34.06
N TRP C 159 46.33 17.35 34.61
CA TRP C 159 47.60 17.71 35.22
C TRP C 159 48.75 17.26 34.31
N ASN C 160 49.47 18.24 33.76
CA ASN C 160 50.66 18.04 32.91
C ASN C 160 50.36 17.21 31.66
N SER C 161 49.12 17.28 31.19
CA SER C 161 48.65 16.74 29.91
C SER C 161 48.88 15.23 29.80
N GLY C 162 48.24 14.48 30.69
CA GLY C 162 48.30 13.03 30.67
C GLY C 162 49.41 12.42 31.50
N SER C 163 50.16 13.22 32.27
CA SER C 163 51.22 12.66 33.09
C SER C 163 50.67 12.08 34.39
N LEU C 164 49.83 12.85 35.09
CA LEU C 164 49.35 12.49 36.42
C LEU C 164 47.94 11.93 36.31
N SER C 165 47.76 10.66 36.68
CA SER C 165 46.47 10.00 36.63
C SER C 165 46.04 9.43 37.97
N SER C 166 46.71 9.80 39.06
CA SER C 166 46.42 9.29 40.39
C SER C 166 45.87 10.42 41.25
N GLY C 167 44.71 10.19 41.85
CA GLY C 167 44.11 11.18 42.72
C GLY C 167 43.56 12.40 42.02
N VAL C 168 43.34 12.33 40.71
CA VAL C 168 42.88 13.47 39.93
C VAL C 168 41.38 13.59 40.13
N HIS C 169 40.97 14.48 41.03
CA HIS C 169 39.57 14.74 41.32
C HIS C 169 39.23 16.12 40.79
N THR C 170 38.48 16.16 39.70
CA THR C 170 38.00 17.41 39.11
C THR C 170 36.54 17.58 39.48
N PHE C 171 36.24 18.61 40.24
CA PHE C 171 34.93 18.77 40.83
C PHE C 171 33.99 19.42 39.81
N PRO C 172 32.68 19.16 39.89
CA PRO C 172 31.74 19.81 38.95
C PRO C 172 31.64 21.31 39.16
N ALA C 173 31.25 22.03 38.13
CA ALA C 173 31.21 23.48 38.17
C ALA C 173 29.93 23.96 38.83
N VAL C 174 30.06 24.94 39.71
CA VAL C 174 28.94 25.54 40.39
C VAL C 174 28.78 26.97 39.86
N LEU C 175 27.56 27.51 39.98
CA LEU C 175 27.22 28.79 39.36
C LEU C 175 26.95 29.83 40.44
N GLN C 176 27.69 30.94 40.39
CA GLN C 176 27.41 32.08 41.25
C GLN C 176 27.88 33.34 40.55
N SER C 177 27.06 34.40 40.64
CA SER C 177 27.30 35.71 40.01
C SER C 177 27.45 35.59 38.50
N ASP C 178 26.69 34.65 37.91
CA ASP C 178 26.68 34.34 36.47
C ASP C 178 28.06 33.96 35.94
N LEU C 179 28.87 33.34 36.79
CA LEU C 179 30.15 32.77 36.40
C LEU C 179 30.28 31.40 37.04
N TYR C 180 31.20 30.61 36.51
CA TYR C 180 31.40 29.24 36.98
C TYR C 180 32.77 29.13 37.62
N THR C 181 32.84 28.41 38.74
CA THR C 181 34.10 28.18 39.43
C THR C 181 34.23 26.71 39.82
N LEU C 182 35.25 26.05 39.29
CA LEU C 182 35.58 24.68 39.65
C LEU C 182 37.00 24.62 40.15
N SER C 183 37.32 23.56 40.88
CA SER C 183 38.65 23.33 41.42
C SER C 183 39.02 21.87 41.23
N SER C 184 40.30 21.60 41.03
CA SER C 184 40.78 20.25 40.87
C SER C 184 41.79 19.91 41.95
N SER C 185 42.06 18.62 42.11
CA SER C 185 43.00 18.13 43.12
C SER C 185 43.76 16.95 42.57
N VAL C 186 44.99 16.77 43.04
CA VAL C 186 45.83 15.64 42.66
C VAL C 186 46.60 15.19 43.90
N THR C 187 46.71 13.89 44.09
CA THR C 187 47.40 13.30 45.23
C THR C 187 48.68 12.65 44.76
N VAL C 188 49.82 13.16 45.23
CA VAL C 188 51.14 12.62 44.90
C VAL C 188 51.97 12.58 46.18
N PRO C 189 53.01 11.73 46.25
CA PRO C 189 53.90 11.77 47.41
C PRO C 189 54.73 13.05 47.45
N SER C 190 55.29 13.33 48.62
CA SER C 190 56.11 14.53 48.80
C SER C 190 57.55 14.35 48.34
N SER C 191 57.87 13.20 47.74
CA SER C 191 59.21 13.01 47.20
C SER C 191 59.29 13.49 45.75
N THR C 192 58.15 13.58 45.08
CA THR C 192 58.14 13.91 43.66
C THR C 192 58.05 15.41 43.42
N TRP C 193 57.17 16.09 44.17
CA TRP C 193 56.84 17.48 43.84
C TRP C 193 57.96 18.48 44.14
N PRO C 194 58.77 18.34 45.21
CA PRO C 194 60.01 19.15 45.23
C PRO C 194 61.01 18.78 44.14
N SER C 195 61.09 17.50 43.76
CA SER C 195 62.03 17.04 42.76
C SER C 195 61.52 17.18 41.33
N GLU C 196 60.38 17.84 41.14
CA GLU C 196 59.78 18.07 39.83
C GLU C 196 59.00 19.37 39.93
N THR C 197 58.09 19.62 38.99
CA THR C 197 57.07 20.63 39.16
C THR C 197 55.81 20.16 38.46
N VAL C 198 54.68 20.32 39.13
CA VAL C 198 53.38 19.89 38.62
C VAL C 198 52.59 21.13 38.26
N THR C 199 52.13 21.18 37.01
CA THR C 199 51.53 22.39 36.45
C THR C 199 50.12 22.09 36.00
N CYS C 200 49.16 22.79 36.60
CA CYS C 200 47.77 22.72 36.17
C CYS C 200 47.61 23.34 34.80
N ASN C 201 46.89 22.65 33.92
CA ASN C 201 46.56 23.17 32.59
C ASN C 201 45.05 23.16 32.44
N VAL C 202 44.50 24.20 31.82
CA VAL C 202 43.06 24.33 31.60
C VAL C 202 42.81 24.40 30.11
N ALA C 203 41.61 24.02 29.71
CA ALA C 203 41.17 24.13 28.32
C ALA C 203 39.74 24.64 28.30
N HIS C 204 39.51 25.72 27.55
CA HIS C 204 38.21 26.37 27.48
C HIS C 204 37.76 26.35 26.03
N PRO C 205 37.03 25.32 25.60
CA PRO C 205 36.77 25.13 24.16
C PRO C 205 35.82 26.14 23.55
N ALA C 206 35.15 26.97 24.35
CA ALA C 206 34.37 28.06 23.78
C ALA C 206 35.22 29.28 23.44
N SER C 207 36.46 29.34 23.94
CA SER C 207 37.35 30.46 23.66
C SER C 207 38.78 30.06 23.33
N SER C 208 39.15 28.79 23.53
CA SER C 208 40.53 28.28 23.35
C SER C 208 41.54 29.05 24.18
N THR C 209 41.17 29.38 25.42
CA THR C 209 42.05 30.10 26.33
C THR C 209 42.77 29.07 27.21
N LYS C 210 43.94 28.66 26.78
CA LYS C 210 44.72 27.62 27.46
C LYS C 210 45.79 28.29 28.32
N VAL C 211 45.57 28.32 29.63
CA VAL C 211 46.47 28.97 30.56
C VAL C 211 47.03 27.93 31.51
N ASP C 212 48.35 27.98 31.71
CA ASP C 212 49.04 27.10 32.64
C ASP C 212 49.56 27.91 33.81
N LYS C 213 49.57 27.30 34.99
CA LYS C 213 50.09 27.93 36.20
C LYS C 213 51.06 26.94 36.86
N LYS C 214 52.35 27.18 36.71
CA LYS C 214 53.36 26.34 37.35
C LYS C 214 53.35 26.59 38.85
N ILE C 215 53.07 25.54 39.62
CA ILE C 215 52.83 25.66 41.05
C ILE C 215 54.14 25.94 41.77
N VAL C 216 54.19 27.06 42.47
CA VAL C 216 55.33 27.39 43.34
C VAL C 216 55.00 26.93 44.75
N PRO C 217 55.97 26.47 45.53
CA PRO C 217 55.68 26.06 46.91
C PRO C 217 55.70 27.26 47.85
N ARG C 218 54.85 27.18 48.87
CA ARG C 218 54.84 28.19 49.91
C ARG C 218 56.01 27.99 50.86
N ASP C 219 56.38 29.06 51.55
CA ASP C 219 57.50 29.04 52.47
C ASP C 219 57.03 28.80 53.89
N ASP D 1 2.46 6.99 19.86
CA ASP D 1 3.80 7.09 20.43
C ASP D 1 3.98 6.09 21.57
N ILE D 2 5.01 5.27 21.48
CA ILE D 2 5.31 4.28 22.51
C ILE D 2 5.90 5.00 23.72
N VAL D 3 5.45 4.62 24.90
CA VAL D 3 5.90 5.22 26.16
C VAL D 3 6.70 4.17 26.93
N MET D 4 7.92 4.52 27.31
CA MET D 4 8.82 3.61 28.02
C MET D 4 8.93 4.06 29.46
N SER D 5 8.76 3.13 30.39
CA SER D 5 8.78 3.42 31.81
C SER D 5 9.77 2.49 32.50
N GLN D 6 10.89 3.03 32.94
CA GLN D 6 11.91 2.25 33.63
C GLN D 6 11.62 2.26 35.12
N SER D 7 11.47 1.08 35.71
CA SER D 7 10.88 0.97 37.04
C SER D 7 11.78 1.48 38.17
N PRO D 8 13.01 0.92 38.42
CA PRO D 8 13.75 1.43 39.58
C PRO D 8 14.47 2.74 39.27
N SER D 9 14.15 3.79 40.02
CA SER D 9 14.72 5.10 39.73
C SER D 9 16.19 5.16 40.13
N SER D 10 16.54 4.54 41.25
CA SER D 10 17.92 4.53 41.72
C SER D 10 18.11 3.33 42.64
N LEU D 11 19.13 2.52 42.35
CA LEU D 11 19.45 1.33 43.12
C LEU D 11 20.89 1.42 43.61
N VAL D 12 21.19 0.70 44.69
CA VAL D 12 22.54 0.64 45.23
C VAL D 12 22.82 -0.81 45.62
N VAL D 13 23.92 -1.36 45.13
CA VAL D 13 24.32 -2.75 45.37
C VAL D 13 25.78 -2.78 45.78
N SER D 14 26.25 -3.92 46.26
CA SER D 14 27.68 -4.11 46.46
C SER D 14 28.26 -4.92 45.31
N VAL D 15 29.58 -5.13 45.36
CA VAL D 15 30.28 -5.77 44.27
C VAL D 15 29.95 -7.26 44.22
N GLY D 16 29.29 -7.67 43.14
CA GLY D 16 28.90 -9.06 42.99
C GLY D 16 27.58 -9.43 43.61
N GLU D 17 26.51 -8.69 43.32
CA GLU D 17 25.22 -8.93 43.95
C GLU D 17 24.09 -9.19 42.96
N LYS D 18 24.40 -9.32 41.68
CA LYS D 18 23.47 -9.75 40.62
C LYS D 18 22.25 -8.83 40.51
N VAL D 19 22.53 -7.60 40.09
CA VAL D 19 21.48 -6.59 40.01
C VAL D 19 20.65 -6.77 38.73
N THR D 20 19.35 -6.49 38.83
CA THR D 20 18.44 -6.47 37.71
C THR D 20 17.68 -5.15 37.72
N MET D 21 17.40 -4.62 36.53
CA MET D 21 16.57 -3.43 36.39
C MET D 21 15.47 -3.70 35.38
N SER D 22 14.24 -3.29 35.72
CA SER D 22 13.09 -3.65 34.91
C SER D 22 12.73 -2.53 33.95
N CYS D 23 11.88 -2.88 32.98
CA CYS D 23 11.39 -1.93 32.00
C CYS D 23 9.98 -2.32 31.58
N UNK D 24 9.24 -1.36 31.03
CA UNK D 24 7.87 -1.60 30.62
C UNK D 24 7.47 -0.61 29.54
N UNK D 25 6.90 -1.13 28.46
CA UNK D 25 6.47 -0.31 27.33
C UNK D 25 4.96 -0.19 27.34
N UNK D 26 4.44 0.93 26.83
CA UNK D 26 2.99 1.11 26.75
C UNK D 26 2.40 0.24 25.66
N UNK D 27 2.81 0.44 24.41
CA UNK D 27 2.43 -0.44 23.32
C UNK D 27 3.33 -1.66 23.33
N UNK D 28 2.86 -2.74 22.71
CA UNK D 28 3.64 -3.98 22.71
C UNK D 28 4.84 -3.86 21.78
N UNK D 29 6.01 -4.24 22.29
CA UNK D 29 7.25 -4.15 21.54
C UNK D 29 7.66 -5.49 20.95
N UNK D 30 6.67 -6.29 20.53
CA UNK D 30 6.91 -7.59 19.91
C UNK D 30 6.14 -7.62 18.59
N UNK D 31 6.86 -7.52 17.48
CA UNK D 31 6.24 -7.60 16.17
C UNK D 31 5.84 -9.05 15.91
N UNK D 32 4.54 -9.29 15.79
CA UNK D 32 4.02 -10.65 15.66
C UNK D 32 3.95 -11.09 14.20
N UNK D 33 5.07 -10.91 13.48
CA UNK D 33 5.23 -11.47 12.15
C UNK D 33 6.61 -12.14 12.08
N UNK D 34 7.53 -11.65 12.90
CA UNK D 34 8.85 -12.24 13.05
C UNK D 34 9.13 -12.72 14.47
N UNK D 35 8.28 -12.33 15.44
CA UNK D 35 8.37 -12.74 16.85
C UNK D 35 9.71 -12.37 17.48
N UNK D 36 10.25 -11.23 17.08
CA UNK D 36 11.47 -10.68 17.65
C UNK D 36 11.15 -9.42 18.43
N UNK D 37 11.51 -9.39 19.70
CA UNK D 37 11.24 -8.24 20.54
C UNK D 37 12.23 -7.12 20.22
N UNK D 38 11.73 -5.88 20.26
CA UNK D 38 12.49 -4.71 19.83
C UNK D 38 12.69 -3.77 21.00
N UNK D 39 13.85 -3.84 21.64
CA UNK D 39 14.21 -2.97 22.75
C UNK D 39 15.72 -2.93 22.87
N UNK D 40 16.25 -1.77 23.24
CA UNK D 40 17.69 -1.58 23.32
C UNK D 40 18.07 -1.10 24.72
N TRP D 41 19.35 -1.29 25.05
CA TRP D 41 19.87 -0.95 26.38
C TRP D 41 21.19 -0.23 26.21
N TYR D 42 21.24 1.03 26.66
CA TYR D 42 22.43 1.85 26.56
C TYR D 42 23.05 2.04 27.94
N GLN D 43 24.32 2.40 27.97
CA GLN D 43 25.05 2.61 29.22
C GLN D 43 25.78 3.93 29.16
N GLN D 44 25.48 4.83 30.08
CA GLN D 44 26.08 6.16 30.12
C GLN D 44 26.90 6.30 31.40
N LYS D 45 28.22 6.12 31.27
CA LYS D 45 29.13 6.44 32.35
C LYS D 45 29.13 7.94 32.60
N PRO D 46 29.39 8.39 33.83
CA PRO D 46 29.25 9.82 34.15
C PRO D 46 30.31 10.67 33.46
N GLY D 47 29.85 11.65 32.69
CA GLY D 47 30.72 12.51 31.94
C GLY D 47 31.08 12.01 30.56
N GLN D 48 30.39 11.00 30.06
CA GLN D 48 30.73 10.37 28.78
C GLN D 48 29.49 10.21 27.92
N SER D 49 29.74 9.93 26.64
CA SER D 49 28.66 9.65 25.72
C SER D 49 28.11 8.24 25.98
N PRO D 50 26.85 7.98 25.62
CA PRO D 50 26.29 6.65 25.86
C PRO D 50 26.90 5.59 24.94
N LYS D 51 26.65 4.33 25.30
CA LYS D 51 27.24 3.19 24.62
C LYS D 51 26.22 2.06 24.54
N LEU D 52 26.07 1.50 23.35
CA LEU D 52 25.10 0.44 23.13
C LEU D 52 25.60 -0.86 23.76
N LEU D 53 24.70 -1.57 24.43
CA LEU D 53 25.00 -2.88 25.01
C LEU D 53 24.20 -3.99 24.37
N ILE D 54 22.88 -3.82 24.26
CA ILE D 54 21.96 -4.87 23.84
C ILE D 54 21.02 -4.30 22.80
N TYR D 55 20.87 -4.99 21.67
CA TYR D 55 19.84 -4.67 20.71
C TYR D 55 19.02 -5.91 20.43
N UNK D 56 17.80 -5.72 19.92
CA UNK D 56 16.75 -6.72 19.68
C UNK D 56 16.42 -7.52 20.93
N UNK D 57 16.64 -6.94 22.12
CA UNK D 57 16.30 -7.35 23.48
C UNK D 57 17.12 -8.51 24.00
N UNK D 58 17.92 -9.20 23.18
CA UNK D 58 18.79 -10.23 23.71
C UNK D 58 20.16 -10.33 23.05
N UNK D 59 20.44 -9.58 22.00
CA UNK D 59 21.70 -9.69 21.27
C UNK D 59 22.70 -8.68 21.82
N UNK D 60 23.73 -9.17 22.49
CA UNK D 60 24.79 -8.29 22.99
C UNK D 60 25.61 -7.76 21.84
N UNK D 61 25.99 -6.48 21.93
CA UNK D 61 26.79 -5.87 20.88
C UNK D 61 28.23 -6.37 20.93
N UNK D 62 28.99 -6.03 19.89
CA UNK D 62 30.36 -6.49 19.78
C UNK D 62 31.26 -5.70 20.73
N GLY D 63 31.93 -6.41 21.63
CA GLY D 63 32.81 -5.78 22.59
C GLY D 63 32.21 -5.54 23.94
N VAL D 64 31.06 -6.14 24.24
CA VAL D 64 30.38 -5.97 25.51
C VAL D 64 30.75 -7.14 26.41
N PRO D 65 31.05 -6.93 27.69
CA PRO D 65 31.31 -8.05 28.60
C PRO D 65 30.07 -8.91 28.80
N ASP D 66 30.31 -10.17 29.14
CA ASP D 66 29.24 -11.16 29.22
C ASP D 66 28.45 -11.10 30.51
N ARG D 67 28.70 -10.12 31.39
CA ARG D 67 27.85 -9.94 32.56
C ARG D 67 26.47 -9.43 32.20
N PHE D 68 26.32 -8.75 31.08
CA PHE D 68 25.09 -8.08 30.70
C PHE D 68 24.21 -9.03 29.91
N THR D 69 23.17 -9.55 30.58
CA THR D 69 22.20 -10.43 29.95
C THR D 69 20.84 -9.76 29.98
N GLY D 70 20.17 -9.70 28.83
CA GLY D 70 18.85 -9.13 28.75
C GLY D 70 17.85 -10.10 28.18
N SER D 71 16.68 -10.20 28.81
CA SER D 71 15.70 -11.19 28.39
C SER D 71 14.30 -10.66 28.67
N GLY D 72 13.32 -11.37 28.13
CA GLY D 72 11.92 -10.99 28.23
C GLY D 72 11.35 -10.60 26.89
N SER D 73 10.02 -10.50 26.86
CA SER D 73 9.31 -10.09 25.66
C SER D 73 7.98 -9.48 26.07
N GLY D 74 7.17 -9.14 25.07
CA GLY D 74 5.87 -8.56 25.36
C GLY D 74 5.99 -7.10 25.73
N THR D 75 5.59 -6.78 26.96
CA THR D 75 5.72 -5.43 27.50
C THR D 75 6.54 -5.38 28.78
N ASP D 76 7.33 -6.41 29.05
CA ASP D 76 8.22 -6.45 30.21
C ASP D 76 9.60 -6.86 29.76
N PHE D 77 10.62 -6.13 30.21
CA PHE D 77 12.00 -6.41 29.86
C PHE D 77 12.87 -6.22 31.09
N THR D 78 14.06 -6.81 31.04
CA THR D 78 14.96 -6.83 32.19
C THR D 78 16.40 -6.89 31.72
N LEU D 79 17.21 -5.93 32.17
CA LEU D 79 18.65 -6.01 32.01
C LEU D 79 19.24 -6.57 33.30
N THR D 80 20.12 -7.56 33.17
CA THR D 80 20.70 -8.25 34.30
C THR D 80 22.21 -8.19 34.20
N ILE D 81 22.86 -7.67 35.24
CA ILE D 81 24.29 -7.83 35.42
C ILE D 81 24.49 -9.04 36.33
N SER D 82 25.32 -9.98 35.90
CA SER D 82 25.51 -11.21 36.67
C SER D 82 26.27 -10.94 37.97
N SER D 83 27.32 -10.13 37.90
CA SER D 83 28.06 -9.72 39.07
C SER D 83 28.74 -8.40 38.72
N VAL D 84 28.34 -7.32 39.40
CA VAL D 84 28.86 -6.00 39.06
C VAL D 84 30.32 -5.88 39.44
N LYS D 85 31.04 -5.05 38.71
CA LYS D 85 32.42 -4.72 39.02
C LYS D 85 32.49 -3.31 39.59
N ALA D 86 33.72 -2.85 39.82
CA ALA D 86 33.92 -1.52 40.39
C ALA D 86 33.66 -0.43 39.37
N GLU D 87 33.78 -0.76 38.08
CA GLU D 87 33.67 0.24 37.02
C GLU D 87 32.31 0.23 36.32
N ASP D 88 31.36 -0.60 36.78
CA ASP D 88 30.05 -0.66 36.16
C ASP D 88 29.08 0.38 36.70
N LEU D 89 29.58 1.38 37.41
CA LEU D 89 28.77 2.50 37.87
C LEU D 89 28.47 3.42 36.70
N ALA D 90 27.20 3.47 36.29
CA ALA D 90 26.77 4.22 35.11
C ALA D 90 25.25 4.37 35.19
N VAL D 91 24.66 4.90 34.12
CA VAL D 91 23.21 5.07 34.01
C VAL D 91 22.72 4.31 32.79
N TYR D 92 21.68 3.50 32.95
CA TYR D 92 21.22 2.60 31.91
C TYR D 92 19.86 3.03 31.39
N TYR D 93 19.72 3.06 30.08
CA TYR D 93 18.57 3.62 29.38
C TYR D 93 17.85 2.54 28.58
N CYS D 94 16.80 2.95 27.87
CA CYS D 94 15.96 2.04 27.10
C CYS D 94 15.48 2.75 25.85
N UNK D 95 15.66 2.14 24.69
CA UNK D 95 15.12 2.71 23.46
C UNK D 95 13.97 1.85 22.94
N UNK D 96 13.45 2.23 21.78
CA UNK D 96 12.38 1.51 21.08
C UNK D 96 12.89 1.29 19.66
N UNK D 97 13.52 0.14 19.42
CA UNK D 97 14.21 -0.15 18.17
C UNK D 97 13.27 -0.33 16.98
N UNK D 98 11.95 -0.26 17.16
CA UNK D 98 11.00 -0.36 16.04
C UNK D 98 9.88 0.65 16.27
N UNK D 99 10.08 1.87 15.76
CA UNK D 99 9.14 2.97 15.92
C UNK D 99 9.56 4.10 15.00
N UNK D 100 8.60 4.97 14.67
CA UNK D 100 8.92 6.17 13.92
C UNK D 100 9.64 7.18 14.81
N UNK D 101 9.00 7.58 15.90
CA UNK D 101 9.61 8.47 16.89
C UNK D 101 10.19 7.60 18.00
N UNK D 102 11.50 7.48 18.03
CA UNK D 102 12.14 6.58 19.00
C UNK D 102 12.21 7.26 20.36
N UNK D 103 11.32 6.85 21.27
CA UNK D 103 11.21 7.43 22.60
C UNK D 103 12.16 6.69 23.53
N PHE D 104 13.05 7.44 24.17
CA PHE D 104 14.02 6.83 25.06
C PHE D 104 13.42 6.60 26.44
N GLY D 105 14.22 5.95 27.30
CA GLY D 105 13.77 5.61 28.63
C GLY D 105 13.90 6.75 29.62
N GLY D 106 13.48 6.47 30.85
CA GLY D 106 13.61 7.47 31.89
C GLY D 106 15.03 7.55 32.44
N GLY D 107 15.61 6.41 32.76
CA GLY D 107 16.96 6.37 33.30
C GLY D 107 16.99 5.71 34.66
N THR D 108 18.10 5.03 34.95
CA THR D 108 18.31 4.35 36.21
C THR D 108 19.78 4.44 36.59
N LYS D 109 20.07 5.05 37.73
CA LYS D 109 21.44 5.25 38.18
C LYS D 109 21.84 4.11 39.10
N LEU D 110 22.99 3.50 38.80
CA LEU D 110 23.54 2.40 39.58
C LEU D 110 24.65 2.92 40.48
N GLU D 111 24.44 2.85 41.78
CA GLU D 111 25.46 3.18 42.77
C GLU D 111 26.17 1.90 43.19
N ILE D 112 27.16 2.05 44.08
CA ILE D 112 27.95 0.92 44.56
C ILE D 112 28.11 1.05 46.07
N LYS D 113 27.71 0.01 46.80
CA LYS D 113 27.96 -0.07 48.24
C LYS D 113 29.39 -0.50 48.53
N ARG D 114 30.00 0.20 49.48
CA ARG D 114 31.32 -0.16 49.98
C ARG D 114 31.33 0.08 51.47
N ALA D 115 32.37 -0.44 52.13
CA ALA D 115 32.57 -0.17 53.56
C ALA D 115 32.90 1.30 53.78
N ASP D 116 32.59 1.79 54.97
CA ASP D 116 32.79 3.21 55.26
C ASP D 116 34.27 3.55 55.35
N ALA D 117 34.59 4.81 55.03
CA ALA D 117 35.95 5.30 55.11
C ALA D 117 35.93 6.79 55.43
N ALA D 118 36.89 7.20 56.22
CA ALA D 118 37.03 8.54 56.73
C ALA D 118 37.64 9.46 55.67
N PRO D 119 37.30 10.76 55.68
CA PRO D 119 37.88 11.67 54.69
C PRO D 119 39.35 11.98 54.90
N THR D 120 39.91 12.82 54.03
CA THR D 120 41.29 13.31 54.13
C THR D 120 41.23 14.81 53.94
N VAL D 121 41.05 15.54 55.03
CA VAL D 121 40.79 16.97 54.98
C VAL D 121 42.10 17.71 54.70
N SER D 122 42.06 18.65 53.76
CA SER D 122 43.19 19.51 53.47
C SER D 122 42.67 20.93 53.26
N ILE D 123 43.37 21.91 53.81
CA ILE D 123 42.96 23.31 53.72
C ILE D 123 44.07 24.11 53.07
N PHE D 124 43.70 24.99 52.14
CA PHE D 124 44.65 25.76 51.36
C PHE D 124 44.44 27.25 51.58
N PRO D 125 45.51 28.03 51.75
CA PRO D 125 45.37 29.49 51.76
C PRO D 125 45.24 30.02 50.35
N PRO D 126 44.83 31.27 50.17
CA PRO D 126 44.80 31.84 48.81
C PRO D 126 46.20 32.02 48.24
N SER D 127 46.27 31.92 46.92
CA SER D 127 47.56 31.93 46.24
C SER D 127 48.06 33.36 46.06
N SER D 128 49.31 33.46 45.59
CA SER D 128 49.92 34.78 45.39
C SER D 128 49.33 35.49 44.18
N GLU D 129 48.86 34.73 43.18
CA GLU D 129 48.25 35.37 42.01
C GLU D 129 46.88 35.92 42.35
N GLN D 130 46.10 35.20 43.16
CA GLN D 130 44.79 35.68 43.57
C GLN D 130 44.92 36.86 44.52
N LEU D 131 46.01 36.91 45.30
CA LEU D 131 46.23 38.02 46.21
C LEU D 131 46.59 39.31 45.45
N THR D 132 47.07 39.17 44.21
CA THR D 132 47.44 40.34 43.43
C THR D 132 46.22 41.04 42.85
N SER D 133 45.24 40.26 42.40
CA SER D 133 44.09 40.85 41.70
C SER D 133 43.13 41.54 42.65
N GLY D 134 43.14 41.17 43.93
CA GLY D 134 42.26 41.78 44.91
C GLY D 134 41.17 40.90 45.45
N GLY D 135 41.27 39.59 45.28
CA GLY D 135 40.27 38.66 45.77
C GLY D 135 40.89 37.65 46.71
N ALA D 136 40.05 37.06 47.56
CA ALA D 136 40.50 36.08 48.54
C ALA D 136 39.47 34.97 48.66
N SER D 137 39.93 33.72 48.61
CA SER D 137 39.09 32.55 48.79
C SER D 137 39.93 31.41 49.31
N VAL D 138 39.43 30.73 50.36
CA VAL D 138 40.12 29.60 50.96
C VAL D 138 39.34 28.33 50.63
N VAL D 139 40.05 27.22 50.50
CA VAL D 139 39.50 25.97 49.98
C VAL D 139 39.74 24.87 51.01
N CYS D 140 38.74 24.01 51.22
CA CYS D 140 38.85 22.87 52.11
C CYS D 140 38.40 21.62 51.37
N PHE D 141 39.36 20.82 50.92
CA PHE D 141 39.05 19.58 50.21
C PHE D 141 38.77 18.44 51.18
N LEU D 142 38.00 17.47 50.70
CA LEU D 142 37.64 16.28 51.49
C LEU D 142 37.69 15.08 50.54
N ASN D 143 38.69 14.23 50.69
CA ASN D 143 38.96 13.17 49.73
C ASN D 143 38.57 11.81 50.27
N ASN D 144 38.01 10.98 49.39
CA ASN D 144 37.91 9.52 49.51
C ASN D 144 37.00 9.03 50.63
N PHE D 145 35.87 9.67 50.86
CA PHE D 145 34.91 9.14 51.83
C PHE D 145 33.76 8.44 51.12
N TYR D 146 33.28 7.34 51.69
CA TYR D 146 32.18 6.60 51.06
C TYR D 146 30.79 7.22 51.18
N PRO D 147 30.23 7.49 52.38
CA PRO D 147 28.76 7.60 52.47
C PRO D 147 28.16 8.85 51.85
N LYS D 148 28.97 9.77 51.36
CA LYS D 148 28.62 10.92 50.52
C LYS D 148 27.66 11.89 51.18
N ASP D 149 27.60 11.97 52.51
CA ASP D 149 26.80 12.97 53.21
C ASP D 149 27.64 13.58 54.34
N ILE D 150 28.37 14.63 54.01
CA ILE D 150 29.18 15.37 54.96
C ILE D 150 28.64 16.79 55.07
N ASN D 151 28.39 17.24 56.30
CA ASN D 151 28.05 18.63 56.54
C ASN D 151 29.30 19.36 57.01
N VAL D 152 29.90 20.14 56.12
CA VAL D 152 31.07 20.93 56.43
C VAL D 152 30.60 22.25 57.03
N LYS D 153 31.15 22.60 58.19
CA LYS D 153 30.84 23.88 58.81
C LYS D 153 32.13 24.68 58.95
N TRP D 154 32.05 25.95 58.58
CA TRP D 154 33.20 26.84 58.60
C TRP D 154 33.23 27.66 59.88
N LYS D 155 34.41 27.81 60.45
CA LYS D 155 34.60 28.64 61.63
C LYS D 155 35.82 29.54 61.40
N ILE D 156 35.68 30.80 61.76
CA ILE D 156 36.77 31.77 61.66
C ILE D 156 37.19 32.13 63.08
N ASP D 157 38.35 31.57 63.51
CA ASP D 157 39.01 31.71 64.82
C ASP D 157 38.04 31.76 66.01
N GLY D 158 37.09 30.83 66.02
CA GLY D 158 36.11 30.77 67.08
C GLY D 158 34.74 31.30 66.74
N SER D 159 34.54 31.83 65.53
CA SER D 159 33.24 32.33 65.10
C SER D 159 32.76 31.48 63.93
N GLU D 160 31.64 30.78 64.12
CA GLU D 160 31.09 29.90 63.11
C GLU D 160 30.46 30.74 62.00
N ARG D 161 31.08 30.74 60.83
CA ARG D 161 30.59 31.46 59.67
C ARG D 161 29.90 30.47 58.74
N GLN D 162 28.62 30.71 58.46
CA GLN D 162 27.81 29.80 57.68
C GLN D 162 26.95 30.54 56.65
N ASN D 163 27.46 31.65 56.14
CA ASN D 163 26.73 32.47 55.17
C ASN D 163 27.59 32.64 53.92
N GLY D 164 27.10 32.13 52.79
CA GLY D 164 27.83 32.22 51.55
C GLY D 164 29.03 31.31 51.48
N VAL D 165 28.80 30.01 51.56
CA VAL D 165 29.83 29.01 51.35
C VAL D 165 29.38 28.11 50.21
N LEU D 166 30.33 27.61 49.44
CA LEU D 166 30.03 26.79 48.28
C LEU D 166 30.41 25.34 48.54
N ASN D 167 29.64 24.43 47.97
CA ASN D 167 29.88 23.00 48.11
C ASN D 167 29.57 22.33 46.79
N SER D 168 30.38 21.33 46.44
CA SER D 168 30.19 20.62 45.18
C SER D 168 30.74 19.20 45.34
N TRP D 169 29.85 18.25 45.56
CA TRP D 169 30.25 16.85 45.55
C TRP D 169 30.58 16.43 44.12
N THR D 170 31.52 15.50 44.00
CA THR D 170 31.81 14.85 42.74
C THR D 170 31.10 13.51 42.69
N ASP D 171 30.90 13.01 41.48
CA ASP D 171 30.31 11.69 41.31
C ASP D 171 31.25 10.61 41.83
N GLN D 172 30.67 9.45 42.10
CA GLN D 172 31.38 8.35 42.75
C GLN D 172 32.48 7.79 41.85
N ASP D 173 33.61 7.47 42.45
CA ASP D 173 34.78 7.02 41.72
C ASP D 173 34.55 5.66 41.08
N SER D 174 35.34 5.38 40.05
CA SER D 174 35.27 4.10 39.36
C SER D 174 36.33 3.12 39.83
N LYS D 175 37.36 3.61 40.53
CA LYS D 175 38.46 2.77 41.01
C LYS D 175 38.21 2.27 42.43
N ASP D 176 38.03 3.17 43.37
CA ASP D 176 37.85 2.82 44.77
C ASP D 176 36.46 3.12 45.30
N SER D 177 35.54 3.55 44.42
CA SER D 177 34.11 3.71 44.71
C SER D 177 33.85 4.73 45.83
N THR D 178 34.69 5.76 45.87
CA THR D 178 34.59 6.79 46.91
C THR D 178 34.14 8.12 46.31
N TYR D 179 33.80 9.04 47.19
CA TYR D 179 33.36 10.37 46.80
C TYR D 179 34.45 11.39 47.11
N SER D 180 34.19 12.65 46.79
CA SER D 180 35.04 13.76 47.17
C SER D 180 34.18 15.00 47.31
N MET D 181 34.65 15.93 48.14
CA MET D 181 33.89 17.14 48.40
C MET D 181 34.86 18.31 48.56
N SER D 182 34.56 19.40 47.88
CA SER D 182 35.31 20.64 48.01
C SER D 182 34.43 21.67 48.72
N SER D 183 35.09 22.67 49.31
CA SER D 183 34.36 23.70 50.06
C SER D 183 35.18 24.98 50.00
N THR D 184 34.67 25.97 49.28
CA THR D 184 35.36 27.25 49.09
C THR D 184 34.54 28.37 49.70
N LEU D 185 35.22 29.29 50.39
CA LEU D 185 34.60 30.41 51.07
C LEU D 185 34.86 31.68 50.28
N THR D 186 33.82 32.48 50.08
CA THR D 186 33.90 33.70 49.28
C THR D 186 34.00 34.89 50.22
N LEU D 187 35.17 35.52 50.27
CA LEU D 187 35.40 36.69 51.09
C LEU D 187 36.04 37.77 50.24
N THR D 188 36.35 38.89 50.88
CA THR D 188 36.99 40.01 50.21
C THR D 188 38.46 40.11 50.64
N LYS D 189 39.13 41.13 50.10
CA LYS D 189 40.48 41.45 50.54
C LYS D 189 40.49 41.94 51.98
N ASP D 190 39.48 42.71 52.37
CA ASP D 190 39.42 43.23 53.73
C ASP D 190 38.94 42.18 54.72
N GLU D 191 38.08 41.26 54.29
CA GLU D 191 37.52 40.28 55.20
C GLU D 191 38.52 39.15 55.51
N TYR D 192 39.51 38.94 54.65
CA TYR D 192 40.46 37.86 54.85
C TYR D 192 41.61 38.29 55.77
N GLU D 193 42.08 39.54 55.63
CA GLU D 193 43.18 40.03 56.45
C GLU D 193 42.73 40.58 57.79
N ARG D 194 41.43 40.62 58.06
CA ARG D 194 40.93 41.03 59.36
C ARG D 194 40.93 39.90 60.38
N HIS D 195 41.33 38.70 59.98
CA HIS D 195 41.38 37.56 60.88
C HIS D 195 42.65 36.77 60.61
N ASN D 196 42.95 35.82 61.50
CA ASN D 196 44.17 35.04 61.41
C ASN D 196 43.90 33.55 61.24
N SER D 197 43.04 32.97 62.06
CA SER D 197 42.84 31.53 62.06
C SER D 197 41.52 31.18 61.40
N TYR D 198 41.54 30.12 60.58
CA TYR D 198 40.37 29.65 59.83
C TYR D 198 40.22 28.17 60.07
N THR D 199 39.01 27.72 60.39
CA THR D 199 38.74 26.36 60.80
C THR D 199 37.75 25.72 59.84
N CYS D 200 38.11 24.57 59.28
CA CYS D 200 37.23 23.74 58.49
C CYS D 200 36.93 22.46 59.27
N GLU D 201 35.65 22.14 59.44
CA GLU D 201 35.23 21.00 60.25
C GLU D 201 34.45 20.02 59.39
N ALA D 202 34.73 18.73 59.57
CA ALA D 202 34.18 17.68 58.74
C ALA D 202 33.44 16.67 59.59
N THR D 203 32.11 16.62 59.46
CA THR D 203 31.27 15.70 60.19
C THR D 203 31.09 14.43 59.36
N HIS D 204 31.24 13.27 59.99
CA HIS D 204 31.18 12.00 59.28
C HIS D 204 30.55 10.92 60.15
N LYS D 205 30.27 9.78 59.53
CA LYS D 205 29.72 8.64 60.25
C LYS D 205 30.82 7.75 60.81
N THR D 206 32.05 7.91 60.33
CA THR D 206 33.18 7.13 60.84
C THR D 206 33.61 7.57 62.24
N SER D 207 33.59 8.86 62.53
CA SER D 207 34.01 9.37 63.82
C SER D 207 32.90 10.21 64.43
N THR D 208 32.84 10.21 65.76
CA THR D 208 31.89 11.06 66.46
C THR D 208 32.35 12.51 66.50
N SER D 209 33.65 12.73 66.69
CA SER D 209 34.30 14.04 66.71
C SER D 209 34.72 14.44 65.30
N PRO D 210 34.57 15.70 64.92
CA PRO D 210 34.93 16.12 63.56
C PRO D 210 36.43 16.20 63.35
N ILE D 211 36.83 16.05 62.10
CA ILE D 211 38.23 16.18 61.69
C ILE D 211 38.48 17.63 61.32
N VAL D 212 39.51 18.22 61.91
CA VAL D 212 39.79 19.65 61.77
C VAL D 212 41.18 19.84 61.19
N LYS D 213 41.26 20.58 60.08
CA LYS D 213 42.51 21.10 59.57
C LYS D 213 42.42 22.62 59.53
N SER D 214 43.56 23.28 59.72
CA SER D 214 43.56 24.73 59.87
C SER D 214 44.93 25.29 59.51
N PHE D 215 45.00 26.62 59.49
CA PHE D 215 46.22 27.35 59.19
C PHE D 215 46.11 28.74 59.79
N ASN D 216 47.23 29.46 59.77
CA ASN D 216 47.28 30.84 60.24
C ASN D 216 47.81 31.74 59.15
N ARG D 217 47.27 32.96 59.07
CA ARG D 217 47.66 33.90 58.04
C ARG D 217 49.04 34.47 58.28
N ASN D 218 49.39 34.71 59.56
CA ASN D 218 50.55 35.52 59.91
C ASN D 218 51.89 34.89 59.55
N GLU D 219 51.94 33.57 59.38
CA GLU D 219 53.17 32.92 58.94
C GLU D 219 53.03 32.43 57.51
C1 NAG E . 29.47 -15.14 -13.99
C2 NAG E . 30.25 -15.65 -12.77
C3 NAG E . 31.75 -15.45 -12.99
C4 NAG E . 32.20 -16.08 -14.30
C5 NAG E . 31.32 -15.58 -15.45
C6 NAG E . 31.60 -16.28 -16.77
C7 NAG E . 29.21 -15.59 -10.54
C8 NAG E . 28.84 -14.74 -9.37
N2 NAG E . 29.83 -14.97 -11.56
O3 NAG E . 32.46 -16.02 -11.90
O4 NAG E . 33.55 -15.73 -14.56
O5 NAG E . 29.94 -15.81 -15.16
O6 NAG E . 32.84 -15.86 -17.33
O7 NAG E . 28.97 -16.80 -10.58
C1 NAG E . 34.41 -16.89 -14.48
C2 NAG E . 35.80 -16.50 -14.99
C3 NAG E . 36.74 -17.68 -14.90
C4 NAG E . 36.75 -18.27 -13.49
C5 NAG E . 35.33 -18.58 -13.03
C6 NAG E . 35.25 -19.03 -11.59
C7 NAG E . 35.80 -14.70 -16.66
C8 NAG E . 35.73 -14.36 -18.12
N2 NAG E . 35.74 -16.00 -16.35
O3 NAG E . 38.06 -17.27 -15.26
O4 NAG E . 37.53 -19.46 -13.45
O5 NAG E . 34.51 -17.42 -13.15
O6 NAG E . 34.49 -18.12 -10.81
O7 NAG E . 35.92 -13.84 -15.80
C1 CLR F . -16.94 8.42 -37.49
C2 CLR F . -15.46 8.08 -37.72
C3 CLR F . -15.05 6.85 -36.94
C4 CLR F . -15.94 5.68 -37.33
C5 CLR F . -17.40 5.99 -37.14
C6 CLR F . -18.17 5.20 -36.41
C7 CLR F . -19.63 5.41 -36.18
C8 CLR F . -20.24 6.41 -37.16
C9 CLR F . -19.33 7.63 -37.30
C10 CLR F . -17.91 7.26 -37.83
C11 CLR F . -20.00 8.73 -38.15
C12 CLR F . -21.41 9.09 -37.65
C13 CLR F . -22.33 7.86 -37.58
C14 CLR F . -21.61 6.85 -36.67
C15 CLR F . -22.68 5.79 -36.42
C16 CLR F . -23.92 6.65 -36.15
C17 CLR F . -23.68 8.03 -36.82
C18 CLR F . -22.59 7.28 -38.98
C19 CLR F . -17.91 7.01 -39.35
C20 CLR F . -24.94 8.54 -37.57
C21 CLR F . -24.90 10.01 -37.95
C22 CLR F . -26.22 8.23 -36.77
C23 CLR F . -27.50 8.30 -37.56
C24 CLR F . -28.75 8.26 -36.70
C25 CLR F . -30.07 8.23 -37.46
C26 CLR F . -30.11 9.29 -38.54
C27 CLR F . -31.24 8.41 -36.50
O1 CLR F . -13.67 6.54 -37.20
C1 CLR G . -28.40 17.87 -17.53
C2 CLR G . -26.88 17.73 -17.31
C3 CLR G . -26.13 17.86 -18.61
C4 CLR G . -26.46 19.18 -19.27
C5 CLR G . -27.94 19.38 -19.45
C6 CLR G . -28.44 19.67 -20.65
C7 CLR G . -29.88 20.00 -20.90
C8 CLR G . -30.67 20.23 -19.61
C9 CLR G . -30.30 19.14 -18.59
C10 CLR G . -28.80 19.21 -18.21
C11 CLR G . -31.22 19.18 -17.35
C12 CLR G . -32.71 19.18 -17.72
C13 CLR G . -33.07 20.34 -18.65
C14 CLR G . -32.18 20.22 -19.89
C15 CLR G . -32.74 21.26 -20.84
C16 CLR G . -34.26 21.20 -20.59
C17 CLR G . -34.46 20.30 -19.33
C18 CLR G . -32.89 21.69 -17.92
C19 CLR G . -28.50 20.38 -17.25
C20 CLR G . -35.74 20.64 -18.53
C21 CLR G . -36.32 19.44 -17.79
C22 CLR G . -36.82 21.30 -19.41
C23 CLR G . -38.08 21.72 -18.69
C24 CLR G . -37.84 22.78 -17.64
C25 CLR G . -39.02 23.03 -16.69
C26 CLR G . -38.66 24.09 -15.64
C27 CLR G . -40.27 23.43 -17.44
O1 CLR G . -24.72 17.78 -18.36
C1 CLR H . -32.48 9.44 -7.64
C2 CLR H . -31.26 9.06 -6.80
C3 CLR H . -29.99 9.65 -7.37
C4 CLR H . -30.12 11.16 -7.47
C5 CLR H . -31.35 11.58 -8.25
C6 CLR H . -31.25 12.41 -9.27
C7 CLR H . -32.42 12.96 -10.04
C8 CLR H . -33.75 12.69 -9.34
C9 CLR H . -33.78 11.23 -8.84
C10 CLR H . -32.67 10.97 -7.79
C11 CLR H . -35.18 10.84 -8.34
C12 CLR H . -36.29 11.17 -9.34
C13 CLR H . -36.31 12.65 -9.72
C14 CLR H . -34.91 12.96 -10.29
C15 CLR H . -35.09 14.36 -10.86
C16 CLR H . -36.43 14.25 -11.59
C17 CLR H . -37.22 13.07 -10.92
C18 CLR H . -36.64 13.52 -8.50
C19 CLR H . -33.02 11.59 -6.43
C20 CLR H . -38.69 13.43 -10.71
C21 CLR H . -39.59 12.24 -10.36
C22 CLR H . -39.27 14.16 -11.94
C23 CLR H . -40.63 14.79 -11.73
C24 CLR H . -40.62 15.90 -10.72
C25 CLR H . -41.97 16.57 -10.46
C26 CLR H . -42.97 15.60 -9.88
C27 CLR H . -41.81 17.79 -9.55
O1 CLR H . -28.87 9.31 -6.53
C1 CLR I . -46.04 20.84 -33.16
C2 CLR I . -46.92 21.08 -34.39
C3 CLR I . -48.24 21.68 -34.01
C4 CLR I . -48.01 22.99 -33.27
C5 CLR I . -47.11 22.80 -32.06
C6 CLR I . -47.50 23.20 -30.86
C7 CLR I . -46.67 23.14 -29.63
C8 CLR I . -45.20 22.82 -29.93
C9 CLR I . -45.13 21.70 -30.98
C10 CLR I . -45.78 22.11 -32.32
C11 CLR I . -43.69 21.17 -31.14
C12 CLR I . -43.04 20.77 -29.82
C13 CLR I . -43.02 21.93 -28.82
C14 CLR I . -44.48 22.39 -28.65
C15 CLR I . -44.41 23.39 -27.50
C16 CLR I . -43.41 22.71 -26.54
C17 CLR I . -42.66 21.61 -27.34
C18 CLR I . -42.11 23.07 -29.34
C19 CLR I . -44.88 23.08 -33.11
C20 CLR I . -41.18 21.47 -26.91
C21 CLR I . -40.56 20.12 -27.26
C22 CLR I . -40.99 21.78 -25.42
C23 CLR I . -39.57 22.06 -25.00
C24 CLR I . -39.46 22.48 -23.55
C25 CLR I . -38.07 22.92 -23.09
C26 CLR I . -37.06 21.80 -23.25
C27 CLR I . -37.61 24.17 -23.83
O1 CLR I . -49.03 21.92 -35.19
C1 CLR J . -17.18 15.03 -33.95
C2 CLR J . -15.73 15.17 -34.42
C3 CLR J . -15.20 13.88 -35.00
C4 CLR J . -16.08 13.47 -36.17
C5 CLR J . -17.54 13.35 -35.78
C6 CLR J . -18.20 12.23 -36.02
C7 CLR J . -19.65 12.01 -35.69
C8 CLR J . -20.38 13.28 -35.30
C9 CLR J . -19.49 14.14 -34.39
C10 CLR J . -18.15 14.55 -35.07
C11 CLR J . -20.27 15.35 -33.83
C12 CLR J . -21.58 14.94 -33.13
C13 CLR J . -22.49 14.14 -34.06
C14 CLR J . -21.67 12.93 -34.56
C15 CLR J . -22.71 12.07 -35.27
C16 CLR J . -23.86 12.10 -34.26
C17 CLR J . -23.70 13.40 -33.40
C18 CLR J . -22.99 15.02 -35.21
C19 CLR J . -18.34 15.67 -36.11
C20 CLR J . -25.04 14.13 -33.19
C21 CLR J . -25.03 15.10 -32.00
C22 CLR J . -26.21 13.14 -33.08
C23 CLR J . -27.58 13.73 -33.30
C24 CLR J . -28.64 12.67 -33.49
C25 CLR J . -30.05 13.19 -33.79
C26 CLR J . -30.59 14.01 -32.63
C27 CLR J . -30.99 12.06 -34.16
O1 CLR J . -13.85 14.04 -35.43
C1 NAG K . 17.57 9.71 -17.49
C2 NAG K . 17.50 11.03 -16.66
C3 NAG K . 18.85 11.40 -16.00
C4 NAG K . 20.04 10.63 -16.58
C5 NAG K . 19.90 10.53 -18.09
C6 NAG K . 21.08 9.84 -18.74
C7 NAG K . 15.70 12.34 -17.73
C8 NAG K . 15.38 13.52 -18.58
N2 NAG K . 17.01 12.13 -17.47
O3 NAG K . 18.76 11.17 -14.60
O4 NAG K . 21.25 11.28 -16.25
O5 NAG K . 18.74 9.76 -18.44
O6 NAG K . 21.71 8.94 -17.85
O7 NAG K . 14.83 11.59 -17.28
C1 NAG L . 5.40 -23.20 10.43
C2 NAG L . 6.26 -21.94 10.57
C3 NAG L . 7.43 -22.19 11.51
C4 NAG L . 6.96 -22.76 12.84
C5 NAG L . 6.11 -24.01 12.59
C6 NAG L . 5.52 -24.59 13.86
C7 NAG L . 6.87 -20.19 8.96
C8 NAG L . 7.37 -19.91 7.57
N2 NAG L . 6.73 -21.49 9.27
O3 NAG L . 8.14 -20.98 11.74
O4 NAG L . 8.09 -23.12 13.64
O5 NAG L . 5.00 -23.67 11.74
O6 NAG L . 5.62 -26.00 13.88
O7 NAG L . 6.63 -19.30 9.76
C1 NAG M . 16.14 -11.49 -41.17
C2 NAG M . 15.29 -10.21 -41.25
C3 NAG M . 15.11 -9.79 -42.71
C4 NAG M . 16.45 -9.69 -43.43
C5 NAG M . 17.22 -10.99 -43.28
C6 NAG M . 18.61 -10.93 -43.86
C7 NAG M . 13.47 -9.58 -39.69
C8 NAG M . 14.31 -8.40 -39.28
N2 NAG M . 13.99 -10.40 -40.62
O3 NAG M . 14.44 -8.54 -42.76
O4 NAG M . 16.24 -9.43 -44.81
O5 NAG M . 17.38 -11.31 -41.89
O6 NAG M . 19.60 -11.10 -42.86
O7 NAG M . 12.37 -9.79 -39.18
#